data_9EKC
#
_entry.id   9EKC
#
_cell.length_a   1.00
_cell.length_b   1.00
_cell.length_c   1.00
_cell.angle_alpha   90.00
_cell.angle_beta   90.00
_cell.angle_gamma   90.00
#
_symmetry.space_group_name_H-M   'P 1'
#
_entity_poly.entity_id   1
_entity_poly.type   'polypeptide(L)'
_entity_poly.pdbx_seq_one_letter_code
;FLGALFRALSRLL
;
_entity_poly.pdbx_strand_id   A,z,B,0,C,1,D,2,E,3,F,4,G,5,H,6,I,7,J,8,K,9,L,AA,M,BA,N,CA,O,DA,P,EA,Q,FA,R,GA,S,HA,T,IA,U,JA,V,KA,W,LA,X,MA,Y,NA,Z,OA,a,PA,b,QA,c,RA,d,SA,e,TA,f,UA,g,VA,h,WA,i,XA,j,YA,k,ZA,l,aA,m,bA,n,cA,o,dA,p,eA,q,fA,r,gA,s,hA,t,iA,u,jA,v,kA,w,lA,x,mA,y,nA
#
# COMPACT_ATOMS: atom_id res chain seq x y z
N PHE A 1 -13.82 2.22 -33.21
CA PHE A 1 -12.47 1.84 -32.80
C PHE A 1 -12.49 0.80 -31.69
N LEU A 2 -13.04 1.19 -30.54
CA LEU A 2 -13.04 0.32 -29.36
C LEU A 2 -13.65 -1.04 -29.68
N GLY A 3 -14.79 -1.03 -30.37
CA GLY A 3 -15.39 -2.28 -30.79
C GLY A 3 -14.48 -3.10 -31.66
N ALA A 4 -13.79 -2.46 -32.61
CA ALA A 4 -12.84 -3.17 -33.45
C ALA A 4 -11.68 -3.71 -32.62
N LEU A 5 -11.23 -2.94 -31.62
CA LEU A 5 -10.16 -3.42 -30.75
C LEU A 5 -10.58 -4.71 -30.05
N PHE A 6 -11.75 -4.69 -29.41
CA PHE A 6 -12.20 -5.87 -28.69
C PHE A 6 -12.46 -7.04 -29.63
N ARG A 7 -12.96 -6.77 -30.83
CA ARG A 7 -13.20 -7.84 -31.79
C ARG A 7 -11.91 -8.48 -32.25
N ALA A 8 -10.88 -7.66 -32.53
CA ALA A 8 -9.59 -8.21 -32.90
C ALA A 8 -9.00 -9.03 -31.76
N LEU A 9 -9.14 -8.54 -30.54
CA LEU A 9 -8.66 -9.27 -29.38
C LEU A 9 -9.38 -10.61 -29.24
N SER A 10 -10.68 -10.62 -29.50
CA SER A 10 -11.42 -11.87 -29.53
C SER A 10 -10.86 -12.84 -30.57
N ARG A 11 -10.72 -12.39 -31.82
CA ARG A 11 -10.23 -13.29 -32.86
C ARG A 11 -8.83 -13.79 -32.52
N LEU A 12 -8.05 -13.00 -31.77
CA LEU A 12 -6.72 -13.44 -31.36
C LEU A 12 -6.80 -14.58 -30.36
N LEU A 13 -7.45 -14.34 -29.22
CA LEU A 13 -7.53 -15.37 -28.19
C LEU A 13 -8.42 -16.52 -28.62
N PHE B 1 -15.37 -20.06 -26.13
CA PHE B 1 -16.14 -19.31 -25.15
C PHE B 1 -15.57 -17.91 -24.95
N LEU B 2 -14.27 -17.85 -24.66
CA LEU B 2 -13.64 -16.55 -24.42
C LEU B 2 -13.77 -15.64 -25.63
N GLY B 3 -13.56 -16.19 -26.84
CA GLY B 3 -13.79 -15.42 -28.04
C GLY B 3 -15.21 -14.91 -28.14
N ALA B 4 -16.18 -15.75 -27.78
CA ALA B 4 -17.57 -15.31 -27.75
C ALA B 4 -17.77 -14.19 -26.75
N LEU B 5 -17.15 -14.30 -25.58
CA LEU B 5 -17.26 -13.24 -24.58
C LEU B 5 -16.75 -11.91 -25.12
N PHE B 6 -15.55 -11.92 -25.70
CA PHE B 6 -14.99 -10.68 -26.21
C PHE B 6 -15.78 -10.15 -27.41
N ARG B 7 -16.32 -11.04 -28.25
CA ARG B 7 -17.17 -10.57 -29.34
C ARG B 7 -18.43 -9.90 -28.81
N ALA B 8 -19.06 -10.49 -27.78
CA ALA B 8 -20.24 -9.86 -27.19
C ALA B 8 -19.89 -8.52 -26.57
N LEU B 9 -18.76 -8.44 -25.89
CA LEU B 9 -18.34 -7.18 -25.29
C LEU B 9 -18.08 -6.12 -26.36
N SER B 10 -17.44 -6.52 -27.45
CA SER B 10 -17.23 -5.61 -28.58
C SER B 10 -18.56 -5.12 -29.13
N ARG B 11 -19.48 -6.05 -29.42
CA ARG B 11 -20.80 -5.67 -29.92
C ARG B 11 -21.48 -4.72 -28.95
N LEU B 12 -21.23 -4.86 -27.66
CA LEU B 12 -21.88 -4.01 -26.67
C LEU B 12 -21.22 -2.63 -26.59
N LEU B 13 -19.94 -2.59 -26.26
CA LEU B 13 -19.24 -1.32 -26.09
C LEU B 13 -19.18 -0.55 -27.40
N PHE C 1 -23.24 21.51 16.78
CA PHE C 1 -23.45 20.68 15.61
C PHE C 1 -22.85 19.28 15.77
N LEU C 2 -21.54 19.23 15.92
CA LEU C 2 -20.83 17.96 15.99
C LEU C 2 -21.40 17.07 17.08
N GLY C 3 -21.63 17.64 18.26
CA GLY C 3 -22.24 16.88 19.33
C GLY C 3 -23.61 16.34 18.94
N ALA C 4 -24.43 17.16 18.30
CA ALA C 4 -25.72 16.68 17.82
C ALA C 4 -25.56 15.58 16.78
N LEU C 5 -24.55 15.70 15.91
CA LEU C 5 -24.30 14.65 14.93
C LEU C 5 -24.02 13.33 15.62
N PHE C 6 -23.08 13.33 16.56
CA PHE C 6 -22.73 12.09 17.24
C PHE C 6 -23.88 11.55 18.06
N ARG C 7 -24.68 12.44 18.67
CA ARG C 7 -25.82 11.98 19.47
C ARG C 7 -26.87 11.33 18.58
N ALA C 8 -27.15 11.94 17.42
CA ALA C 8 -28.09 11.34 16.49
C ALA C 8 -27.60 9.99 16.01
N LEU C 9 -26.29 9.91 15.73
CA LEU C 9 -25.71 8.64 15.31
C LEU C 9 -25.84 7.59 16.39
N SER C 10 -25.65 7.99 17.65
CA SER C 10 -25.87 7.07 18.77
C SER C 10 -27.30 6.57 18.81
N ARG C 11 -28.27 7.48 18.80
CA ARG C 11 -29.66 7.05 18.85
C ARG C 11 -30.01 6.15 17.67
N LEU C 12 -29.33 6.34 16.54
CA LEU C 12 -29.56 5.47 15.39
C LEU C 12 -29.07 4.06 15.66
N LEU C 13 -27.78 3.90 15.94
CA LEU C 13 -27.21 2.57 16.17
C LEU C 13 -27.70 1.98 17.48
N PHE D 1 -24.54 -0.58 24.57
CA PHE D 1 -23.16 -0.20 24.81
C PHE D 1 -22.68 0.80 23.78
N LEU D 2 -22.82 0.43 22.51
CA LEU D 2 -22.36 1.30 21.42
C LEU D 2 -23.06 2.65 21.47
N GLY D 3 -24.36 2.66 21.72
CA GLY D 3 -25.06 3.92 21.90
C GLY D 3 -24.50 4.73 23.05
N ALA D 4 -24.17 4.06 24.16
CA ALA D 4 -23.53 4.76 25.27
C ALA D 4 -22.18 5.34 24.85
N LEU D 5 -21.41 4.57 24.07
CA LEU D 5 -20.12 5.06 23.59
C LEU D 5 -20.29 6.34 22.79
N PHE D 6 -21.18 6.32 21.81
CA PHE D 6 -21.37 7.50 20.97
C PHE D 6 -21.97 8.65 21.75
N ARG D 7 -22.84 8.38 22.73
CA ARG D 7 -23.35 9.46 23.56
C ARG D 7 -22.24 10.11 24.38
N ALA D 8 -21.34 9.30 24.94
CA ALA D 8 -20.22 9.86 25.68
C ALA D 8 -19.30 10.66 24.77
N LEU D 9 -19.06 10.16 23.56
CA LEU D 9 -18.22 10.88 22.61
C LEU D 9 -18.86 12.22 22.22
N SER D 10 -20.17 12.21 22.00
CA SER D 10 -20.90 13.44 21.73
C SER D 10 -20.77 14.42 22.88
N ARG D 11 -21.05 13.96 24.10
CA ARG D 11 -20.92 14.81 25.27
C ARG D 11 -19.52 15.38 25.37
N LEU D 12 -18.52 14.63 24.94
CA LEU D 12 -17.13 15.09 25.04
C LEU D 12 -16.79 16.09 23.95
N LEU D 13 -16.89 15.68 22.70
CA LEU D 13 -16.52 16.54 21.58
C LEU D 13 -17.40 17.77 21.50
N PHE E 1 33.21 6.23 -6.19
CA PHE E 1 32.47 6.26 -4.93
C PHE E 1 31.68 4.97 -4.70
N LEU E 2 30.73 4.71 -5.59
CA LEU E 2 29.86 3.55 -5.46
C LEU E 2 30.68 2.27 -5.30
N GLY E 3 31.70 2.11 -6.15
CA GLY E 3 32.58 0.97 -6.03
C GLY E 3 33.24 0.90 -4.67
N ALA E 4 33.72 2.05 -4.17
CA ALA E 4 34.34 2.07 -2.85
C ALA E 4 33.32 1.71 -1.77
N LEU E 5 32.09 2.19 -1.89
CA LEU E 5 31.07 1.85 -0.92
C LEU E 5 30.83 0.35 -0.87
N PHE E 6 30.63 -0.26 -2.04
CA PHE E 6 30.38 -1.69 -2.07
C PHE E 6 31.59 -2.48 -1.59
N ARG E 7 32.80 -2.02 -1.91
CA ARG E 7 34.00 -2.71 -1.48
C ARG E 7 34.15 -2.66 0.04
N ALA E 8 33.90 -1.49 0.64
CA ALA E 8 33.95 -1.37 2.09
C ALA E 8 32.89 -2.23 2.74
N LEU E 9 31.70 -2.28 2.14
CA LEU E 9 30.63 -3.13 2.66
C LEU E 9 31.02 -4.59 2.62
N SER E 10 31.70 -5.02 1.54
CA SER E 10 32.23 -6.37 1.47
C SER E 10 33.24 -6.62 2.59
N ARG E 11 34.23 -5.74 2.71
CA ARG E 11 35.26 -5.91 3.75
C ARG E 11 34.63 -5.98 5.13
N LEU E 12 33.50 -5.30 5.32
CA LEU E 12 32.83 -5.33 6.62
C LEU E 12 32.17 -6.69 6.86
N LEU E 13 31.26 -7.09 5.98
CA LEU E 13 30.55 -8.35 6.13
C LEU E 13 31.50 -9.53 5.99
N PHE F 1 32.33 -16.01 1.06
CA PHE F 1 31.53 -15.98 -0.15
C PHE F 1 30.84 -14.64 -0.34
N LEU F 2 30.12 -14.21 0.70
CA LEU F 2 29.39 -12.94 0.62
C LEU F 2 30.33 -11.78 0.34
N GLY F 3 31.49 -11.76 1.01
CA GLY F 3 32.50 -10.76 0.71
C GLY F 3 32.94 -10.81 -0.74
N ALA F 4 33.12 -12.02 -1.27
CA ALA F 4 33.47 -12.15 -2.68
C ALA F 4 32.36 -11.61 -3.57
N LEU F 5 31.10 -11.89 -3.21
CA LEU F 5 29.99 -11.37 -3.98
C LEU F 5 30.02 -9.85 -4.04
N PHE F 6 30.12 -9.21 -2.88
CA PHE F 6 30.12 -7.75 -2.87
C PHE F 6 31.36 -7.17 -3.52
N ARG F 7 32.51 -7.85 -3.43
CA ARG F 7 33.69 -7.36 -4.13
C ARG F 7 33.50 -7.43 -5.64
N ALA F 8 32.92 -8.52 -6.14
CA ALA F 8 32.64 -8.61 -7.57
C ALA F 8 31.64 -7.55 -8.00
N LEU F 9 30.61 -7.32 -7.18
CA LEU F 9 29.61 -6.31 -7.50
C LEU F 9 30.25 -4.92 -7.56
N SER F 10 31.13 -4.62 -6.59
CA SER F 10 31.86 -3.36 -6.62
C SER F 10 32.72 -3.25 -7.87
N ARG F 11 33.50 -4.28 -8.18
CA ARG F 11 34.33 -4.27 -9.38
C ARG F 11 33.47 -4.04 -10.61
N LEU F 12 32.23 -4.53 -10.60
CA LEU F 12 31.37 -4.38 -11.77
C LEU F 12 30.80 -2.96 -11.86
N LEU F 13 30.06 -2.53 -10.85
CA LEU F 13 29.43 -1.21 -10.89
C LEU F 13 30.48 -0.11 -10.78
N PHE G 1 30.64 17.77 8.57
CA PHE G 1 29.38 17.64 9.30
C PHE G 1 28.80 16.24 9.21
N LEU G 2 28.48 15.83 7.99
CA LEU G 2 27.82 14.53 7.79
C LEU G 2 28.63 13.40 8.39
N GLY G 3 29.94 13.41 8.16
CA GLY G 3 30.81 12.41 8.77
C GLY G 3 30.72 12.44 10.29
N ALA G 4 30.74 13.63 10.88
CA ALA G 4 30.60 13.74 12.32
C ALA G 4 29.25 13.21 12.78
N LEU G 5 28.19 13.48 12.01
CA LEU G 5 26.86 12.97 12.37
C LEU G 5 26.87 11.46 12.42
N PHE G 6 27.36 10.82 11.36
CA PHE G 6 27.36 9.37 11.33
C PHE G 6 28.29 8.79 12.39
N ARG G 7 29.39 9.45 12.68
CA ARG G 7 30.31 8.96 13.71
C ARG G 7 29.67 9.03 15.09
N ALA G 8 28.99 10.13 15.40
CA ALA G 8 28.29 10.23 16.67
C ALA G 8 27.18 9.20 16.76
N LEU G 9 26.47 8.97 15.66
CA LEU G 9 25.42 7.95 15.64
C LEU G 9 26.01 6.57 15.90
N SER G 10 27.19 6.29 15.32
CA SER G 10 27.89 5.05 15.64
C SER G 10 28.19 4.96 17.13
N ARG G 11 28.81 6.00 17.69
CA ARG G 11 29.17 5.96 19.10
C ARG G 11 27.94 5.78 19.98
N LEU G 12 26.76 6.21 19.50
CA LEU G 12 25.54 6.02 20.25
C LEU G 12 25.10 4.56 20.24
N LEU G 13 24.84 4.01 19.06
CA LEU G 13 24.36 2.64 18.95
C LEU G 13 25.43 1.64 19.34
N PHE H 1 29.68 -4.41 15.89
CA PHE H 1 29.49 -4.55 14.45
C PHE H 1 28.78 -3.34 13.87
N LEU H 2 27.60 -3.02 14.41
CA LEU H 2 26.83 -1.90 13.91
C LEU H 2 27.60 -0.60 14.06
N GLY H 3 28.26 -0.41 15.21
CA GLY H 3 29.12 0.74 15.37
C GLY H 3 30.22 0.78 14.32
N ALA H 4 30.81 -0.38 14.01
CA ALA H 4 31.80 -0.43 12.95
C ALA H 4 31.19 -0.05 11.61
N LEU H 5 29.96 -0.51 11.34
CA LEU H 5 29.28 -0.15 10.10
C LEU H 5 29.15 1.36 9.98
N PHE H 6 28.60 1.99 11.01
CA PHE H 6 28.39 3.43 10.91
C PHE H 6 29.70 4.21 10.91
N ARG H 7 30.73 3.71 11.59
CA ARG H 7 32.03 4.37 11.51
C ARG H 7 32.60 4.29 10.11
N ALA H 8 32.49 3.12 9.46
CA ALA H 8 32.96 3.00 8.09
C ALA H 8 32.18 3.91 7.16
N LEU H 9 30.86 3.98 7.35
CA LEU H 9 30.04 4.84 6.51
C LEU H 9 30.42 6.31 6.70
N SER H 10 30.65 6.72 7.96
CA SER H 10 31.12 8.08 8.22
C SER H 10 32.45 8.34 7.52
N ARG H 11 33.43 7.45 7.72
CA ARG H 11 34.72 7.60 7.08
C ARG H 11 34.59 7.67 5.56
N LEU H 12 33.55 7.04 5.01
CA LEU H 12 33.35 7.07 3.57
C LEU H 12 32.68 8.36 3.12
N LEU H 13 31.47 8.62 3.63
CA LEU H 13 30.70 9.80 3.21
C LEU H 13 31.41 11.09 3.60
N PHE I 1 -8.15 17.60 27.46
CA PHE I 1 -9.05 16.92 26.55
C PHE I 1 -8.70 15.45 26.38
N LEU I 2 -7.50 15.20 25.86
CA LEU I 2 -7.08 13.82 25.58
C LEU I 2 -7.17 12.96 26.83
N GLY I 3 -6.71 13.47 27.96
CA GLY I 3 -6.84 12.74 29.20
C GLY I 3 -8.29 12.45 29.54
N ALA I 4 -9.17 13.44 29.35
CA ALA I 4 -10.59 13.22 29.60
C ALA I 4 -11.16 12.17 28.66
N LEU I 5 -10.73 12.19 27.39
CA LEU I 5 -11.20 11.19 26.44
C LEU I 5 -10.82 9.79 26.90
N PHE I 6 -9.55 9.59 27.24
CA PHE I 6 -9.10 8.27 27.67
C PHE I 6 -9.76 7.86 28.98
N ARG I 7 -9.99 8.81 29.89
CA ARG I 7 -10.63 8.48 31.16
C ARG I 7 -12.08 8.04 30.94
N ALA I 8 -12.81 8.77 30.10
CA ALA I 8 -14.18 8.37 29.78
C ALA I 8 -14.21 7.02 29.09
N LEU I 9 -13.26 6.77 28.20
CA LEU I 9 -13.18 5.48 27.54
C LEU I 9 -12.93 4.37 28.55
N SER I 10 -12.08 4.61 29.54
CA SER I 10 -11.88 3.65 30.62
C SER I 10 -13.18 3.38 31.36
N ARG I 11 -13.85 4.45 31.81
CA ARG I 11 -15.09 4.27 32.55
C ARG I 11 -16.13 3.51 31.73
N LEU I 12 -16.07 3.63 30.40
CA LEU I 12 -16.97 2.89 29.54
C LEU I 12 -16.65 1.41 29.56
N LEU I 13 -15.44 1.03 29.15
CA LEU I 13 -15.07 -0.37 29.07
C LEU I 13 -14.97 -0.99 30.46
N PHE J 1 -9.22 -4.48 35.07
CA PHE J 1 -7.85 -4.35 34.60
C PHE J 1 -7.76 -3.38 33.44
N LEU J 2 -8.57 -3.62 32.41
CA LEU J 2 -8.57 -2.75 31.24
C LEU J 2 -8.90 -1.31 31.61
N GLY J 3 -9.89 -1.13 32.48
CA GLY J 3 -10.19 0.20 32.98
C GLY J 3 -9.01 0.83 33.68
N ALA J 4 -8.28 0.04 34.47
CA ALA J 4 -7.07 0.56 35.09
C ALA J 4 -6.03 0.95 34.05
N LEU J 5 -5.90 0.14 33.01
CA LEU J 5 -4.95 0.46 31.94
C LEU J 5 -5.27 1.80 31.31
N PHE J 6 -6.53 1.99 30.90
CA PHE J 6 -6.90 3.24 30.26
C PHE J 6 -6.83 4.42 31.22
N ARG J 7 -7.14 4.20 32.50
CA ARG J 7 -6.98 5.28 33.48
C ARG J 7 -5.52 5.69 33.62
N ALA J 8 -4.62 4.71 33.67
CA ALA J 8 -3.20 5.03 33.73
C ALA J 8 -2.73 5.76 32.47
N LEU J 9 -3.22 5.33 31.32
CA LEU J 9 -2.86 5.99 30.07
C LEU J 9 -3.36 7.43 30.06
N SER J 10 -4.59 7.66 30.52
CA SER J 10 -5.11 9.01 30.65
C SER J 10 -4.25 9.86 31.58
N ARG J 11 -3.96 9.33 32.78
CA ARG J 11 -3.14 10.05 33.73
C ARG J 11 -1.78 10.39 33.11
N LEU J 12 -1.27 9.51 32.24
CA LEU J 12 0.05 9.74 31.65
C LEU J 12 -0.03 10.75 30.50
N LEU J 13 -0.82 10.43 29.47
CA LEU J 13 -0.90 11.28 28.29
C LEU J 13 -1.44 12.66 28.62
N PHE K 1 3.92 6.09 -37.81
CA PHE K 1 4.91 5.99 -36.75
C PHE K 1 4.54 4.97 -35.70
N LEU K 2 3.44 5.22 -35.00
CA LEU K 2 3.01 4.37 -33.90
C LEU K 2 2.86 2.92 -34.37
N GLY K 3 2.21 2.73 -35.51
CA GLY K 3 2.10 1.40 -36.08
C GLY K 3 3.45 0.77 -36.34
N ALA K 4 4.40 1.55 -36.88
CA ALA K 4 5.74 1.03 -37.10
C ALA K 4 6.40 0.68 -35.78
N LEU K 5 6.18 1.49 -34.74
CA LEU K 5 6.75 1.19 -33.43
C LEU K 5 6.25 -0.15 -32.92
N PHE K 6 4.94 -0.35 -32.92
CA PHE K 6 4.39 -1.60 -32.41
C PHE K 6 4.80 -2.77 -33.29
N ARG K 7 4.88 -2.58 -34.60
CA ARG K 7 5.30 -3.67 -35.49
C ARG K 7 6.74 -4.08 -35.22
N ALA K 8 7.64 -3.09 -35.05
CA ALA K 8 9.02 -3.41 -34.72
C ALA K 8 9.12 -4.10 -33.37
N LEU K 9 8.31 -3.64 -32.40
CA LEU K 9 8.31 -4.29 -31.09
C LEU K 9 7.84 -5.73 -31.18
N SER K 10 6.84 -6.00 -32.02
CA SER K 10 6.43 -7.37 -32.28
C SER K 10 7.56 -8.17 -32.89
N ARG K 11 8.18 -7.63 -33.96
CA ARG K 11 9.26 -8.36 -34.61
C ARG K 11 10.39 -8.66 -33.66
N LEU K 12 10.57 -7.82 -32.64
CA LEU K 12 11.63 -8.05 -31.68
C LEU K 12 11.26 -9.18 -30.71
N LEU K 13 10.13 -9.04 -30.03
CA LEU K 13 9.65 -10.07 -29.12
C LEU K 13 9.24 -11.34 -29.87
N PHE L 1 2.71 -16.10 -30.66
CA PHE L 1 1.46 -15.53 -30.22
C PHE L 1 1.60 -14.06 -29.86
N LEU L 2 2.56 -13.76 -28.98
CA LEU L 2 2.78 -12.39 -28.55
C LEU L 2 3.11 -11.49 -29.73
N GLY L 3 3.96 -11.97 -30.64
CA GLY L 3 4.22 -11.23 -31.86
C GLY L 3 2.97 -11.00 -32.67
N ALA L 4 2.10 -12.01 -32.75
CA ALA L 4 0.83 -11.82 -33.44
C ALA L 4 -0.02 -10.76 -32.75
N LEU L 5 -0.04 -10.78 -31.42
CA LEU L 5 -0.78 -9.76 -30.68
C LEU L 5 -0.30 -8.36 -31.02
N PHE L 6 1.01 -8.14 -30.93
CA PHE L 6 1.53 -6.80 -31.19
C PHE L 6 1.37 -6.42 -32.66
N ARG L 7 1.46 -7.38 -33.59
CA ARG L 7 1.20 -7.06 -34.99
C ARG L 7 -0.24 -6.64 -35.20
N ALA L 8 -1.18 -7.33 -34.57
CA ALA L 8 -2.58 -6.93 -34.69
C ALA L 8 -2.80 -5.56 -34.08
N LEU L 9 -2.17 -5.28 -32.95
CA LEU L 9 -2.31 -3.97 -32.31
C LEU L 9 -1.74 -2.88 -33.20
N SER L 10 -0.59 -3.14 -33.83
CA SER L 10 -0.03 -2.19 -34.78
C SER L 10 -0.98 -1.95 -35.94
N ARG L 11 -1.46 -3.03 -36.56
CA ARG L 11 -2.41 -2.91 -37.67
C ARG L 11 -3.63 -2.09 -37.24
N LEU L 12 -4.03 -2.21 -35.96
CA LEU L 12 -5.20 -1.48 -35.49
C LEU L 12 -4.90 -0.03 -35.21
N LEU L 13 -3.96 0.24 -34.31
CA LEU L 13 -3.65 1.61 -33.92
C LEU L 13 -3.08 2.40 -35.07
N PHE M 1 -27.52 0.74 -20.38
CA PHE M 1 -26.23 0.13 -20.68
C PHE M 1 -25.87 -0.96 -19.68
N LEU M 2 -25.73 -0.55 -18.41
CA LEU M 2 -25.34 -1.50 -17.36
C LEU M 2 -26.27 -2.71 -17.34
N GLY M 3 -27.57 -2.46 -17.39
CA GLY M 3 -28.52 -3.55 -17.45
C GLY M 3 -28.30 -4.45 -18.65
N ALA M 4 -28.07 -3.84 -19.83
CA ALA M 4 -27.79 -4.63 -21.01
C ALA M 4 -26.49 -5.42 -20.86
N LEU M 5 -25.48 -4.81 -20.24
CA LEU M 5 -24.23 -5.52 -20.02
C LEU M 5 -24.45 -6.77 -19.18
N PHE M 6 -25.13 -6.61 -18.04
CA PHE M 6 -25.36 -7.75 -17.16
C PHE M 6 -26.25 -8.79 -17.82
N ARG M 7 -27.22 -8.36 -18.63
CA ARG M 7 -28.09 -9.31 -19.32
C ARG M 7 -27.32 -10.11 -20.37
N ALA M 8 -26.43 -9.45 -21.10
CA ALA M 8 -25.60 -10.15 -22.06
C ALA M 8 -24.68 -11.14 -21.36
N LEU M 9 -24.11 -10.74 -20.23
CA LEU M 9 -23.27 -11.63 -19.46
C LEU M 9 -24.05 -12.82 -18.97
N SER M 10 -25.31 -12.60 -18.59
CA SER M 10 -26.18 -13.71 -18.24
C SER M 10 -26.38 -14.67 -19.40
N ARG M 11 -26.79 -14.14 -20.56
CA ARG M 11 -27.05 -15.04 -21.69
C ARG M 11 -25.80 -15.80 -22.08
N LEU M 12 -24.63 -15.21 -21.84
CA LEU M 12 -23.37 -15.88 -22.13
C LEU M 12 -23.15 -17.07 -21.20
N LEU M 13 -23.09 -16.82 -19.89
CA LEU M 13 -22.85 -17.88 -18.92
C LEU M 13 -24.05 -18.82 -18.82
N PHE N 1 -29.29 -21.43 -13.27
CA PHE N 1 -29.36 -20.67 -12.02
C PHE N 1 -28.54 -19.39 -12.13
N LEU N 2 -27.27 -19.54 -12.53
CA LEU N 2 -26.39 -18.38 -12.65
C LEU N 2 -26.95 -17.38 -13.64
N GLY N 3 -27.45 -17.86 -14.77
CA GLY N 3 -28.11 -16.97 -15.71
C GLY N 3 -29.29 -16.25 -15.10
N ALA N 4 -30.08 -16.95 -14.29
CA ALA N 4 -31.18 -16.29 -13.59
C ALA N 4 -30.66 -15.23 -12.63
N LEU N 5 -29.56 -15.53 -11.93
CA LEU N 5 -28.97 -14.56 -11.02
C LEU N 5 -28.58 -13.29 -11.75
N PHE N 6 -27.83 -13.43 -12.85
CA PHE N 6 -27.40 -12.24 -13.58
C PHE N 6 -28.58 -11.53 -14.24
N ARG N 7 -29.61 -12.26 -14.67
CA ARG N 7 -30.78 -11.58 -15.22
C ARG N 7 -31.48 -10.75 -14.15
N ALA N 8 -31.63 -11.30 -12.94
CA ALA N 8 -32.24 -10.54 -11.86
C ALA N 8 -31.39 -9.33 -11.50
N LEU N 9 -30.07 -9.50 -11.49
CA LEU N 9 -29.18 -8.39 -11.17
C LEU N 9 -29.28 -7.30 -12.23
N SER N 10 -29.35 -7.68 -13.50
CA SER N 10 -29.58 -6.72 -14.57
C SER N 10 -30.90 -5.99 -14.38
N ARG N 11 -31.99 -6.74 -14.18
CA ARG N 11 -33.29 -6.13 -13.97
C ARG N 11 -33.26 -5.14 -12.82
N LEU N 12 -32.43 -5.43 -11.81
CA LEU N 12 -32.36 -4.55 -10.64
C LEU N 12 -31.53 -3.29 -10.92
N LEU N 13 -30.26 -3.48 -11.29
CA LEU N 13 -29.38 -2.34 -11.53
C LEU N 13 -29.83 -1.53 -12.73
N PHE O 1 -31.42 22.91 0.01
CA PHE O 1 -30.90 22.08 -1.06
C PHE O 1 -30.25 20.81 -0.55
N LEU O 2 -29.17 21.00 0.22
CA LEU O 2 -28.39 19.86 0.72
C LEU O 2 -29.28 18.87 1.47
N GLY O 3 -30.12 19.39 2.37
CA GLY O 3 -31.06 18.53 3.06
C GLY O 3 -31.97 17.79 2.12
N ALA O 4 -32.50 18.48 1.11
CA ALA O 4 -33.34 17.82 0.12
C ALA O 4 -32.55 16.76 -0.64
N LEU O 5 -31.29 17.04 -0.96
CA LEU O 5 -30.46 16.06 -1.66
C LEU O 5 -30.33 14.78 -0.83
N PHE O 6 -29.94 14.92 0.44
CA PHE O 6 -29.78 13.74 1.27
C PHE O 6 -31.11 13.03 1.50
N ARG O 7 -32.20 13.77 1.61
CA ARG O 7 -33.52 13.17 1.79
C ARG O 7 -33.93 12.35 0.56
N ALA O 8 -33.72 12.91 -0.63
CA ALA O 8 -34.01 12.14 -1.85
C ALA O 8 -33.12 10.92 -1.96
N LEU O 9 -31.84 11.07 -1.59
CA LEU O 9 -30.93 9.92 -1.63
C LEU O 9 -31.39 8.83 -0.68
N SER O 10 -31.88 9.22 0.50
CA SER O 10 -32.50 8.24 1.40
C SER O 10 -33.68 7.56 0.73
N ARG O 11 -34.61 8.34 0.18
CA ARG O 11 -35.79 7.76 -0.45
C ARG O 11 -35.39 6.81 -1.57
N LEU O 12 -34.24 7.02 -2.19
CA LEU O 12 -33.78 6.11 -3.23
C LEU O 12 -33.29 4.79 -2.64
N LEU O 13 -32.27 4.84 -1.79
CA LEU O 13 -31.69 3.63 -1.23
C LEU O 13 -32.65 2.95 -0.26
N PHE P 1 -33.04 0.85 7.56
CA PHE P 1 -32.02 1.43 8.43
C PHE P 1 -31.24 2.50 7.71
N LEU P 2 -30.68 2.13 6.54
CA LEU P 2 -29.89 3.07 5.77
C LEU P 2 -30.71 4.30 5.40
N GLY P 3 -31.97 4.09 4.98
CA GLY P 3 -32.84 5.21 4.73
C GLY P 3 -33.03 6.09 5.96
N ALA P 4 -33.17 5.47 7.13
CA ALA P 4 -33.27 6.24 8.36
C ALA P 4 -31.99 7.03 8.62
N LEU P 5 -30.83 6.42 8.37
CA LEU P 5 -29.56 7.12 8.55
C LEU P 5 -29.50 8.35 7.67
N PHE P 6 -29.78 8.20 6.38
CA PHE P 6 -29.70 9.34 5.48
C PHE P 6 -30.77 10.38 5.79
N ARG P 7 -31.95 9.95 6.24
CA ARG P 7 -32.96 10.94 6.64
C ARG P 7 -32.50 11.74 7.85
N ALA P 8 -31.88 11.07 8.83
CA ALA P 8 -31.35 11.80 9.99
C ALA P 8 -30.24 12.76 9.57
N LEU P 9 -29.38 12.32 8.66
CA LEU P 9 -28.31 13.20 8.17
C LEU P 9 -28.88 14.41 7.45
N SER P 10 -29.92 14.19 6.63
CA SER P 10 -30.60 15.31 5.98
C SER P 10 -31.19 16.27 7.00
N ARG P 11 -31.94 15.74 7.97
CA ARG P 11 -32.53 16.58 9.00
C ARG P 11 -31.45 17.38 9.73
N LEU P 12 -30.26 16.80 9.88
CA LEU P 12 -29.20 17.47 10.61
C LEU P 12 -28.52 18.55 9.76
N LEU P 13 -27.93 18.14 8.63
CA LEU P 13 -27.20 19.08 7.77
C LEU P 13 -28.11 20.16 7.23
N PHE Q 1 26.56 -4.51 -20.12
CA PHE Q 1 26.55 -4.44 -18.67
C PHE Q 1 25.77 -5.58 -18.05
N LEU Q 2 24.47 -5.63 -18.35
CA LEU Q 2 23.59 -6.64 -17.77
C LEU Q 2 24.12 -8.04 -18.03
N GLY Q 3 24.54 -8.31 -19.26
CA GLY Q 3 25.14 -9.59 -19.57
C GLY Q 3 26.37 -9.87 -18.73
N ALA Q 4 27.23 -8.87 -18.58
CA ALA Q 4 28.41 -9.03 -17.74
C ALA Q 4 28.02 -9.29 -16.30
N LEU Q 5 26.98 -8.61 -15.81
CA LEU Q 5 26.52 -8.83 -14.45
C LEU Q 5 26.10 -10.28 -14.25
N PHE Q 6 25.24 -10.78 -15.14
CA PHE Q 6 24.76 -12.16 -14.99
C PHE Q 6 25.89 -13.16 -15.17
N ARG Q 7 26.84 -12.88 -16.06
CA ARG Q 7 27.95 -13.81 -16.26
C ARG Q 7 28.84 -13.86 -15.02
N ALA Q 8 29.13 -12.70 -14.43
CA ALA Q 8 29.90 -12.68 -13.19
C ALA Q 8 29.17 -13.41 -12.08
N LEU Q 9 27.85 -13.22 -12.01
CA LEU Q 9 27.05 -13.93 -11.02
C LEU Q 9 27.13 -15.44 -11.22
N SER Q 10 27.08 -15.87 -12.48
CA SER Q 10 27.28 -17.29 -12.78
C SER Q 10 28.62 -17.80 -12.28
N ARG Q 11 29.70 -17.11 -12.67
CA ARG Q 11 31.03 -17.56 -12.26
C ARG Q 11 31.15 -17.58 -10.74
N LEU Q 12 30.39 -16.73 -10.05
CA LEU Q 12 30.39 -16.75 -8.59
C LEU Q 12 29.73 -18.01 -8.06
N LEU Q 13 28.46 -18.22 -8.38
CA LEU Q 13 27.72 -19.37 -7.86
C LEU Q 13 28.24 -20.67 -8.47
N PHE R 1 25.41 -26.76 -13.12
CA PHE R 1 24.12 -26.53 -13.75
C PHE R 1 23.67 -25.08 -13.58
N LEU R 2 23.66 -24.62 -12.33
CA LEU R 2 23.24 -23.25 -12.05
C LEU R 2 24.11 -22.24 -12.77
N GLY R 3 25.42 -22.46 -12.76
CA GLY R 3 26.31 -21.61 -13.54
C GLY R 3 25.98 -21.63 -15.01
N ALA R 4 25.65 -22.81 -15.55
CA ALA R 4 25.23 -22.89 -16.94
C ALA R 4 23.95 -22.11 -17.17
N LEU R 5 23.01 -22.20 -16.24
CA LEU R 5 21.76 -21.45 -16.36
C LEU R 5 22.03 -19.95 -16.44
N PHE R 6 22.81 -19.43 -15.50
CA PHE R 6 23.08 -18.00 -15.52
C PHE R 6 23.92 -17.59 -16.72
N ARG R 7 24.83 -18.44 -17.19
CA ARG R 7 25.57 -18.12 -18.41
C ARG R 7 24.65 -18.04 -19.61
N ALA R 8 23.71 -18.99 -19.74
CA ALA R 8 22.76 -18.94 -20.84
C ALA R 8 21.89 -17.70 -20.76
N LEU R 9 21.43 -17.35 -19.56
CA LEU R 9 20.60 -16.17 -19.40
C LEU R 9 21.37 -14.91 -19.75
N SER R 10 22.63 -14.83 -19.32
CA SER R 10 23.48 -13.71 -19.70
C SER R 10 23.63 -13.62 -21.21
N ARG R 11 23.98 -14.74 -21.85
CA ARG R 11 24.08 -14.77 -23.31
C ARG R 11 22.78 -14.30 -23.95
N LEU R 12 21.65 -14.58 -23.32
CA LEU R 12 20.37 -14.20 -23.90
C LEU R 12 20.06 -12.72 -23.68
N LEU R 13 20.01 -12.29 -22.43
CA LEU R 13 19.65 -10.92 -22.11
C LEU R 13 20.67 -9.93 -22.64
N PHE S 1 19.21 28.39 19.16
CA PHE S 1 17.79 28.06 19.17
C PHE S 1 17.54 26.59 18.90
N LEU S 2 17.92 26.16 17.69
CA LEU S 2 17.69 24.78 17.28
C LEU S 2 18.26 23.79 18.29
N GLY S 3 19.50 24.04 18.72
CA GLY S 3 20.09 23.21 19.75
C GLY S 3 19.27 23.19 21.03
N ALA S 4 18.79 24.36 21.45
CA ALA S 4 17.94 24.41 22.63
C ALA S 4 16.64 23.64 22.42
N LEU S 5 16.07 23.74 21.22
CA LEU S 5 14.85 23.01 20.92
C LEU S 5 15.07 21.50 21.07
N PHE S 6 16.12 20.98 20.43
CA PHE S 6 16.37 19.55 20.52
C PHE S 6 16.75 19.13 21.94
N ARG S 7 17.45 19.98 22.67
CA ARG S 7 17.82 19.65 24.04
C ARG S 7 16.58 19.56 24.94
N ALA S 8 15.68 20.53 24.81
CA ALA S 8 14.44 20.49 25.57
C ALA S 8 13.61 19.27 25.19
N LEU S 9 13.57 18.94 23.90
CA LEU S 9 12.83 17.77 23.45
C LEU S 9 13.42 16.50 24.06
N SER S 10 14.75 16.42 24.13
CA SER S 10 15.38 15.32 24.84
C SER S 10 14.95 15.28 26.30
N ARG S 11 15.09 16.40 27.00
CA ARG S 11 14.73 16.43 28.41
C ARG S 11 13.29 16.02 28.63
N LEU S 12 12.44 16.23 27.63
CA LEU S 12 11.04 15.84 27.75
C LEU S 12 10.89 14.33 27.61
N LEU S 13 11.31 13.78 26.46
CA LEU S 13 11.17 12.36 26.21
C LEU S 13 12.07 11.54 27.12
N PHE T 1 18.23 6.27 26.59
CA PHE T 1 18.86 6.16 25.27
C PHE T 1 18.35 7.25 24.34
N LEU T 2 17.04 7.32 24.19
CA LEU T 2 16.44 8.31 23.30
C LEU T 2 16.83 9.72 23.72
N GLY T 3 16.80 10.01 25.01
CA GLY T 3 17.27 11.29 25.50
C GLY T 3 18.72 11.54 25.14
N ALA T 4 19.57 10.51 25.24
CA ALA T 4 20.95 10.66 24.83
C ALA T 4 21.05 10.94 23.34
N LEU T 5 20.23 10.27 22.53
CA LEU T 5 20.22 10.51 21.09
C LEU T 5 19.90 11.97 20.79
N PHE T 6 18.81 12.47 21.36
CA PHE T 6 18.43 13.85 21.08
C PHE T 6 19.42 14.85 21.65
N ARG T 7 20.04 14.54 22.79
CA ARG T 7 21.08 15.43 23.31
C ARG T 7 22.28 15.49 22.37
N ALA T 8 22.70 14.33 21.85
CA ALA T 8 23.81 14.33 20.90
C ALA T 8 23.44 15.09 19.63
N LEU T 9 22.21 14.92 19.16
CA LEU T 9 21.77 15.64 17.97
C LEU T 9 21.75 17.15 18.22
N SER T 10 21.28 17.57 19.39
CA SER T 10 21.32 18.97 19.75
C SER T 10 22.76 19.49 19.78
N ARG T 11 23.64 18.78 20.48
CA ARG T 11 25.05 19.18 20.54
C ARG T 11 25.63 19.30 19.14
N LEU T 12 25.16 18.46 18.21
CA LEU T 12 25.70 18.48 16.85
C LEU T 12 25.12 19.63 16.04
N LEU T 13 23.80 19.65 15.87
CA LEU T 13 23.15 20.65 15.03
C LEU T 13 23.36 22.05 15.56
N PHE U 1 9.38 10.70 29.32
CA PHE U 1 8.05 10.24 28.97
C PHE U 1 8.01 8.76 28.67
N LEU U 2 8.73 8.36 27.62
CA LEU U 2 8.74 6.96 27.19
C LEU U 2 9.10 6.03 28.34
N GLY U 3 10.14 6.39 29.09
CA GLY U 3 10.51 5.59 30.26
C GLY U 3 9.39 5.52 31.27
N ALA U 4 8.73 6.65 31.54
CA ALA U 4 7.59 6.63 32.44
C ALA U 4 6.45 5.78 31.89
N LEU U 5 6.24 5.82 30.58
CA LEU U 5 5.20 4.99 29.99
C LEU U 5 5.48 3.51 30.24
N PHE U 6 6.69 3.06 29.92
CA PHE U 6 7.03 1.66 30.12
C PHE U 6 7.02 1.28 31.60
N ARG U 7 7.42 2.19 32.48
CA ARG U 7 7.41 1.88 33.90
C ARG U 7 5.98 1.73 34.42
N ALA U 8 5.08 2.60 33.98
CA ALA U 8 3.68 2.47 34.36
C ALA U 8 3.09 1.17 33.83
N LEU U 9 3.45 0.82 32.59
CA LEU U 9 2.98 -0.43 32.02
C LEU U 9 3.48 -1.62 32.81
N SER U 10 4.74 -1.55 33.26
CA SER U 10 5.27 -2.58 34.14
C SER U 10 4.47 -2.70 35.42
N ARG U 11 4.27 -1.58 36.13
CA ARG U 11 3.54 -1.66 37.40
C ARG U 11 2.12 -2.18 37.17
N LEU U 12 1.56 -1.94 35.98
CA LEU U 12 0.23 -2.46 35.67
C LEU U 12 0.25 -3.98 35.54
N LEU U 13 1.05 -4.51 34.63
CA LEU U 13 1.09 -5.95 34.40
C LEU U 13 1.76 -6.68 35.57
N PHE V 1 8.29 -11.38 36.90
CA PHE V 1 9.25 -11.42 35.82
C PHE V 1 8.93 -10.39 34.75
N LEU V 2 7.70 -10.43 34.25
CA LEU V 2 7.29 -9.51 33.20
C LEU V 2 7.43 -8.07 33.66
N GLY V 3 7.02 -7.77 34.89
CA GLY V 3 7.23 -6.45 35.44
C GLY V 3 8.69 -6.07 35.47
N ALA V 4 9.56 -7.01 35.83
CA ALA V 4 11.00 -6.76 35.80
C ALA V 4 11.48 -6.47 34.39
N LEU V 5 10.96 -7.22 33.41
CA LEU V 5 11.32 -7.00 32.02
C LEU V 5 10.98 -5.58 31.60
N PHE V 6 9.73 -5.16 31.84
CA PHE V 6 9.33 -3.83 31.43
C PHE V 6 10.06 -2.74 32.23
N ARG V 7 10.38 -2.99 33.50
CA ARG V 7 11.16 -2.01 34.25
C ARG V 7 12.55 -1.85 33.66
N ALA V 8 13.20 -2.97 33.30
CA ALA V 8 14.51 -2.89 32.67
C ALA V 8 14.43 -2.18 31.33
N LEU V 9 13.39 -2.46 30.55
CA LEU V 9 13.23 -1.79 29.26
C LEU V 9 13.02 -0.29 29.44
N SER V 10 12.22 0.09 30.44
CA SER V 10 12.05 1.51 30.76
C SER V 10 13.37 2.15 31.14
N ARG V 11 14.10 1.53 32.08
CA ARG V 11 15.40 2.05 32.50
C ARG V 11 16.32 2.20 31.29
N LEU V 12 16.18 1.32 30.30
CA LEU V 12 17.05 1.38 29.13
C LEU V 12 16.63 2.46 28.15
N LEU V 13 15.41 2.37 27.64
CA LEU V 13 14.92 3.31 26.64
C LEU V 13 14.82 4.72 27.21
N PHE W 1 20.95 13.17 -33.18
CA PHE W 1 21.31 13.17 -31.77
C PHE W 1 20.61 12.07 -30.98
N LEU W 2 19.28 12.16 -30.92
CA LEU W 2 18.50 11.22 -30.15
C LEU W 2 18.79 9.78 -30.55
N GLY W 3 18.80 9.52 -31.86
CA GLY W 3 19.17 8.21 -32.33
C GLY W 3 20.56 7.79 -31.89
N ALA W 4 21.52 8.71 -31.98
CA ALA W 4 22.87 8.42 -31.51
C ALA W 4 22.87 8.13 -30.02
N LEU W 5 22.09 8.88 -29.25
CA LEU W 5 21.99 8.63 -27.81
C LEU W 5 21.52 7.22 -27.53
N PHE W 6 20.41 6.82 -28.14
CA PHE W 6 19.88 5.49 -27.90
C PHE W 6 20.82 4.40 -28.39
N ARG W 7 21.50 4.65 -29.52
CA ARG W 7 22.46 3.68 -30.04
C ARG W 7 23.63 3.49 -29.09
N ALA W 8 24.17 4.59 -28.56
CA ALA W 8 25.25 4.49 -27.58
C ALA W 8 24.78 3.81 -26.31
N LEU W 9 23.54 4.09 -25.88
CA LEU W 9 23.00 3.44 -24.70
C LEU W 9 22.88 1.95 -24.90
N SER W 10 22.46 1.52 -26.10
CA SER W 10 22.46 0.11 -26.42
C SER W 10 23.86 -0.47 -26.34
N ARG W 11 24.82 0.20 -27.00
CA ARG W 11 26.21 -0.27 -26.97
C ARG W 11 26.74 -0.38 -25.56
N LEU W 12 26.19 0.42 -24.63
CA LEU W 12 26.58 0.32 -23.23
C LEU W 12 26.01 -0.91 -22.57
N LEU W 13 24.68 -1.01 -22.53
CA LEU W 13 24.02 -2.14 -21.87
C LEU W 13 24.24 -3.43 -22.62
N PHE X 1 19.86 -9.08 -26.37
CA PHE X 1 18.45 -8.78 -26.57
C PHE X 1 18.17 -7.31 -26.29
N LEU X 2 18.53 -6.88 -25.08
CA LEU X 2 18.28 -5.49 -24.69
C LEU X 2 19.02 -4.54 -25.63
N GLY X 3 20.26 -4.86 -25.98
CA GLY X 3 20.97 -4.07 -26.98
C GLY X 3 20.22 -4.01 -28.29
N ALA X 4 19.66 -5.13 -28.72
CA ALA X 4 18.84 -5.12 -29.93
C ALA X 4 17.62 -4.22 -29.76
N LEU X 5 17.00 -4.26 -28.58
CA LEU X 5 15.85 -3.40 -28.31
C LEU X 5 16.22 -1.93 -28.48
N PHE X 6 17.27 -1.50 -27.80
CA PHE X 6 17.65 -0.10 -27.88
C PHE X 6 18.16 0.28 -29.26
N ARG X 7 18.81 -0.64 -29.98
CA ARG X 7 19.24 -0.33 -31.34
C ARG X 7 18.03 -0.13 -32.25
N ALA X 8 17.01 -0.99 -32.12
CA ALA X 8 15.80 -0.81 -32.92
C ALA X 8 15.10 0.49 -32.57
N LEU X 9 15.05 0.82 -31.28
CA LEU X 9 14.41 2.07 -30.86
C LEU X 9 15.17 3.28 -31.41
N SER X 10 16.50 3.22 -31.40
CA SER X 10 17.31 4.26 -32.02
C SER X 10 17.01 4.38 -33.50
N ARG X 11 17.05 3.25 -34.22
CA ARG X 11 16.77 3.27 -35.66
C ARG X 11 15.40 3.86 -35.92
N LEU X 12 14.45 3.64 -35.02
CA LEU X 12 13.09 4.10 -35.27
C LEU X 12 12.92 5.58 -34.92
N LEU X 13 13.28 5.96 -33.71
CA LEU X 13 13.18 7.35 -33.27
C LEU X 13 14.13 8.25 -34.05
N PHE Y 1 -33.49 0.48 -2.71
CA PHE Y 1 -32.63 -0.29 -3.59
C PHE Y 1 -32.03 -1.49 -2.88
N LEU Y 2 -31.18 -1.23 -1.89
CA LEU Y 2 -30.45 -2.28 -1.19
C LEU Y 2 -31.40 -3.33 -0.63
N GLY Y 3 -32.50 -2.88 -0.01
CA GLY Y 3 -33.49 -3.81 0.47
C GLY Y 3 -34.07 -4.67 -0.64
N ALA Y 4 -34.39 -4.03 -1.77
CA ALA Y 4 -34.87 -4.77 -2.93
C ALA Y 4 -33.82 -5.75 -3.43
N LEU Y 5 -32.55 -5.35 -3.39
CA LEU Y 5 -31.49 -6.25 -3.80
C LEU Y 5 -31.48 -7.51 -2.95
N PHE Y 6 -31.47 -7.35 -1.63
CA PHE Y 6 -31.44 -8.51 -0.75
C PHE Y 6 -32.72 -9.33 -0.86
N ARG Y 7 -33.86 -8.69 -1.10
CA ARG Y 7 -35.10 -9.44 -1.25
C ARG Y 7 -35.08 -10.28 -2.52
N ALA Y 8 -34.57 -9.72 -3.61
CA ALA Y 8 -34.44 -10.48 -4.85
C ALA Y 8 -33.49 -11.64 -4.66
N LEU Y 9 -32.39 -11.40 -3.95
CA LEU Y 9 -31.43 -12.46 -3.68
C LEU Y 9 -32.06 -13.56 -2.84
N SER Y 10 -32.92 -13.16 -1.89
CA SER Y 10 -33.68 -14.14 -1.11
C SER Y 10 -34.56 -14.99 -2.01
N ARG Y 11 -35.39 -14.35 -2.84
CA ARG Y 11 -36.30 -15.14 -3.67
C ARG Y 11 -35.53 -16.04 -4.63
N LEU Y 12 -34.31 -15.64 -5.02
CA LEU Y 12 -33.49 -16.48 -5.87
C LEU Y 12 -33.04 -17.75 -5.16
N LEU Y 13 -32.34 -17.60 -4.04
CA LEU Y 13 -31.82 -18.76 -3.32
C LEU Y 13 -32.95 -19.55 -2.65
N PHE Z 1 -35.21 -21.59 4.90
CA PHE Z 1 -34.52 -20.91 5.99
C PHE Z 1 -33.67 -19.77 5.45
N LEU Z 2 -32.80 -20.09 4.49
CA LEU Z 2 -31.90 -19.08 3.92
C LEU Z 2 -32.70 -17.94 3.31
N GLY Z 3 -33.76 -18.26 2.58
CA GLY Z 3 -34.63 -17.22 2.06
C GLY Z 3 -35.22 -16.36 3.16
N ALA Z 4 -35.61 -16.98 4.27
CA ALA Z 4 -36.10 -16.22 5.40
C ALA Z 4 -35.01 -15.32 5.97
N LEU Z 5 -33.78 -15.83 6.04
CA LEU Z 5 -32.66 -15.02 6.52
C LEU Z 5 -32.48 -13.78 5.66
N PHE Z 6 -32.41 -13.96 4.35
CA PHE Z 6 -32.21 -12.81 3.48
C PHE Z 6 -33.40 -11.87 3.47
N ARG Z 7 -34.63 -12.40 3.60
CA ARG Z 7 -35.78 -11.52 3.71
C ARG Z 7 -35.73 -10.68 4.97
N ALA Z 8 -35.35 -11.29 6.10
CA ALA Z 8 -35.23 -10.53 7.34
C ALA Z 8 -34.15 -9.48 7.23
N LEU Z 9 -33.02 -9.83 6.63
CA LEU Z 9 -31.93 -8.87 6.47
C LEU Z 9 -32.35 -7.71 5.57
N SER Z 10 -33.07 -8.02 4.48
CA SER Z 10 -33.61 -6.97 3.63
C SER Z 10 -34.56 -6.06 4.40
N ARG Z 11 -35.53 -6.64 5.10
CA ARG Z 11 -36.45 -5.86 5.91
C ARG Z 11 -35.70 -4.98 6.90
N LEU Z 12 -34.56 -5.45 7.39
CA LEU Z 12 -33.78 -4.68 8.35
C LEU Z 12 -32.97 -3.58 7.68
N LEU Z 13 -32.08 -3.96 6.79
CA LEU Z 13 -31.19 -3.00 6.13
C LEU Z 13 -31.97 -2.02 5.26
N PHE AA 1 -30.62 23.14 -18.81
CA PHE AA 1 -29.52 22.42 -19.42
C PHE AA 1 -29.02 21.27 -18.57
N LEU AA 2 -28.50 21.61 -17.38
CA LEU AA 2 -27.90 20.62 -16.50
C LEU AA 2 -28.88 19.49 -16.20
N GLY AA 3 -30.12 19.86 -15.86
CA GLY AA 3 -31.14 18.84 -15.64
C GLY AA 3 -31.35 17.96 -16.85
N ALA AA 4 -31.41 18.57 -18.04
CA ALA AA 4 -31.55 17.79 -19.25
C ALA AA 4 -30.34 16.89 -19.47
N LEU AA 5 -29.14 17.38 -19.15
CA LEU AA 5 -27.95 16.55 -19.29
C LEU AA 5 -28.05 15.31 -18.42
N PHE AA 6 -28.36 15.50 -17.13
CA PHE AA 6 -28.46 14.36 -16.23
C PHE AA 6 -29.59 13.43 -16.63
N ARG AA 7 -30.70 13.99 -17.12
CA ARG AA 7 -31.83 13.16 -17.55
C ARG AA 7 -31.46 12.30 -18.76
N ALA AA 8 -30.78 12.90 -19.74
CA ALA AA 8 -30.33 12.13 -20.90
C ALA AA 8 -29.33 11.07 -20.48
N LEU AA 9 -28.43 11.41 -19.55
CA LEU AA 9 -27.47 10.43 -19.06
C LEU AA 9 -28.18 9.26 -18.38
N SER AA 10 -29.24 9.55 -17.63
CA SER AA 10 -30.05 8.48 -17.06
C SER AA 10 -30.66 7.61 -18.14
N ARG AA 11 -31.32 8.23 -19.13
CA ARG AA 11 -31.95 7.43 -20.18
C ARG AA 11 -30.92 6.59 -20.91
N LEU AA 12 -29.67 7.05 -20.96
CA LEU AA 12 -28.62 6.26 -21.58
C LEU AA 12 -28.29 5.03 -20.74
N LEU AA 13 -27.84 5.24 -19.50
CA LEU AA 13 -27.46 4.13 -18.64
C LEU AA 13 -28.67 3.32 -18.22
N PHE BA 1 -32.44 1.05 -11.43
CA PHE BA 1 -32.07 1.77 -10.22
C PHE BA 1 -31.18 2.97 -10.53
N LEU BA 2 -30.10 2.71 -11.27
CA LEU BA 2 -29.18 3.77 -11.63
C LEU BA 2 -29.88 4.85 -12.44
N GLY BA 3 -30.72 4.45 -13.39
CA GLY BA 3 -31.53 5.42 -14.10
C GLY BA 3 -32.42 6.23 -13.18
N ALA BA 4 -33.01 5.58 -12.18
CA ALA BA 4 -33.80 6.31 -11.19
C ALA BA 4 -32.93 7.28 -10.42
N LEU BA 5 -31.72 6.87 -10.05
CA LEU BA 5 -30.81 7.76 -9.34
C LEU BA 5 -30.53 9.01 -10.16
N PHE BA 6 -30.13 8.84 -11.41
CA PHE BA 6 -29.80 10.00 -12.23
C PHE BA 6 -31.03 10.85 -12.54
N ARG BA 7 -32.21 10.23 -12.68
CA ARG BA 7 -33.42 11.02 -12.87
C ARG BA 7 -33.72 11.87 -11.64
N ALA BA 8 -33.56 11.30 -10.45
CA ALA BA 8 -33.76 12.08 -9.23
C ALA BA 8 -32.74 13.21 -9.13
N LEU BA 9 -31.49 12.94 -9.50
CA LEU BA 9 -30.47 13.97 -9.48
C LEU BA 9 -30.79 15.09 -10.45
N SER BA 10 -31.25 14.73 -11.65
CA SER BA 10 -31.69 15.74 -12.61
C SER BA 10 -32.83 16.58 -12.06
N ARG BA 11 -33.88 15.92 -11.57
CA ARG BA 11 -35.01 16.63 -11.00
C ARG BA 11 -34.59 17.53 -9.85
N LEU BA 12 -33.52 17.18 -9.16
CA LEU BA 12 -33.04 18.01 -8.05
C LEU BA 12 -32.21 19.17 -8.54
N LEU BA 13 -31.11 18.89 -9.24
CA LEU BA 13 -30.18 19.93 -9.68
C LEU BA 13 -30.84 20.88 -10.66
N PHE CA 1 12.16 -13.08 -28.78
CA PHE CA 1 12.87 -13.12 -27.51
C PHE CA 1 12.32 -14.18 -26.58
N LEU CA 2 11.05 -14.00 -26.20
CA LEU CA 2 10.40 -14.92 -25.27
C LEU CA 2 10.52 -16.36 -25.74
N GLY CA 3 10.24 -16.60 -27.02
CA GLY CA 3 10.40 -17.93 -27.58
C GLY CA 3 11.82 -18.45 -27.43
N ALA CA 4 12.80 -17.60 -27.73
CA ALA CA 4 14.19 -18.00 -27.55
C ALA CA 4 14.50 -18.28 -26.09
N LEU CA 5 13.94 -17.49 -25.18
CA LEU CA 5 14.16 -17.73 -23.76
C LEU CA 5 13.66 -19.11 -23.36
N PHE CA 6 12.41 -19.42 -23.71
CA PHE CA 6 11.85 -20.71 -23.35
C PHE CA 6 12.58 -21.86 -24.04
N ARG CA 7 13.03 -21.65 -25.28
CA ARG CA 7 13.75 -22.70 -25.98
C ARG CA 7 15.10 -22.98 -25.32
N ALA CA 8 15.81 -21.92 -24.92
CA ALA CA 8 17.07 -22.11 -24.21
C ALA CA 8 16.84 -22.81 -22.89
N LEU CA 9 15.78 -22.44 -22.18
CA LEU CA 9 15.44 -23.09 -20.92
C LEU CA 9 15.15 -24.56 -21.14
N SER CA 10 14.44 -24.88 -22.22
CA SER CA 10 14.23 -26.27 -22.59
C SER CA 10 15.54 -27.01 -22.79
N ARG CA 11 16.42 -26.48 -23.65
CA ARG CA 11 17.67 -27.17 -23.91
C ARG CA 11 18.49 -27.34 -22.64
N LEU CA 12 18.34 -26.42 -21.68
CA LEU CA 12 19.03 -26.54 -20.41
C LEU CA 12 18.50 -27.71 -19.60
N LEU CA 13 17.21 -27.70 -19.28
CA LEU CA 13 16.63 -28.76 -18.46
C LEU CA 13 16.55 -30.07 -19.22
N PHE DA 1 10.88 -35.32 -21.80
CA PHE DA 1 9.51 -34.85 -21.72
C PHE DA 1 9.46 -33.37 -21.37
N LEU DA 2 10.13 -33.00 -20.28
CA LEU DA 2 10.13 -31.60 -19.84
C LEU DA 2 10.70 -30.69 -20.93
N GLY DA 3 11.79 -31.11 -21.55
CA GLY DA 3 12.33 -30.37 -22.67
C GLY DA 3 11.32 -30.22 -23.80
N ALA DA 4 10.57 -31.29 -24.09
CA ALA DA 4 9.52 -31.19 -25.09
C ALA DA 4 8.44 -30.21 -24.67
N LEU DA 5 8.07 -30.22 -23.38
CA LEU DA 5 7.08 -29.28 -22.89
C LEU DA 5 7.53 -27.84 -23.11
N PHE DA 6 8.76 -27.52 -22.70
CA PHE DA 6 9.22 -26.15 -22.86
C PHE DA 6 9.43 -25.79 -24.33
N ARG DA 7 9.82 -26.75 -25.18
CA ARG DA 7 9.91 -26.45 -26.60
C ARG DA 7 8.55 -26.13 -27.18
N ALA DA 8 7.52 -26.90 -26.81
CA ALA DA 8 6.18 -26.60 -27.29
C ALA DA 8 5.70 -25.24 -26.79
N LEU DA 9 5.99 -24.93 -25.53
CA LEU DA 9 5.61 -23.64 -24.98
C LEU DA 9 6.30 -22.50 -25.72
N SER DA 10 7.58 -22.66 -26.02
CA SER DA 10 8.31 -21.68 -26.82
C SER DA 10 7.67 -21.52 -28.19
N ARG DA 11 7.45 -22.63 -28.89
CA ARG DA 11 6.83 -22.58 -30.21
C ARG DA 11 5.49 -21.87 -30.14
N LEU DA 12 4.77 -22.01 -29.03
CA LEU DA 12 3.46 -21.38 -28.91
C LEU DA 12 3.56 -19.91 -28.57
N LEU DA 13 4.18 -19.58 -27.44
CA LEU DA 13 4.28 -18.20 -26.99
C LEU DA 13 5.08 -17.36 -27.96
N PHE EA 1 2.71 36.87 22.03
CA PHE EA 1 1.52 36.30 21.39
C PHE EA 1 1.66 34.81 21.14
N LEU EA 2 2.64 34.46 20.28
CA LEU EA 2 2.84 33.07 19.89
C LEU EA 2 2.99 32.17 21.11
N GLY EA 3 3.81 32.60 22.06
CA GLY EA 3 3.95 31.84 23.29
C GLY EA 3 2.64 31.67 24.02
N ALA EA 4 1.86 32.75 24.10
CA ALA EA 4 0.54 32.66 24.73
C ALA EA 4 -0.38 31.71 23.97
N LEU EA 5 -0.31 31.73 22.64
CA LEU EA 5 -1.12 30.82 21.85
C LEU EA 5 -0.78 29.37 22.17
N PHE EA 6 0.51 29.04 22.16
CA PHE EA 6 0.91 27.67 22.44
C PHE EA 6 0.58 27.28 23.88
N ARG EA 7 0.71 28.21 24.82
CA ARG EA 7 0.40 27.91 26.22
C ARG EA 7 -1.09 27.64 26.39
N ALA EA 8 -1.93 28.46 25.76
CA ALA EA 8 -3.37 28.24 25.83
C ALA EA 8 -3.74 26.91 25.20
N LEU EA 9 -3.09 26.58 24.07
CA LEU EA 9 -3.34 25.30 23.43
C LEU EA 9 -2.95 24.14 24.33
N SER EA 10 -1.83 24.28 25.04
CA SER EA 10 -1.45 23.28 26.03
C SER EA 10 -2.50 23.12 27.11
N ARG EA 11 -2.92 24.23 27.74
CA ARG EA 11 -3.91 24.13 28.80
C ARG EA 11 -5.21 23.53 28.28
N LEU EA 12 -5.50 23.71 26.99
CA LEU EA 12 -6.68 23.08 26.41
C LEU EA 12 -6.52 21.57 26.34
N LEU EA 13 -5.53 21.09 25.59
CA LEU EA 13 -5.32 19.66 25.41
C LEU EA 13 -4.90 19.00 26.72
N PHE FA 1 1.60 14.89 29.62
CA PHE FA 1 2.74 14.82 28.71
C PHE FA 1 2.58 15.81 27.57
N LEU FA 2 1.47 15.68 26.83
CA LEU FA 2 1.23 16.58 25.70
C LEU FA 2 1.16 18.03 26.15
N GLY FA 3 0.47 18.27 27.28
CA GLY FA 3 0.45 19.61 27.84
C GLY FA 3 1.85 20.10 28.19
N ALA FA 4 2.68 19.22 28.75
CA ALA FA 4 4.06 19.59 29.02
C ALA FA 4 4.82 19.91 27.73
N LEU FA 5 4.58 19.12 26.68
CA LEU FA 5 5.22 19.38 25.40
C LEU FA 5 4.87 20.77 24.88
N PHE FA 6 3.58 21.09 24.85
CA PHE FA 6 3.18 22.39 24.32
C PHE FA 6 3.62 23.53 25.23
N ARG FA 7 3.66 23.31 26.54
CA ARG FA 7 4.20 24.33 27.44
C ARG FA 7 5.68 24.58 27.16
N ALA FA 8 6.45 23.51 26.95
CA ALA FA 8 7.86 23.69 26.62
C ALA FA 8 8.03 24.42 25.29
N LEU FA 9 7.20 24.08 24.31
CA LEU FA 9 7.26 24.78 23.01
C LEU FA 9 6.93 26.26 23.18
N SER FA 10 5.91 26.57 23.98
CA SER FA 10 5.58 27.96 24.26
C SER FA 10 6.74 28.68 24.92
N ARG FA 11 7.29 28.09 25.98
CA ARG FA 11 8.43 28.69 26.67
C ARG FA 11 9.58 28.93 25.69
N LEU FA 12 9.75 28.04 24.71
CA LEU FA 12 10.86 28.16 23.77
C LEU FA 12 10.59 29.22 22.71
N LEU FA 13 9.53 29.04 21.93
CA LEU FA 13 9.21 29.95 20.84
C LEU FA 13 8.92 31.35 21.35
N PHE GA 1 24.07 1.12 22.58
CA PHE GA 1 22.68 0.88 22.92
C PHE GA 1 22.27 -0.57 22.71
N LEU GA 2 22.32 -1.01 21.46
CA LEU GA 2 21.88 -2.36 21.10
C LEU GA 2 22.59 -3.41 21.94
N GLY GA 3 23.91 -3.27 22.10
CA GLY GA 3 24.66 -4.18 22.94
C GLY GA 3 24.16 -4.18 24.37
N ALA GA 4 23.90 -2.99 24.91
CA ALA GA 4 23.36 -2.89 26.25
C ALA GA 4 21.98 -3.54 26.34
N LEU GA 5 21.15 -3.36 25.30
CA LEU GA 5 19.84 -3.99 25.30
C LEU GA 5 19.97 -5.51 25.39
N PHE GA 6 20.80 -6.09 24.52
CA PHE GA 6 20.95 -7.54 24.52
C PHE GA 6 21.58 -8.04 25.82
N ARG GA 7 22.50 -7.26 26.39
CA ARG GA 7 23.12 -7.67 27.64
C ARG GA 7 22.12 -7.66 28.80
N ALA GA 8 21.28 -6.63 28.86
CA ALA GA 8 20.24 -6.59 29.88
C ALA GA 8 19.27 -7.75 29.70
N LEU GA 9 18.91 -8.05 28.45
CA LEU GA 9 18.03 -9.17 28.18
C LEU GA 9 18.66 -10.47 28.62
N SER GA 10 19.97 -10.61 28.40
CA SER GA 10 20.69 -11.77 28.92
C SER GA 10 20.58 -11.86 30.43
N ARG GA 11 20.91 -10.78 31.14
CA ARG GA 11 20.87 -10.84 32.60
C ARG GA 11 19.47 -11.15 33.10
N LEU GA 12 18.45 -10.76 32.33
CA LEU GA 12 17.07 -11.07 32.71
C LEU GA 12 16.78 -12.56 32.61
N LEU GA 13 16.94 -13.13 31.42
CA LEU GA 13 16.64 -14.53 31.20
C LEU GA 13 17.63 -15.44 31.91
N PHE HA 1 23.25 -21.01 29.96
CA PHE HA 1 23.40 -21.20 28.52
C PHE HA 1 22.78 -20.05 27.73
N LEU HA 2 21.48 -19.85 27.92
CA LEU HA 2 20.78 -18.79 27.20
C LEU HA 2 21.37 -17.42 27.51
N GLY HA 3 21.66 -17.18 28.79
CA GLY HA 3 22.35 -15.96 29.16
C GLY HA 3 23.68 -15.82 28.45
N ALA HA 4 24.43 -16.91 28.33
CA ALA HA 4 25.66 -16.88 27.56
C ALA HA 4 25.40 -16.56 26.10
N LEU HA 5 24.33 -17.11 25.54
CA LEU HA 5 23.99 -16.82 24.15
C LEU HA 5 23.76 -15.34 23.95
N PHE HA 6 22.91 -14.74 24.78
CA PHE HA 6 22.60 -13.32 24.60
C PHE HA 6 23.80 -12.44 24.94
N ARG HA 7 24.64 -12.84 25.90
CA ARG HA 7 25.86 -12.07 26.15
C ARG HA 7 26.79 -12.09 24.96
N ALA HA 8 26.97 -13.26 24.34
CA ALA HA 8 27.81 -13.34 23.16
C ALA HA 8 27.23 -12.52 22.01
N LEU HA 9 25.91 -12.57 21.83
CA LEU HA 9 25.27 -11.79 20.78
C LEU HA 9 25.44 -10.30 21.02
N SER HA 10 25.29 -9.87 22.28
CA SER HA 10 25.55 -8.48 22.62
C SER HA 10 26.98 -8.09 22.32
N ARG HA 11 27.94 -8.89 22.78
CA ARG HA 11 29.35 -8.61 22.51
C ARG HA 11 29.60 -8.51 21.02
N LEU HA 12 28.86 -9.29 20.22
CA LEU HA 12 29.06 -9.27 18.78
C LEU HA 12 28.39 -8.06 18.12
N LEU HA 13 27.08 -7.95 18.26
CA LEU HA 13 26.33 -6.88 17.62
C LEU HA 13 26.77 -5.51 18.12
N PHE IA 1 32.13 22.86 -21.53
CA PHE IA 1 31.75 22.90 -20.13
C PHE IA 1 30.95 21.69 -19.70
N LEU IA 2 29.77 21.53 -20.30
CA LEU IA 2 28.86 20.45 -19.94
C LEU IA 2 29.55 19.11 -20.02
N GLY IA 3 30.28 18.87 -21.12
CA GLY IA 3 31.03 17.64 -21.25
C GLY IA 3 32.04 17.47 -20.13
N ALA IA 4 32.76 18.55 -19.78
CA ALA IA 4 33.71 18.47 -18.68
C ALA IA 4 32.99 18.18 -17.36
N LEU IA 5 31.83 18.78 -17.15
CA LEU IA 5 31.06 18.51 -15.93
C LEU IA 5 30.71 17.03 -15.83
N PHE IA 6 30.14 16.47 -16.89
CA PHE IA 6 29.76 15.07 -16.86
C PHE IA 6 30.98 14.16 -16.74
N ARG IA 7 32.09 14.53 -17.37
CA ARG IA 7 33.30 13.72 -17.28
C ARG IA 7 33.85 13.71 -15.87
N ALA IA 8 33.89 14.88 -15.21
CA ALA IA 8 34.35 14.95 -13.84
C ALA IA 8 33.42 14.17 -12.91
N LEU IA 9 32.11 14.26 -13.17
CA LEU IA 9 31.15 13.50 -12.37
C LEU IA 9 31.37 12.00 -12.54
N SER IA 10 31.69 11.56 -13.76
CA SER IA 10 32.06 10.16 -13.97
C SER IA 10 33.30 9.79 -13.19
N ARG IA 11 34.36 10.59 -13.31
CA ARG IA 11 35.61 10.26 -12.62
C ARG IA 11 35.39 10.21 -11.12
N LEU IA 12 34.45 10.99 -10.60
CA LEU IA 12 34.18 10.99 -9.18
C LEU IA 12 33.48 9.70 -8.77
N LEU IA 13 32.34 9.41 -9.39
CA LEU IA 13 31.61 8.18 -9.11
C LEU IA 13 32.37 6.95 -9.59
N PHE JA 1 31.15 0.58 -14.48
CA PHE JA 1 30.04 0.70 -15.41
C PHE JA 1 29.44 2.10 -15.39
N LEU JA 2 29.06 2.56 -14.20
CA LEU JA 2 28.47 3.88 -14.06
C LEU JA 2 29.40 4.96 -14.59
N GLY JA 3 30.69 4.86 -14.25
CA GLY JA 3 31.66 5.78 -14.81
C GLY JA 3 31.69 5.74 -16.32
N ALA JA 4 31.60 4.54 -16.90
CA ALA JA 4 31.55 4.43 -18.35
C ALA JA 4 30.28 5.09 -18.90
N LEU JA 5 29.16 4.92 -18.21
CA LEU JA 5 27.92 5.56 -18.63
C LEU JA 5 28.08 7.06 -18.68
N PHE JA 6 28.56 7.66 -17.60
CA PHE JA 6 28.70 9.11 -17.58
C PHE JA 6 29.76 9.60 -18.55
N ARG JA 7 30.83 8.83 -18.78
CA ARG JA 7 31.81 9.22 -19.78
C ARG JA 7 31.20 9.22 -21.17
N ALA JA 8 30.40 8.20 -21.49
CA ALA JA 8 29.73 8.18 -22.79
C ALA JA 8 28.75 9.34 -22.93
N LEU JA 9 28.03 9.65 -21.85
CA LEU JA 9 27.09 10.77 -21.89
C LEU JA 9 27.83 12.08 -22.10
N SER JA 10 28.97 12.26 -21.42
CA SER JA 10 29.80 13.44 -21.64
C SER JA 10 30.26 13.52 -23.09
N ARG JA 11 30.84 12.44 -23.60
CA ARG JA 11 31.30 12.41 -24.98
C ARG JA 11 30.18 12.71 -25.95
N LEU JA 12 28.94 12.39 -25.57
CA LEU JA 12 27.80 12.64 -26.46
C LEU JA 12 27.34 14.09 -26.35
N LEU JA 13 26.97 14.53 -25.16
CA LEU JA 13 26.42 15.87 -24.97
C LEU JA 13 27.46 16.93 -25.29
N PHE KA 1 -29.98 -0.09 15.82
CA PHE KA 1 -29.80 -0.94 14.64
C PHE KA 1 -29.15 -2.27 14.98
N LEU KA 2 -27.93 -2.21 15.50
CA LEU KA 2 -27.18 -3.41 15.81
C LEU KA 2 -27.97 -4.34 16.73
N GLY KA 3 -28.58 -3.78 17.77
CA GLY KA 3 -29.41 -4.58 18.65
C GLY KA 3 -30.55 -5.24 17.91
N ALA KA 4 -31.21 -4.49 17.03
CA ALA KA 4 -32.28 -5.07 16.21
C ALA KA 4 -31.75 -6.16 15.30
N LEU KA 5 -30.55 -5.96 14.73
CA LEU KA 5 -29.97 -6.97 13.88
C LEU KA 5 -29.77 -8.27 14.64
N PHE KA 6 -29.12 -8.20 15.81
CA PHE KA 6 -28.87 -9.40 16.58
C PHE KA 6 -30.15 -10.03 17.09
N ARG KA 7 -31.15 -9.22 17.44
CA ARG KA 7 -32.42 -9.77 17.90
C ARG KA 7 -33.14 -10.51 16.78
N ALA KA 8 -33.14 -9.93 15.58
CA ALA KA 8 -33.74 -10.61 14.43
C ALA KA 8 -33.02 -11.91 14.14
N LEU KA 9 -31.68 -11.88 14.22
CA LEU KA 9 -30.90 -13.09 14.02
C LEU KA 9 -31.25 -14.16 15.05
N SER KA 10 -31.44 -13.74 16.31
CA SER KA 10 -31.89 -14.67 17.34
C SER KA 10 -33.23 -15.30 16.99
N ARG KA 11 -34.23 -14.46 16.69
CA ARG KA 11 -35.54 -15.02 16.39
C ARG KA 11 -35.48 -15.94 15.18
N LEU KA 12 -34.55 -15.69 14.26
CA LEU KA 12 -34.37 -16.59 13.13
C LEU KA 12 -33.86 -17.95 13.56
N LEU KA 13 -32.69 -17.99 14.19
CA LEU KA 13 -32.09 -19.26 14.60
C LEU KA 13 -32.87 -19.90 15.74
N PHE LA 1 -31.58 -22.19 23.43
CA PHE LA 1 -30.36 -21.66 24.04
C PHE LA 1 -29.69 -20.63 23.15
N LEU LA 2 -29.45 -21.00 21.90
CA LEU LA 2 -28.78 -20.11 20.97
C LEU LA 2 -29.57 -18.81 20.79
N GLY LA 3 -30.89 -18.92 20.67
CA GLY LA 3 -31.72 -17.73 20.62
C GLY LA 3 -31.56 -16.87 21.86
N ALA LA 4 -31.48 -17.51 23.04
CA ALA LA 4 -31.23 -16.76 24.27
C ALA LA 4 -29.87 -16.07 24.22
N LEU LA 5 -28.86 -16.76 23.70
CA LEU LA 5 -27.53 -16.16 23.59
C LEU LA 5 -27.57 -14.91 22.73
N PHE LA 6 -28.16 -15.01 21.54
CA PHE LA 6 -28.20 -13.85 20.66
C PHE LA 6 -29.09 -12.74 21.23
N ARG LA 7 -30.17 -13.09 21.93
CA ARG LA 7 -30.98 -12.06 22.57
C ARG LA 7 -30.19 -11.32 23.64
N ALA LA 8 -29.42 -12.06 24.45
CA ALA LA 8 -28.59 -11.41 25.46
C ALA LA 8 -27.53 -10.53 24.82
N LEU LA 9 -26.92 -11.01 23.73
CA LEU LA 9 -25.92 -10.21 23.03
C LEU LA 9 -26.52 -8.94 22.45
N SER LA 10 -27.72 -9.06 21.87
CA SER LA 10 -28.43 -7.88 21.38
C SER LA 10 -28.71 -6.89 22.52
N ARG LA 11 -29.28 -7.38 23.62
CA ARG LA 11 -29.55 -6.53 24.77
C ARG LA 11 -28.27 -5.85 25.24
N LEU LA 12 -27.13 -6.52 25.11
CA LEU LA 12 -25.88 -5.95 25.57
C LEU LA 12 -25.32 -4.93 24.59
N LEU LA 13 -25.04 -5.34 23.37
CA LEU LA 13 -24.44 -4.44 22.39
C LEU LA 13 -25.37 -3.29 22.05
N PHE MA 1 -20.63 23.80 -34.71
CA PHE MA 1 -19.27 23.27 -34.66
C PHE MA 1 -19.09 22.22 -33.59
N LEU MA 2 -19.28 22.62 -32.34
CA LEU MA 2 -19.06 21.72 -31.20
C LEU MA 2 -19.87 20.44 -31.35
N GLY MA 3 -21.15 20.58 -31.71
CA GLY MA 3 -21.96 19.40 -31.96
C GLY MA 3 -21.39 18.52 -33.05
N ALA MA 4 -20.93 19.13 -34.14
CA ALA MA 4 -20.30 18.35 -35.20
C ALA MA 4 -19.04 17.66 -34.72
N LEU MA 5 -18.25 18.36 -33.89
CA LEU MA 5 -17.04 17.74 -33.34
C LEU MA 5 -17.39 16.50 -32.54
N PHE MA 6 -18.34 16.62 -31.62
CA PHE MA 6 -18.70 15.47 -30.79
C PHE MA 6 -19.32 14.36 -31.62
N ARG MA 7 -20.10 14.71 -32.64
CA ARG MA 7 -20.71 13.69 -33.50
C ARG MA 7 -19.65 12.93 -34.29
N ALA MA 8 -18.67 13.64 -34.85
CA ALA MA 8 -17.59 12.98 -35.57
C ALA MA 8 -16.76 12.12 -34.63
N LEU MA 9 -16.54 12.60 -33.40
CA LEU MA 9 -15.80 11.80 -32.42
C LEU MA 9 -16.57 10.53 -32.09
N SER MA 10 -17.89 10.61 -31.98
CA SER MA 10 -18.71 9.41 -31.81
C SER MA 10 -18.53 8.46 -32.99
N ARG MA 11 -18.69 8.97 -34.21
CA ARG MA 11 -18.57 8.12 -35.39
C ARG MA 11 -17.19 7.49 -35.46
N LEU MA 12 -16.18 8.12 -34.87
CA LEU MA 12 -14.85 7.54 -34.83
C LEU MA 12 -14.78 6.37 -33.85
N LEU MA 13 -15.03 6.63 -32.57
CA LEU MA 13 -14.95 5.58 -31.56
C LEU MA 13 -16.03 4.54 -31.74
N PHE NA 1 -22.38 1.55 -27.51
CA PHE NA 1 -22.78 2.33 -26.34
C PHE NA 1 -22.05 3.67 -26.30
N LEU NA 2 -20.73 3.62 -26.38
CA LEU NA 2 -19.93 4.84 -26.32
C LEU NA 2 -20.30 5.79 -27.45
N GLY NA 3 -20.49 5.25 -28.65
CA GLY NA 3 -20.97 6.07 -29.76
C GLY NA 3 -22.31 6.72 -29.46
N ALA NA 4 -23.21 5.97 -28.85
CA ALA NA 4 -24.50 6.54 -28.45
C ALA NA 4 -24.31 7.64 -27.43
N LEU NA 5 -23.40 7.44 -26.47
CA LEU NA 5 -23.12 8.47 -25.46
C LEU NA 5 -22.65 9.76 -26.13
N PHE NA 6 -21.65 9.66 -26.99
CA PHE NA 6 -21.13 10.86 -27.63
C PHE NA 6 -22.15 11.49 -28.58
N ARG NA 7 -22.99 10.69 -29.24
CA ARG NA 7 -24.04 11.26 -30.06
C ARG NA 7 -25.05 12.03 -29.21
N ALA NA 8 -25.41 11.49 -28.05
CA ALA NA 8 -26.31 12.22 -27.16
C ALA NA 8 -25.67 13.51 -26.68
N LEU NA 9 -24.38 13.47 -26.35
CA LEU NA 9 -23.69 14.69 -25.92
C LEU NA 9 -23.66 15.72 -27.03
N SER NA 10 -23.39 15.28 -28.26
CA SER NA 10 -23.44 16.19 -29.41
C SER NA 10 -24.81 16.81 -29.57
N ARG NA 11 -25.86 15.98 -29.57
CA ARG NA 11 -27.22 16.49 -29.70
C ARG NA 11 -27.52 17.49 -28.59
N LEU NA 12 -26.94 17.29 -27.41
CA LEU NA 12 -27.24 18.17 -26.28
C LEU NA 12 -26.48 19.49 -26.39
N LEU NA 13 -25.15 19.43 -26.42
CA LEU NA 13 -24.36 20.65 -26.44
C LEU NA 13 -24.53 21.40 -27.74
N PHE OA 1 -5.69 -18.70 -29.43
CA PHE OA 1 -4.49 -18.93 -28.64
C PHE OA 1 -4.72 -19.96 -27.55
N LEU OA 2 -5.61 -19.63 -26.61
CA LEU OA 2 -5.85 -20.48 -25.45
C LEU OA 2 -6.22 -21.90 -25.88
N GLY OA 3 -7.10 -22.01 -26.87
CA GLY OA 3 -7.44 -23.33 -27.39
C GLY OA 3 -6.23 -24.07 -27.92
N ALA OA 4 -5.38 -23.36 -28.66
CA ALA OA 4 -4.15 -23.99 -29.16
C ALA OA 4 -3.25 -24.40 -28.00
N LEU OA 5 -3.18 -23.58 -26.95
CA LEU OA 5 -2.38 -23.94 -25.79
C LEU OA 5 -2.85 -25.25 -25.19
N PHE OA 6 -4.15 -25.34 -24.92
CA PHE OA 6 -4.68 -26.55 -24.30
C PHE OA 6 -4.57 -27.74 -25.22
N ARG OA 7 -4.72 -27.55 -26.53
CA ARG OA 7 -4.60 -28.66 -27.47
C ARG OA 7 -3.16 -29.18 -27.52
N ALA OA 8 -2.19 -28.26 -27.55
CA ALA OA 8 -0.79 -28.67 -27.51
C ALA OA 8 -0.49 -29.41 -26.22
N LEU OA 9 -1.03 -28.92 -25.10
CA LEU OA 9 -0.84 -29.60 -23.82
C LEU OA 9 -1.43 -31.00 -23.85
N SER OA 10 -2.60 -31.16 -24.47
CA SER OA 10 -3.19 -32.48 -24.64
C SER OA 10 -2.28 -33.40 -25.43
N ARG OA 11 -1.85 -32.97 -26.62
CA ARG OA 11 -1.00 -33.83 -27.43
C ARG OA 11 0.28 -34.17 -26.70
N LEU OA 12 0.75 -33.29 -25.81
CA LEU OA 12 1.93 -33.59 -25.01
C LEU OA 12 1.65 -34.73 -24.03
N LEU OA 13 0.70 -34.53 -23.13
CA LEU OA 13 0.41 -35.55 -22.11
C LEU OA 13 -0.23 -36.79 -22.73
N PHE PA 1 -7.24 -40.92 -22.16
CA PHE PA 1 -8.31 -40.23 -21.45
C PHE PA 1 -7.94 -38.78 -21.17
N LEU PA 2 -6.78 -38.59 -20.54
CA LEU PA 2 -6.34 -37.24 -20.18
C LEU PA 2 -6.20 -36.36 -21.42
N GLY PA 3 -5.63 -36.92 -22.48
CA GLY PA 3 -5.56 -36.19 -23.74
C GLY PA 3 -6.93 -35.82 -24.25
N ALA PA 4 -7.90 -36.74 -24.13
CA ALA PA 4 -9.27 -36.42 -24.52
C ALA PA 4 -9.84 -35.30 -23.65
N LEU PA 5 -9.54 -35.34 -22.35
CA LEU PA 5 -10.01 -34.28 -21.46
C LEU PA 5 -9.50 -32.92 -21.91
N PHE PA 6 -8.19 -32.82 -22.13
CA PHE PA 6 -7.63 -31.53 -22.53
C PHE PA 6 -8.09 -31.12 -23.92
N ARG PA 7 -8.30 -32.06 -24.83
CA ARG PA 7 -8.84 -31.71 -26.14
C ARG PA 7 -10.26 -31.15 -26.01
N ALA PA 8 -11.09 -31.77 -25.18
CA ALA PA 8 -12.44 -31.25 -24.96
C ALA PA 8 -12.40 -29.88 -24.32
N LEU PA 9 -11.51 -29.68 -23.36
CA LEU PA 9 -11.40 -28.38 -22.71
C LEU PA 9 -10.94 -27.31 -23.70
N SER PA 10 -9.98 -27.65 -24.57
CA SER PA 10 -9.56 -26.74 -25.63
C SER PA 10 -10.73 -26.40 -26.54
N ARG PA 11 -11.43 -27.42 -27.04
CA ARG PA 11 -12.58 -27.18 -27.90
C ARG PA 11 -13.60 -26.29 -27.20
N LEU PA 12 -13.70 -26.39 -25.88
CA LEU PA 12 -14.67 -25.59 -25.16
C LEU PA 12 -14.20 -24.16 -24.95
N LEU PA 13 -13.08 -23.98 -24.27
CA LEU PA 13 -12.57 -22.65 -23.96
C LEU PA 13 -12.21 -21.88 -25.22
N PHE QA 1 -14.39 42.37 16.04
CA PHE QA 1 -14.99 41.59 14.97
C PHE QA 1 -14.51 40.16 14.94
N LEU QA 2 -13.20 39.99 14.72
CA LEU QA 2 -12.62 38.66 14.59
C LEU QA 2 -12.94 37.78 15.78
N GLY QA 3 -12.79 38.33 16.99
CA GLY QA 3 -13.16 37.59 18.18
C GLY QA 3 -14.62 37.19 18.18
N ALA QA 4 -15.51 38.11 17.78
CA ALA QA 4 -16.92 37.77 17.67
C ALA QA 4 -17.15 36.69 16.63
N LEU QA 5 -16.42 36.75 15.51
CA LEU QA 5 -16.58 35.72 14.48
C LEU QA 5 -16.23 34.35 15.06
N PHE QA 6 -15.07 34.24 15.71
CA PHE QA 6 -14.66 32.95 16.26
C PHE QA 6 -15.59 32.50 17.37
N ARG QA 7 -16.11 33.43 18.17
CA ARG QA 7 -17.03 33.06 19.24
C ARG QA 7 -18.34 32.52 18.68
N ALA QA 8 -18.87 33.17 17.64
CA ALA QA 8 -20.08 32.68 16.99
C ALA QA 8 -19.84 31.30 16.38
N LEU QA 9 -18.68 31.12 15.76
CA LEU QA 9 -18.34 29.82 15.19
C LEU QA 9 -18.27 28.76 16.26
N SER QA 10 -17.71 29.12 17.42
CA SER QA 10 -17.70 28.20 18.56
C SER QA 10 -19.12 27.82 18.97
N ARG QA 11 -19.98 28.80 19.21
CA ARG QA 11 -21.33 28.48 19.66
C ARG QA 11 -22.06 27.64 18.62
N LEU QA 12 -21.71 27.81 17.34
CA LEU QA 12 -22.34 27.01 16.29
C LEU QA 12 -21.91 25.54 16.40
N LEU QA 13 -20.62 25.27 16.30
CA LEU QA 13 -20.14 23.89 16.35
C LEU QA 13 -20.31 23.30 17.74
N PHE RA 1 -15.56 20.24 23.70
CA PHE RA 1 -14.12 20.50 23.56
C PHE RA 1 -13.86 21.48 22.43
N LEU RA 2 -14.39 21.17 21.24
CA LEU RA 2 -14.17 22.03 20.09
C LEU RA 2 -14.69 23.43 20.34
N GLY RA 3 -15.87 23.54 20.94
CA GLY RA 3 -16.38 24.85 21.32
C GLY RA 3 -15.44 25.57 22.27
N ALA RA 4 -14.87 24.84 23.23
CA ALA RA 4 -13.89 25.44 24.13
C ALA RA 4 -12.66 25.91 23.36
N LEU RA 5 -12.21 25.11 22.40
CA LEU RA 5 -11.07 25.51 21.57
C LEU RA 5 -11.34 26.82 20.86
N PHE RA 6 -12.48 26.90 20.18
CA PHE RA 6 -12.77 28.11 19.43
C PHE RA 6 -13.03 29.31 20.35
N ARG RA 7 -13.60 29.08 21.53
CA ARG RA 7 -13.77 30.18 22.47
C ARG RA 7 -12.41 30.70 22.95
N ALA RA 8 -11.48 29.78 23.26
CA ALA RA 8 -10.15 30.21 23.67
C ALA RA 8 -9.45 30.97 22.55
N LEU RA 9 -9.58 30.48 21.32
CA LEU RA 9 -8.99 31.17 20.18
C LEU RA 9 -9.59 32.56 19.99
N SER RA 10 -10.91 32.68 20.15
CA SER RA 10 -11.56 33.98 20.08
C SER RA 10 -11.03 34.91 21.15
N ARG RA 11 -11.03 34.48 22.41
CA ARG RA 11 -10.52 35.30 23.49
C ARG RA 11 -9.07 35.70 23.26
N LEU RA 12 -8.32 34.86 22.55
CA LEU RA 12 -6.92 35.20 22.26
C LEU RA 12 -6.81 36.19 21.11
N LEU RA 13 -7.30 35.82 19.93
CA LEU RA 13 -7.18 36.67 18.75
C LEU RA 13 -7.91 37.99 18.93
N PHE SA 1 31.92 -10.20 9.51
CA PHE SA 1 30.85 -10.22 10.50
C PHE SA 1 30.13 -11.55 10.54
N LEU SA 2 29.49 -11.91 9.43
CA LEU SA 2 28.69 -13.12 9.38
C LEU SA 2 29.50 -14.33 9.78
N GLY SA 3 30.73 -14.43 9.25
CA GLY SA 3 31.61 -15.52 9.65
C GLY SA 3 31.87 -15.53 11.14
N ALA SA 4 32.12 -14.36 11.72
CA ALA SA 4 32.33 -14.28 13.16
C ALA SA 4 31.07 -14.69 13.93
N LEU SA 5 29.90 -14.30 13.43
CA LEU SA 5 28.66 -14.70 14.08
C LEU SA 5 28.52 -16.21 14.11
N PHE SA 6 28.71 -16.85 12.96
CA PHE SA 6 28.57 -18.30 12.90
C PHE SA 6 29.66 -18.99 13.72
N ARG SA 7 30.86 -18.41 13.76
CA ARG SA 7 31.94 -19.01 14.55
C ARG SA 7 31.63 -18.94 16.03
N ALA SA 8 31.14 -17.79 16.51
CA ALA SA 8 30.76 -17.68 17.90
C ALA SA 8 29.62 -18.63 18.23
N LEU SA 9 28.66 -18.77 17.31
CA LEU SA 9 27.57 -19.70 17.53
C LEU SA 9 28.09 -21.14 17.63
N SER SA 10 29.06 -21.49 16.79
CA SER SA 10 29.70 -22.80 16.89
C SER SA 10 30.36 -23.00 18.24
N ARG SA 11 31.20 -22.06 18.65
CA ARG SA 11 31.91 -22.19 19.92
C ARG SA 11 30.91 -22.30 21.07
N LEU SA 12 29.75 -21.68 20.92
CA LEU SA 12 28.72 -21.76 21.96
C LEU SA 12 28.13 -23.16 22.02
N LEU SA 13 27.56 -23.64 20.92
CA LEU SA 13 26.91 -24.95 20.91
C LEU SA 13 27.92 -26.07 21.08
N PHE TA 1 30.52 -32.43 16.70
CA PHE TA 1 30.10 -32.46 15.30
C PHE TA 1 29.40 -31.17 14.92
N LEU TA 2 28.39 -30.80 15.71
CA LEU TA 2 27.63 -29.59 15.41
C LEU TA 2 28.53 -28.36 15.39
N GLY TA 3 29.43 -28.27 16.37
CA GLY TA 3 30.41 -27.19 16.35
C GLY TA 3 31.25 -27.20 15.10
N ALA TA 4 31.66 -28.40 14.66
CA ALA TA 4 32.42 -28.50 13.41
C ALA TA 4 31.57 -28.03 12.23
N LEU TA 5 30.28 -28.39 12.22
CA LEU TA 5 29.40 -27.96 11.16
C LEU TA 5 29.34 -26.44 11.08
N PHE TA 6 29.06 -25.79 12.21
CA PHE TA 6 28.96 -24.34 12.19
C PHE TA 6 30.30 -23.67 11.89
N ARG TA 7 31.41 -24.26 12.34
CA ARG TA 7 32.71 -23.71 11.97
C ARG TA 7 32.96 -23.79 10.47
N ALA TA 8 32.61 -24.92 9.86
CA ALA TA 8 32.76 -25.04 8.41
C ALA TA 8 31.86 -24.06 7.68
N LEU TA 9 30.63 -23.89 8.17
CA LEU TA 9 29.71 -22.94 7.55
C LEU TA 9 30.24 -21.52 7.66
N SER TA 10 30.79 -21.16 8.83
CA SER TA 10 31.42 -19.87 8.99
C SER TA 10 32.58 -19.69 8.02
N ARG TA 11 33.48 -20.66 7.97
CA ARG TA 11 34.61 -20.60 7.05
C ARG TA 11 34.13 -20.44 5.62
N LEU TA 12 32.96 -21.00 5.30
CA LEU TA 12 32.44 -20.92 3.94
C LEU TA 12 31.79 -19.57 3.67
N LEU TA 13 30.74 -19.24 4.42
CA LEU TA 13 30.00 -18.01 4.19
C LEU TA 13 30.87 -16.78 4.45
N PHE UA 1 34.57 34.12 -6.65
CA PHE UA 1 33.55 34.07 -5.59
C PHE UA 1 32.84 32.74 -5.54
N LEU UA 2 32.14 32.41 -6.63
CA LEU UA 2 31.33 31.19 -6.67
C LEU UA 2 32.16 29.97 -6.31
N GLY UA 3 33.36 29.86 -6.89
CA GLY UA 3 34.24 28.77 -6.55
C GLY UA 3 34.58 28.74 -5.07
N ALA UA 4 34.87 29.91 -4.49
CA ALA UA 4 35.13 29.98 -3.06
C ALA UA 4 33.91 29.56 -2.25
N LEU UA 5 32.72 29.96 -2.70
CA LEU UA 5 31.50 29.57 -1.99
C LEU UA 5 31.36 28.06 -1.97
N PHE UA 6 31.49 27.42 -3.14
CA PHE UA 6 31.35 25.97 -3.19
C PHE UA 6 32.46 25.27 -2.43
N ARG UA 7 33.67 25.82 -2.44
CA ARG UA 7 34.77 25.21 -1.71
C ARG UA 7 34.54 25.29 -0.20
N ALA UA 8 34.06 26.44 0.28
CA ALA UA 8 33.74 26.56 1.70
C ALA UA 8 32.61 25.61 2.09
N LEU UA 9 31.60 25.49 1.23
CA LEU UA 9 30.52 24.56 1.51
C LEU UA 9 31.04 23.12 1.56
N SER UA 10 32.01 22.81 0.70
CA SER UA 10 32.65 21.50 0.76
C SER UA 10 33.37 21.30 2.08
N ARG UA 11 34.23 22.23 2.46
CA ARG UA 11 34.99 22.05 3.68
C ARG UA 11 34.07 21.94 4.88
N LEU UA 12 32.92 22.60 4.81
CA LEU UA 12 31.95 22.53 5.91
C LEU UA 12 31.32 21.14 6.00
N LEU UA 13 30.70 20.67 4.93
CA LEU UA 13 30.08 19.36 4.93
C LEU UA 13 31.12 18.25 5.02
N PHE VA 1 33.52 11.86 0.47
CA PHE VA 1 32.95 11.80 -0.86
C PHE VA 1 32.24 13.09 -1.21
N LEU VA 2 31.28 13.47 -0.37
CA LEU VA 2 30.50 14.68 -0.62
C LEU VA 2 31.40 15.91 -0.67
N GLY VA 3 32.35 16.00 0.26
CA GLY VA 3 33.32 17.08 0.20
C GLY VA 3 34.11 17.07 -1.09
N ALA VA 4 34.50 15.87 -1.56
CA ALA VA 4 35.18 15.78 -2.85
C ALA VA 4 34.27 16.25 -3.97
N LEU VA 5 32.98 15.90 -3.91
CA LEU VA 5 32.03 16.34 -4.92
C LEU VA 5 31.98 17.86 -5.00
N PHE VA 6 31.78 18.50 -3.85
CA PHE VA 6 31.68 19.96 -3.87
C PHE VA 6 33.01 20.62 -4.22
N ARG VA 7 34.14 20.02 -3.83
CA ARG VA 7 35.43 20.56 -4.26
C ARG VA 7 35.58 20.49 -5.77
N ALA VA 8 35.19 19.37 -6.38
CA ALA VA 8 35.27 19.26 -7.84
C ALA VA 8 34.34 20.26 -8.50
N LEU VA 9 33.15 20.44 -7.96
CA LEU VA 9 32.21 21.40 -8.53
C LEU VA 9 32.75 22.82 -8.43
N SER VA 10 33.36 23.15 -7.29
CA SER VA 10 34.02 24.44 -7.14
C SER VA 10 35.13 24.62 -8.17
N ARG VA 11 36.02 23.64 -8.28
CA ARG VA 11 37.10 23.71 -9.25
C ARG VA 11 36.54 23.90 -10.66
N LEU VA 12 35.38 23.33 -10.93
CA LEU VA 12 34.79 23.43 -12.27
C LEU VA 12 34.15 24.79 -12.50
N LEU VA 13 33.15 25.14 -11.69
CA LEU VA 13 32.42 26.39 -11.90
C LEU VA 13 33.31 27.59 -11.65
N PHE WA 1 -18.13 -2.56 30.26
CA PHE WA 1 -18.70 -3.31 29.14
C PHE WA 1 -18.22 -4.75 29.12
N LEU WA 2 -16.91 -4.92 28.96
CA LEU WA 2 -16.32 -6.26 28.87
C LEU WA 2 -16.71 -7.10 30.08
N GLY WA 3 -16.61 -6.53 31.27
CA GLY WA 3 -17.04 -7.26 32.45
C GLY WA 3 -18.49 -7.68 32.39
N ALA WA 4 -19.36 -6.77 31.95
CA ALA WA 4 -20.77 -7.11 31.79
C ALA WA 4 -20.95 -8.21 30.75
N LEU WA 5 -20.19 -8.16 29.66
CA LEU WA 5 -20.29 -9.19 28.63
C LEU WA 5 -19.95 -10.55 29.22
N PHE WA 6 -18.80 -10.65 29.89
CA PHE WA 6 -18.39 -11.93 30.45
C PHE WA 6 -19.33 -12.39 31.56
N ARG WA 7 -19.90 -11.46 32.33
CA ARG WA 7 -20.84 -11.86 33.37
C ARG WA 7 -22.13 -12.41 32.78
N ALA WA 8 -22.63 -11.77 31.72
CA ALA WA 8 -23.81 -12.30 31.05
C ALA WA 8 -23.54 -13.66 30.45
N LEU WA 9 -22.35 -13.83 29.86
CA LEU WA 9 -21.97 -15.12 29.29
C LEU WA 9 -21.90 -16.18 30.39
N SER WA 10 -21.38 -15.81 31.55
CA SER WA 10 -21.40 -16.71 32.70
C SER WA 10 -22.83 -17.13 33.07
N ARG WA 11 -23.71 -16.16 33.26
CA ARG WA 11 -25.07 -16.50 33.67
C ARG WA 11 -25.75 -17.37 32.61
N LEU WA 12 -25.36 -17.20 31.34
CA LEU WA 12 -25.94 -18.03 30.28
C LEU WA 12 -25.51 -19.48 30.41
N LEU WA 13 -24.21 -19.73 30.39
CA LEU WA 13 -23.70 -21.10 30.46
C LEU WA 13 -23.92 -21.72 31.83
N PHE XA 1 -19.38 -24.65 37.88
CA PHE XA 1 -17.95 -24.38 37.80
C PHE XA 1 -17.64 -23.40 36.68
N LEU XA 2 -18.12 -23.72 35.47
CA LEU XA 2 -17.86 -22.85 34.33
C LEU XA 2 -18.42 -21.45 34.56
N GLY XA 3 -19.63 -21.37 35.11
CA GLY XA 3 -20.17 -20.06 35.48
C GLY XA 3 -19.28 -19.32 36.46
N ALA XA 4 -18.73 -20.04 37.44
CA ALA XA 4 -17.80 -19.42 38.36
C ALA XA 4 -16.55 -18.94 37.64
N LEU XA 5 -16.06 -19.73 36.69
CA LEU XA 5 -14.88 -19.33 35.93
C LEU XA 5 -15.13 -18.02 35.20
N PHE XA 6 -16.24 -17.94 34.46
CA PHE XA 6 -16.52 -16.73 33.71
C PHE XA 6 -16.82 -15.55 34.64
N ARG XA 7 -17.45 -15.79 35.79
CA ARG XA 7 -17.66 -14.70 36.73
C ARG XA 7 -16.33 -14.16 37.25
N ALA XA 8 -15.40 -15.06 37.60
CA ALA XA 8 -14.09 -14.61 38.07
C ALA XA 8 -13.36 -13.85 36.98
N LEU XA 9 -13.43 -14.35 35.74
CA LEU XA 9 -12.76 -13.68 34.64
C LEU XA 9 -13.34 -12.30 34.39
N SER XA 10 -14.67 -12.18 34.46
CA SER XA 10 -15.31 -10.88 34.35
C SER XA 10 -14.84 -9.95 35.46
N ARG XA 11 -14.89 -10.41 36.71
CA ARG XA 11 -14.43 -9.60 37.83
C ARG XA 11 -12.98 -9.16 37.60
N LEU XA 12 -12.18 -9.99 36.93
CA LEU XA 12 -10.79 -9.65 36.69
C LEU XA 12 -10.64 -8.64 35.56
N LEU XA 13 -11.09 -9.00 34.36
CA LEU XA 13 -10.91 -8.13 33.19
C LEU XA 13 -11.69 -6.83 33.35
N PHE YA 1 -4.47 26.19 -43.91
CA PHE YA 1 -3.26 25.98 -43.13
C PHE YA 1 -3.45 24.98 -42.02
N LEU YA 2 -4.30 25.32 -41.05
CA LEU YA 2 -4.52 24.47 -39.89
C LEU YA 2 -4.95 23.07 -40.31
N GLY YA 3 -5.89 22.99 -41.25
CA GLY YA 3 -6.29 21.70 -41.76
C GLY YA 3 -5.15 20.94 -42.38
N ALA YA 4 -4.31 21.62 -43.17
CA ALA YA 4 -3.13 20.99 -43.73
C ALA YA 4 -2.18 20.52 -42.64
N LEU YA 5 -2.04 21.32 -41.58
CA LEU YA 5 -1.16 20.91 -40.48
C LEU YA 5 -1.64 19.62 -39.86
N PHE YA 6 -2.92 19.55 -39.52
CA PHE YA 6 -3.43 18.34 -38.88
C PHE YA 6 -3.39 17.15 -39.84
N ARG YA 7 -3.61 17.39 -41.13
CA ARG YA 7 -3.55 16.31 -42.10
C ARG YA 7 -2.14 15.75 -42.23
N ALA YA 8 -1.15 16.63 -42.29
CA ALA YA 8 0.24 16.17 -42.35
C ALA YA 8 0.63 15.44 -41.07
N LEU YA 9 0.16 15.94 -39.92
CA LEU YA 9 0.43 15.26 -38.66
C LEU YA 9 -0.18 13.87 -38.65
N SER YA 10 -1.40 13.73 -39.19
CA SER YA 10 -1.99 12.41 -39.36
C SER YA 10 -1.13 11.51 -40.23
N ARG YA 11 -0.75 12.00 -41.42
CA ARG YA 11 0.07 11.19 -42.31
C ARG YA 11 1.38 10.78 -41.66
N LEU YA 12 1.88 11.59 -40.72
CA LEU YA 12 3.09 11.24 -40.00
C LEU YA 12 2.84 10.10 -39.02
N LEU YA 13 1.96 10.32 -38.05
CA LEU YA 13 1.69 9.33 -37.02
C LEU YA 13 0.99 8.11 -37.60
N PHE ZA 1 -6.04 3.99 -36.76
CA PHE ZA 1 -7.07 4.67 -36.00
C PHE ZA 1 -6.68 6.11 -35.72
N LEU ZA 2 -5.49 6.28 -35.13
CA LEU ZA 2 -5.01 7.62 -34.77
C LEU ZA 2 -4.93 8.52 -36.01
N GLY ZA 3 -4.42 7.98 -37.12
CA GLY ZA 3 -4.41 8.74 -38.35
C GLY ZA 3 -5.81 9.15 -38.78
N ALA ZA 4 -6.78 8.25 -38.65
CA ALA ZA 4 -8.16 8.60 -38.96
C ALA ZA 4 -8.67 9.70 -38.02
N LEU ZA 5 -8.32 9.61 -36.74
CA LEU ZA 5 -8.70 10.67 -35.80
C LEU ZA 5 -8.19 12.02 -36.27
N PHE ZA 6 -6.88 12.11 -36.54
CA PHE ZA 6 -6.32 13.39 -36.94
C PHE ZA 6 -6.83 13.85 -38.29
N ARG ZA 7 -7.16 12.92 -39.20
CA ARG ZA 7 -7.76 13.33 -40.48
C ARG ZA 7 -9.16 13.90 -40.28
N ALA ZA 8 -9.96 13.28 -39.41
CA ALA ZA 8 -11.28 13.83 -39.11
C ALA ZA 8 -11.16 15.21 -38.49
N LEU ZA 9 -10.22 15.37 -37.56
CA LEU ZA 9 -10.00 16.68 -36.95
C LEU ZA 9 -9.56 17.70 -38.01
N SER ZA 10 -8.69 17.29 -38.92
CA SER ZA 10 -8.27 18.16 -40.02
C SER ZA 10 -9.45 18.62 -40.84
N ARG ZA 11 -10.28 17.69 -41.32
CA ARG ZA 11 -11.42 18.07 -42.14
C ARG ZA 11 -12.39 18.96 -41.38
N LEU ZA 12 -12.51 18.75 -40.06
CA LEU ZA 12 -13.43 19.55 -39.28
C LEU ZA 12 -12.91 20.97 -39.07
N LEU ZA 13 -11.72 21.11 -38.52
CA LEU ZA 13 -11.16 22.43 -38.22
C LEU ZA 13 -10.82 23.18 -39.50
N PHE AB 1 -22.15 -21.34 -20.79
CA PHE AB 1 -20.79 -21.81 -20.66
C PHE AB 1 -20.63 -22.86 -19.57
N LEU AB 2 -20.87 -22.44 -18.33
CA LEU AB 2 -20.65 -23.32 -17.18
C LEU AB 2 -21.44 -24.62 -17.32
N GLY AB 3 -22.71 -24.50 -17.68
CA GLY AB 3 -23.52 -25.70 -17.92
C GLY AB 3 -22.92 -26.58 -19.00
N ALA AB 4 -22.44 -25.97 -20.08
CA ALA AB 4 -21.77 -26.73 -21.12
C ALA AB 4 -20.50 -27.38 -20.60
N LEU AB 5 -19.77 -26.68 -19.73
CA LEU AB 5 -18.56 -27.27 -19.14
C LEU AB 5 -18.91 -28.53 -18.37
N PHE AB 6 -19.88 -28.45 -17.46
CA PHE AB 6 -20.27 -29.63 -16.70
C PHE AB 6 -20.84 -30.73 -17.58
N ARG AB 7 -21.56 -30.37 -18.64
CA ARG AB 7 -22.13 -31.39 -19.52
C ARG AB 7 -21.02 -32.13 -20.27
N ALA AB 8 -20.03 -31.38 -20.77
CA ALA AB 8 -18.89 -32.00 -21.43
C ALA AB 8 -18.14 -32.90 -20.46
N LEU AB 9 -17.96 -32.45 -19.23
CA LEU AB 9 -17.29 -33.24 -18.21
C LEU AB 9 -18.06 -34.53 -17.94
N SER AB 10 -19.39 -34.45 -17.90
CA SER AB 10 -20.21 -35.64 -17.78
C SER AB 10 -19.99 -36.61 -18.92
N ARG AB 11 -20.11 -36.13 -20.17
CA ARG AB 11 -19.93 -37.03 -21.30
C ARG AB 11 -18.54 -37.64 -21.30
N LEU AB 12 -17.55 -36.93 -20.75
CA LEU AB 12 -16.21 -37.49 -20.65
C LEU AB 12 -16.17 -38.64 -19.65
N LEU AB 13 -16.53 -38.38 -18.40
CA LEU AB 13 -16.48 -39.41 -17.36
C LEU AB 13 -17.56 -40.46 -17.57
N PHE BB 1 -23.99 -43.45 -13.84
CA PHE BB 1 -24.34 -42.78 -12.59
C PHE BB 1 -23.65 -41.42 -12.49
N LEU BB 2 -22.31 -41.45 -12.52
CA LEU BB 2 -21.55 -40.21 -12.41
C LEU BB 2 -21.89 -39.26 -13.54
N GLY BB 3 -22.01 -39.79 -14.76
CA GLY BB 3 -22.47 -38.99 -15.88
C GLY BB 3 -23.83 -38.36 -15.61
N ALA BB 4 -24.74 -39.14 -15.02
CA ALA BB 4 -26.03 -38.59 -14.63
C ALA BB 4 -25.86 -37.48 -13.59
N LEU BB 5 -24.94 -37.67 -12.65
CA LEU BB 5 -24.69 -36.65 -11.64
C LEU BB 5 -24.27 -35.34 -12.29
N PHE BB 6 -23.26 -35.40 -13.15
CA PHE BB 6 -22.77 -34.16 -13.76
C PHE BB 6 -23.79 -33.57 -14.74
N ARG BB 7 -24.57 -34.41 -15.42
CA ARG BB 7 -25.63 -33.87 -16.27
C ARG BB 7 -26.67 -33.13 -15.46
N ALA BB 8 -27.08 -33.68 -14.32
CA ALA BB 8 -28.04 -33.00 -13.46
C ALA BB 8 -27.45 -31.70 -12.92
N LEU BB 9 -26.19 -31.73 -12.53
CA LEU BB 9 -25.54 -30.53 -12.01
C LEU BB 9 -25.47 -29.44 -13.08
N SER BB 10 -25.14 -29.84 -14.32
CA SER BB 10 -25.15 -28.90 -15.43
C SER BB 10 -26.54 -28.32 -15.65
N ARG BB 11 -27.56 -29.18 -15.75
CA ARG BB 11 -28.92 -28.72 -15.93
C ARG BB 11 -29.31 -27.74 -14.84
N LEU BB 12 -28.80 -27.95 -13.62
CA LEU BB 12 -29.16 -27.09 -12.50
C LEU BB 12 -28.38 -25.79 -12.51
N LEU BB 13 -27.05 -25.88 -12.48
CA LEU BB 13 -26.21 -24.71 -12.30
C LEU BB 13 -26.13 -23.88 -13.58
N PHE CB 1 -26.73 44.97 2.13
CA PHE CB 1 -26.59 44.15 0.94
C PHE CB 1 -25.95 42.82 1.24
N LEU CB 2 -24.69 42.86 1.70
CA LEU CB 2 -23.93 41.64 1.94
C LEU CB 2 -24.65 40.73 2.91
N GLY CB 3 -25.15 41.30 4.02
CA GLY CB 3 -25.92 40.51 4.96
C GLY CB 3 -27.13 39.87 4.30
N ALA CB 4 -27.86 40.64 3.49
CA ALA CB 4 -28.99 40.07 2.76
C ALA CB 4 -28.54 38.98 1.81
N LEU CB 5 -27.35 39.14 1.21
CA LEU CB 5 -26.84 38.12 0.30
C LEU CB 5 -26.64 36.81 1.04
N PHE CB 6 -25.91 36.85 2.17
CA PHE CB 6 -25.66 35.63 2.90
C PHE CB 6 -26.95 35.05 3.48
N ARG CB 7 -27.89 35.92 3.87
CA ARG CB 7 -29.17 35.45 4.40
C ARG CB 7 -29.98 34.71 3.33
N ALA CB 8 -30.03 35.26 2.11
CA ALA CB 8 -30.71 34.58 1.03
C ALA CB 8 -30.03 33.27 0.69
N LEU CB 9 -28.69 33.27 0.70
CA LEU CB 9 -27.96 32.06 0.41
C LEU CB 9 -28.24 30.98 1.45
N SER CB 10 -28.35 31.38 2.72
CA SER CB 10 -28.79 30.45 3.75
C SER CB 10 -30.18 29.91 3.45
N ARG CB 11 -31.15 30.80 3.21
CA ARG CB 11 -32.51 30.36 2.96
C ARG CB 11 -32.57 29.39 1.78
N LEU CB 12 -31.65 29.53 0.83
CA LEU CB 12 -31.63 28.63 -0.32
C LEU CB 12 -31.10 27.26 0.10
N LEU CB 13 -29.88 27.22 0.63
CA LEU CB 13 -29.28 25.95 1.04
C LEU CB 13 -29.99 25.38 2.25
N PHE DB 1 -28.36 23.01 9.80
CA PHE DB 1 -27.08 23.44 10.36
C PHE DB 1 -26.41 24.46 9.43
N LEU DB 2 -26.24 24.07 8.17
CA LEU DB 2 -25.60 24.96 7.20
C LEU DB 2 -26.36 26.27 7.07
N GLY DB 3 -27.69 26.19 7.02
CA GLY DB 3 -28.49 27.40 7.03
C GLY DB 3 -28.25 28.25 8.25
N ALA DB 4 -28.13 27.61 9.42
CA ALA DB 4 -27.81 28.35 10.63
C ALA DB 4 -26.43 29.01 10.53
N LEU DB 5 -25.46 28.29 9.97
CA LEU DB 5 -24.13 28.86 9.80
C LEU DB 5 -24.19 30.12 8.94
N PHE DB 6 -24.84 30.03 7.78
CA PHE DB 6 -24.88 31.18 6.88
C PHE DB 6 -25.72 32.31 7.47
N ARG DB 7 -26.77 32.00 8.25
CA ARG DB 7 -27.52 33.06 8.91
C ARG DB 7 -26.65 33.79 9.94
N ALA DB 8 -25.86 33.03 10.71
CA ALA DB 8 -24.97 33.66 11.68
C ALA DB 8 -23.94 34.53 10.97
N LEU DB 9 -23.39 34.03 9.86
CA LEU DB 9 -22.42 34.81 9.10
C LEU DB 9 -23.06 36.09 8.55
N SER DB 10 -24.29 35.99 8.05
CA SER DB 10 -25.02 37.16 7.59
C SER DB 10 -25.19 38.18 8.71
N ARG DB 11 -25.73 37.73 9.85
CA ARG DB 11 -25.93 38.63 10.98
C ARG DB 11 -24.62 39.26 11.43
N LEU DB 12 -23.50 38.57 11.23
CA LEU DB 12 -22.21 39.11 11.61
C LEU DB 12 -21.71 40.14 10.59
N LEU DB 13 -21.49 39.71 9.36
CA LEU DB 13 -20.95 40.59 8.33
C LEU DB 13 -21.88 41.76 8.04
N PHE EB 1 30.10 -21.59 -5.49
CA PHE EB 1 29.66 -21.50 -4.10
C PHE EB 1 28.84 -22.71 -3.68
N LEU EB 2 27.69 -22.89 -4.34
CA LEU EB 2 26.79 -23.99 -4.00
C LEU EB 2 27.51 -25.33 -4.04
N GLY EB 3 28.28 -25.56 -5.11
CA GLY EB 3 29.06 -26.78 -5.19
C GLY EB 3 30.02 -26.93 -4.01
N ALA EB 4 30.69 -25.85 -3.65
CA ALA EB 4 31.58 -25.89 -2.49
C ALA EB 4 30.81 -26.17 -1.22
N LEU EB 5 29.63 -25.59 -1.07
CA LEU EB 5 28.80 -25.84 0.11
C LEU EB 5 28.47 -27.33 0.22
N PHE EB 6 27.96 -27.91 -0.86
CA PHE EB 6 27.61 -29.33 -0.82
C PHE EB 6 28.85 -30.21 -0.63
N ARG EB 7 29.98 -29.83 -1.20
CA ARG EB 7 31.19 -30.64 -1.04
C ARG EB 7 31.67 -30.61 0.41
N ALA EB 8 31.65 -29.42 1.02
CA ALA EB 8 32.03 -29.33 2.43
C ALA EB 8 31.06 -30.12 3.30
N LEU EB 9 29.77 -30.06 2.98
CA LEU EB 9 28.78 -30.83 3.72
C LEU EB 9 29.05 -32.32 3.59
N SER EB 10 29.44 -32.76 2.39
CA SER EB 10 29.83 -34.16 2.19
C SER EB 10 31.01 -34.54 3.07
N ARG EB 11 32.09 -33.76 3.01
CA ARG EB 11 33.27 -34.11 3.79
C ARG EB 11 32.95 -34.11 5.26
N LEU EB 12 31.97 -33.31 5.69
CA LEU EB 12 31.56 -33.32 7.08
C LEU EB 12 30.87 -34.63 7.44
N LEU EB 13 29.77 -34.96 6.77
CA LEU EB 13 29.02 -36.17 7.07
C LEU EB 13 29.80 -37.43 6.72
N PHE FB 1 28.94 -43.75 1.64
CA PHE FB 1 27.87 -43.64 0.67
C PHE FB 1 27.26 -42.24 0.66
N LEU FB 2 26.85 -41.78 1.84
CA LEU FB 2 26.24 -40.47 1.95
C LEU FB 2 27.20 -39.38 1.48
N GLY FB 3 28.47 -39.49 1.88
CA GLY FB 3 29.47 -38.58 1.36
C GLY FB 3 29.58 -38.63 -0.15
N ALA FB 4 29.51 -39.83 -0.72
CA ALA FB 4 29.50 -39.95 -2.18
C ALA FB 4 28.27 -39.28 -2.77
N LEU FB 5 27.11 -39.44 -2.13
CA LEU FB 5 25.89 -38.80 -2.61
C LEU FB 5 26.06 -37.29 -2.67
N PHE FB 6 26.50 -36.69 -1.56
CA PHE FB 6 26.64 -35.24 -1.56
C PHE FB 6 27.76 -34.77 -2.50
N ARG FB 7 28.82 -35.55 -2.66
CA ARG FB 7 29.85 -35.19 -3.63
C ARG FB 7 29.29 -35.19 -5.05
N ALA FB 8 28.50 -36.21 -5.40
CA ALA FB 8 27.88 -36.24 -6.71
C ALA FB 8 26.91 -35.08 -6.90
N LEU FB 9 26.14 -34.77 -5.86
CA LEU FB 9 25.21 -33.65 -5.95
C LEU FB 9 25.94 -32.33 -6.15
N SER FB 10 27.05 -32.13 -5.42
CA SER FB 10 27.88 -30.96 -5.63
C SER FB 10 28.40 -30.90 -7.06
N ARG FB 11 28.99 -32.00 -7.53
CA ARG FB 11 29.50 -32.05 -8.90
C ARG FB 11 28.41 -31.71 -9.90
N LEU FB 12 27.17 -32.09 -9.59
CA LEU FB 12 26.07 -31.83 -10.51
C LEU FB 12 25.57 -30.40 -10.44
N LEU FB 13 25.12 -29.97 -9.26
CA LEU FB 13 24.55 -28.63 -9.11
C LEU FB 13 25.61 -27.56 -9.34
N PHE GB 1 27.68 45.41 6.70
CA PHE GB 1 26.30 45.21 7.11
C PHE GB 1 25.85 43.77 6.91
N LEU GB 2 25.83 43.34 5.65
CA LEU GB 2 25.33 42.01 5.30
C LEU GB 2 26.08 40.93 6.09
N GLY GB 3 27.40 41.04 6.15
CA GLY GB 3 28.17 40.11 6.95
C GLY GB 3 27.76 40.14 8.40
N ALA GB 4 27.57 41.33 8.95
CA ALA GB 4 27.08 41.45 10.33
C ALA GB 4 25.70 40.82 10.46
N LEU GB 5 24.85 40.98 9.45
CA LEU GB 5 23.52 40.38 9.52
C LEU GB 5 23.61 38.87 9.62
N PHE GB 6 24.38 38.25 8.73
CA PHE GB 6 24.49 36.80 8.77
C PHE GB 6 25.17 36.31 10.04
N ARG GB 7 26.13 37.08 10.55
CA ARG GB 7 26.80 36.68 11.80
C ARG GB 7 25.84 36.74 12.97
N ALA GB 8 25.00 37.78 13.04
CA ALA GB 8 24.02 37.87 14.10
C ALA GB 8 23.00 36.75 14.00
N LEU GB 9 22.58 36.43 12.78
CA LEU GB 9 21.66 35.32 12.58
C LEU GB 9 22.29 34.00 13.01
N SER GB 10 23.58 33.85 12.75
CA SER GB 10 24.31 32.69 13.24
C SER GB 10 24.28 32.61 14.76
N ARG GB 11 24.68 33.69 15.44
CA ARG GB 11 24.73 33.64 16.89
C ARG GB 11 23.34 33.38 17.46
N LEU GB 12 22.30 33.80 16.74
CA LEU GB 12 20.94 33.54 17.18
C LEU GB 12 20.60 32.05 17.10
N LEU GB 13 20.65 31.48 15.90
CA LEU GB 13 20.33 30.07 15.73
C LEU GB 13 21.36 29.16 16.38
N PHE HB 1 26.71 23.40 14.16
CA PHE HB 1 26.86 23.20 12.73
C PHE HB 1 26.23 24.34 11.96
N LEU HB 2 24.93 24.56 12.20
CA LEU HB 2 24.21 25.63 11.51
C LEU HB 2 24.83 26.98 11.79
N GLY HB 3 25.19 27.23 13.04
CA GLY HB 3 25.91 28.45 13.38
C GLY HB 3 27.21 28.57 12.61
N ALA HB 4 27.94 27.46 12.48
CA ALA HB 4 29.16 27.48 11.69
C ALA HB 4 28.85 27.78 10.23
N LEU HB 5 27.77 27.22 9.70
CA LEU HB 5 27.37 27.50 8.32
C LEU HB 5 27.15 28.99 8.12
N PHE HB 6 26.33 29.59 8.97
CA PHE HB 6 26.02 31.00 8.81
C PHE HB 6 27.23 31.88 9.07
N ARG HB 7 28.11 31.49 9.99
CA ARG HB 7 29.34 32.26 10.19
C ARG HB 7 30.23 32.22 8.95
N ALA HB 8 30.37 31.03 8.34
CA ALA HB 8 31.16 30.94 7.11
C ALA HB 8 30.53 31.77 6.00
N LEU HB 9 29.20 31.74 5.89
CA LEU HB 9 28.52 32.52 4.87
C LEU HB 9 28.73 34.02 5.11
N SER HB 10 28.66 34.45 6.36
CA SER HB 10 28.96 35.84 6.70
C SER HB 10 30.38 36.21 6.31
N ARG HB 11 31.35 35.41 6.74
CA ARG HB 11 32.75 35.66 6.41
C ARG HB 11 32.96 35.71 4.90
N LEU HB 12 32.13 34.99 4.15
CA LEU HB 12 32.26 35.00 2.69
C LEU HB 12 31.60 36.23 2.09
N LEU HB 13 30.31 36.40 2.31
CA LEU HB 13 29.55 37.47 1.69
C LEU HB 13 30.02 38.84 2.18
N PHE IB 1 -1.35 -7.93 36.97
CA PHE IB 1 -2.50 -8.48 36.25
C PHE IB 1 -2.34 -9.97 35.98
N LEU IB 2 -1.32 -10.30 35.20
CA LEU IB 2 -1.06 -11.70 34.85
C LEU IB 2 -0.95 -12.57 36.09
N GLY IB 3 -0.20 -12.10 37.09
CA GLY IB 3 -0.13 -12.83 38.35
C GLY IB 3 -1.48 -13.02 38.99
N ALA IB 4 -2.30 -11.97 38.99
CA ALA IB 4 -3.65 -12.08 39.52
C ALA IB 4 -4.48 -13.07 38.73
N LEU IB 5 -4.33 -13.08 37.41
CA LEU IB 5 -5.07 -14.03 36.58
C LEU IB 5 -4.70 -15.45 36.96
N PHE IB 6 -3.41 -15.75 37.03
CA PHE IB 6 -2.99 -17.11 37.36
C PHE IB 6 -3.36 -17.48 38.78
N ARG IB 7 -3.32 -16.54 39.72
CA ARG IB 7 -3.69 -16.86 41.10
C ARG IB 7 -5.19 -17.15 41.21
N ALA IB 8 -6.02 -16.36 40.51
CA ALA IB 8 -7.45 -16.63 40.49
C ALA IB 8 -7.73 -17.99 39.86
N LEU IB 9 -7.02 -18.31 38.78
CA LEU IB 9 -7.18 -19.60 38.13
C LEU IB 9 -6.80 -20.74 39.07
N SER IB 10 -5.72 -20.55 39.84
CA SER IB 10 -5.33 -21.52 40.85
C SER IB 10 -6.44 -21.73 41.88
N ARG IB 11 -6.93 -20.64 42.49
CA ARG IB 11 -7.97 -20.81 43.49
C ARG IB 11 -9.21 -21.46 42.90
N LEU IB 12 -9.44 -21.25 41.60
CA LEU IB 12 -10.57 -21.91 40.95
C LEU IB 12 -10.37 -23.42 40.87
N LEU IB 13 -9.30 -23.85 40.22
CA LEU IB 13 -9.05 -25.28 40.05
C LEU IB 13 -8.68 -25.96 41.37
N PHE JB 1 -2.36 -29.94 44.55
CA PHE JB 1 -1.13 -29.89 43.78
C PHE JB 1 -1.24 -28.89 42.64
N LEU JB 2 -2.28 -29.06 41.81
CA LEU JB 2 -2.48 -28.17 40.67
C LEU JB 2 -2.62 -26.73 41.12
N GLY JB 3 -3.38 -26.50 42.19
CA GLY JB 3 -3.46 -25.16 42.75
C GLY JB 3 -2.10 -24.63 43.16
N ALA JB 4 -1.27 -25.49 43.77
CA ALA JB 4 0.09 -25.09 44.10
C ALA JB 4 0.88 -24.74 42.85
N LEU JB 5 0.71 -25.54 41.79
CA LEU JB 5 1.39 -25.26 40.54
C LEU JB 5 1.05 -23.87 40.03
N PHE JB 6 -0.25 -23.56 39.92
CA PHE JB 6 -0.63 -22.27 39.40
C PHE JB 6 -0.26 -21.13 40.34
N ARG JB 7 -0.28 -21.36 41.65
CA ARG JB 7 0.17 -20.33 42.58
C ARG JB 7 1.65 -20.03 42.39
N ALA JB 8 2.47 -21.07 42.24
CA ALA JB 8 3.89 -20.86 41.99
C ALA JB 8 4.12 -20.16 40.67
N LEU JB 9 3.37 -20.54 39.64
CA LEU JB 9 3.52 -19.91 38.34
C LEU JB 9 3.13 -18.43 38.40
N SER JB 10 2.06 -18.12 39.12
CA SER JB 10 1.68 -16.72 39.33
C SER JB 10 2.79 -15.96 40.06
N ARG JB 11 3.26 -16.51 41.17
CA ARG JB 11 4.35 -15.88 41.93
C ARG JB 11 5.55 -15.64 41.03
N LEU JB 12 5.78 -16.52 40.06
CA LEU JB 12 6.94 -16.39 39.18
C LEU JB 12 6.69 -15.35 38.08
N LEU JB 13 5.67 -15.56 37.27
CA LEU JB 13 5.39 -14.68 36.15
C LEU JB 13 5.01 -13.29 36.63
N PHE KB 1 13.37 31.61 -44.23
CA PHE KB 1 14.14 31.56 -42.99
C PHE KB 1 13.59 30.50 -42.03
N LEU KB 2 12.35 30.69 -41.60
CA LEU KB 2 11.74 29.79 -40.61
C LEU KB 2 11.79 28.35 -41.09
N GLY KB 3 11.40 28.12 -42.35
CA GLY KB 3 11.50 26.79 -42.91
C GLY KB 3 12.92 26.27 -42.87
N ALA KB 4 13.88 27.11 -43.23
CA ALA KB 4 15.29 26.70 -43.14
C ALA KB 4 15.67 26.38 -41.71
N LEU KB 5 15.16 27.15 -40.75
CA LEU KB 5 15.47 26.90 -39.35
C LEU KB 5 14.99 25.52 -38.92
N PHE KB 6 13.72 25.22 -39.20
CA PHE KB 6 13.19 23.92 -38.81
C PHE KB 6 13.88 22.79 -39.56
N ARG KB 7 14.22 23.02 -40.83
CA ARG KB 7 14.93 22.01 -41.60
C ARG KB 7 16.30 21.71 -41.02
N ALA KB 8 17.05 22.75 -40.66
CA ALA KB 8 18.36 22.54 -40.02
C ALA KB 8 18.20 21.86 -38.67
N LEU KB 9 17.17 22.24 -37.91
CA LEU KB 9 16.95 21.60 -36.61
C LEU KB 9 16.65 20.12 -36.77
N SER KB 10 15.87 19.76 -37.79
CA SER KB 10 15.65 18.35 -38.10
C SER KB 10 16.96 17.67 -38.48
N ARG KB 11 17.73 18.29 -39.36
CA ARG KB 11 19.00 17.73 -39.78
C ARG KB 11 19.90 17.47 -38.59
N LEU KB 12 19.78 18.31 -37.56
CA LEU KB 12 20.55 18.10 -36.34
C LEU KB 12 19.99 16.94 -35.53
N LEU KB 13 18.73 17.06 -35.10
CA LEU KB 13 18.13 16.08 -34.22
C LEU KB 13 17.90 14.75 -34.92
N PHE LB 1 12.26 9.36 -37.28
CA PHE LB 1 10.89 9.82 -37.13
C PHE LB 1 10.84 11.30 -36.78
N LEU LB 2 11.54 11.67 -35.71
CA LEU LB 2 11.55 13.06 -35.26
C LEU LB 2 12.06 13.98 -36.35
N GLY LB 3 13.14 13.56 -37.04
CA GLY LB 3 13.62 14.33 -38.18
C GLY LB 3 12.57 14.48 -39.26
N ALA LB 4 11.81 13.42 -39.52
CA ALA LB 4 10.72 13.52 -40.49
C ALA LB 4 9.66 14.52 -40.02
N LEU LB 5 9.33 14.48 -38.73
CA LEU LB 5 8.37 15.43 -38.19
C LEU LB 5 8.82 16.87 -38.42
N PHE LB 6 10.05 17.17 -38.02
CA PHE LB 6 10.54 18.54 -38.17
C PHE LB 6 10.70 18.93 -39.64
N ARG LB 7 11.05 17.99 -40.51
CA ARG LB 7 11.12 18.30 -41.93
C ARG LB 7 9.74 18.65 -42.48
N ALA LB 8 8.71 17.89 -42.07
CA ALA LB 8 7.36 18.22 -42.49
C ALA LB 8 6.94 19.59 -41.97
N LEU LB 9 7.28 19.89 -40.72
CA LEU LB 9 6.95 21.20 -40.16
C LEU LB 9 7.65 22.32 -40.94
N SER LB 10 8.92 22.11 -41.27
CA SER LB 10 9.64 23.06 -42.11
C SER LB 10 8.95 23.26 -43.45
N ARG LB 11 8.66 22.15 -44.15
CA ARG LB 11 8.00 22.24 -45.45
C ARG LB 11 6.66 22.93 -45.36
N LEU LB 12 5.98 22.83 -44.21
CA LEU LB 12 4.63 23.35 -44.13
C LEU LB 12 4.62 24.83 -43.77
N LEU LB 13 5.40 25.21 -42.76
CA LEU LB 13 5.47 26.62 -42.38
C LEU LB 13 6.07 27.46 -43.49
N PHE MB 1 -32.89 -22.17 -5.25
CA PHE MB 1 -31.72 -22.83 -5.82
C PHE MB 1 -31.21 -23.95 -4.94
N LEU MB 2 -30.73 -23.58 -3.75
CA LEU MB 2 -30.16 -24.56 -2.82
C LEU MB 2 -31.12 -25.72 -2.58
N GLY MB 3 -32.39 -25.40 -2.33
CA GLY MB 3 -33.39 -26.45 -2.16
C GLY MB 3 -33.50 -27.34 -3.38
N ALA MB 4 -33.50 -26.75 -4.57
CA ALA MB 4 -33.52 -27.54 -5.79
C ALA MB 4 -32.28 -28.40 -5.91
N LEU MB 5 -31.12 -27.86 -5.52
CA LEU MB 5 -29.89 -28.65 -5.58
C LEU MB 5 -30.00 -29.89 -4.70
N PHE MB 6 -30.41 -29.70 -3.44
CA PHE MB 6 -30.51 -30.83 -2.53
C PHE MB 6 -31.59 -31.81 -2.97
N ARG MB 7 -32.70 -31.31 -3.53
CA ARG MB 7 -33.75 -32.20 -4.01
C ARG MB 7 -33.27 -33.04 -5.18
N ALA MB 8 -32.51 -32.42 -6.10
CA ALA MB 8 -31.95 -33.17 -7.22
C ALA MB 8 -30.97 -34.22 -6.72
N LEU MB 9 -30.16 -33.87 -5.72
CA LEU MB 9 -29.25 -34.85 -5.14
C LEU MB 9 -30.01 -36.01 -4.53
N SER MB 10 -31.12 -35.72 -3.85
CA SER MB 10 -31.96 -36.77 -3.29
C SER MB 10 -32.49 -37.69 -4.38
N ARG MB 11 -33.13 -37.13 -5.40
CA ARG MB 11 -33.68 -37.97 -6.46
C ARG MB 11 -32.58 -38.79 -7.12
N LEU MB 12 -31.35 -38.25 -7.14
CA LEU MB 12 -30.23 -38.97 -7.73
C LEU MB 12 -29.84 -40.17 -6.88
N LEU MB 13 -29.49 -39.94 -5.61
CA LEU MB 13 -29.00 -41.03 -4.77
C LEU MB 13 -30.11 -42.03 -4.46
N PHE NB 1 -34.17 -44.30 2.22
CA PHE NB 1 -33.94 -43.52 3.42
C PHE NB 1 -33.10 -42.28 3.12
N LEU NB 2 -31.96 -42.50 2.47
CA LEU NB 2 -31.06 -41.40 2.16
C LEU NB 2 -31.75 -40.35 1.29
N GLY NB 3 -32.51 -40.81 0.29
CA GLY NB 3 -33.30 -39.87 -0.49
C GLY NB 3 -34.28 -39.10 0.36
N ALA NB 4 -34.91 -39.76 1.33
CA ALA NB 4 -35.79 -39.06 2.26
C ALA NB 4 -35.02 -38.04 3.08
N LEU NB 5 -33.82 -38.39 3.52
CA LEU NB 5 -32.99 -37.46 4.27
C LEU NB 5 -32.73 -36.20 3.46
N PHE NB 6 -32.26 -36.36 2.23
CA PHE NB 6 -31.95 -35.19 1.42
C PHE NB 6 -33.19 -34.41 1.03
N ARG NB 7 -34.34 -35.08 0.82
CA ARG NB 7 -35.57 -34.35 0.57
C ARG NB 7 -35.97 -33.51 1.78
N ALA NB 8 -35.87 -34.08 2.98
CA ALA NB 8 -36.20 -33.30 4.18
C ALA NB 8 -35.24 -32.14 4.35
N LEU NB 9 -33.96 -32.36 4.08
CA LEU NB 9 -32.98 -31.29 4.20
C LEU NB 9 -33.25 -30.17 3.21
N SER NB 10 -33.60 -30.54 1.96
CA SER NB 10 -33.98 -29.54 0.97
C SER NB 10 -35.20 -28.76 1.43
N ARG NB 11 -36.26 -29.47 1.82
CA ARG NB 11 -37.46 -28.82 2.33
C ARG NB 11 -37.16 -27.89 3.49
N LEU NB 12 -36.13 -28.20 4.26
CA LEU NB 12 -35.78 -27.35 5.39
C LEU NB 12 -34.96 -26.15 4.96
N LEU NB 13 -33.79 -26.40 4.35
CA LEU NB 13 -32.88 -25.32 3.98
C LEU NB 13 -33.47 -24.43 2.89
N PHE OB 1 -30.99 45.70 -15.94
CA PHE OB 1 -30.13 44.97 -16.87
C PHE OB 1 -29.49 43.76 -16.21
N LEU OB 2 -28.65 44.00 -15.21
CA LEU OB 2 -27.91 42.92 -14.56
C LEU OB 2 -28.87 41.87 -13.99
N GLY OB 3 -29.91 42.33 -13.30
CA GLY OB 3 -30.92 41.41 -12.81
C GLY OB 3 -31.55 40.62 -13.94
N ALA OB 4 -31.89 41.32 -15.03
CA ALA OB 4 -32.45 40.62 -16.19
C ALA OB 4 -31.45 39.62 -16.75
N LEU OB 5 -30.16 39.96 -16.74
CA LEU OB 5 -29.15 39.04 -17.24
C LEU OB 5 -29.14 37.76 -16.42
N PHE OB 6 -29.06 37.89 -15.09
CA PHE OB 6 -29.01 36.71 -14.24
C PHE OB 6 -30.30 35.92 -14.33
N ARG OB 7 -31.45 36.59 -14.46
CA ARG OB 7 -32.72 35.90 -14.61
C ARG OB 7 -32.77 35.10 -15.92
N ALA OB 8 -32.29 35.70 -17.01
CA ALA OB 8 -32.24 34.98 -18.28
C ALA OB 8 -31.32 33.78 -18.19
N LEU OB 9 -30.16 33.96 -17.55
CA LEU OB 9 -29.22 32.87 -17.38
C LEU OB 9 -29.83 31.76 -16.54
N SER OB 10 -30.61 32.11 -15.52
CA SER OB 10 -31.34 31.11 -14.77
C SER OB 10 -32.30 30.34 -15.66
N ARG OB 11 -33.12 31.05 -16.44
CA ARG OB 11 -34.11 30.36 -17.28
C ARG OB 11 -33.41 29.43 -18.26
N LEU OB 12 -32.19 29.79 -18.67
CA LEU OB 12 -31.43 28.93 -19.59
C LEU OB 12 -31.01 27.65 -18.91
N LEU OB 13 -30.21 27.75 -17.85
CA LEU OB 13 -29.72 26.57 -17.15
C LEU OB 13 -30.85 25.86 -16.42
N PHE PB 1 -32.84 23.72 -8.80
CA PHE PB 1 -32.02 24.29 -7.73
C PHE PB 1 -31.15 25.40 -8.27
N LEU PB 2 -30.34 25.08 -9.27
CA LEU PB 2 -29.44 26.08 -9.87
C LEU PB 2 -30.24 27.25 -10.42
N GLY PB 3 -31.35 26.96 -11.10
CA GLY PB 3 -32.22 28.03 -11.56
C GLY PB 3 -32.73 28.88 -10.41
N ALA PB 4 -33.08 28.25 -9.29
CA ALA PB 4 -33.49 29.01 -8.12
C ALA PB 4 -32.35 29.88 -7.59
N LEU PB 5 -31.13 29.34 -7.58
CA LEU PB 5 -29.98 30.12 -7.15
C LEU PB 5 -29.80 31.36 -8.00
N PHE PB 6 -29.79 31.18 -9.32
CA PHE PB 6 -29.59 32.34 -10.20
C PHE PB 6 -30.76 33.30 -10.15
N ARG PB 7 -31.99 32.80 -9.95
CA ARG PB 7 -33.11 33.71 -9.78
C ARG PB 7 -32.98 34.54 -8.51
N ALA PB 8 -32.53 33.91 -7.43
CA ALA PB 8 -32.31 34.66 -6.19
C ALA PB 8 -31.22 35.71 -6.38
N LEU PB 9 -30.15 35.35 -7.09
CA LEU PB 9 -29.10 36.32 -7.37
C LEU PB 9 -29.61 37.47 -8.20
N SER PB 10 -30.43 37.18 -9.22
CA SER PB 10 -31.05 38.22 -10.02
C SER PB 10 -31.90 39.14 -9.17
N ARG PB 11 -32.81 38.56 -8.38
CA ARG PB 11 -33.66 39.36 -7.52
C ARG PB 11 -32.82 40.22 -6.58
N LEU PB 12 -31.66 39.72 -6.16
CA LEU PB 12 -30.86 40.43 -5.18
C LEU PB 12 -30.04 41.54 -5.82
N LEU PB 13 -29.27 41.21 -6.86
CA LEU PB 13 -28.43 42.20 -7.51
C LEU PB 13 -29.25 43.26 -8.22
N PHE QB 1 19.33 -31.65 -17.60
CA PHE QB 1 19.65 -31.55 -16.18
C PHE QB 1 18.95 -32.65 -15.37
N LEU QB 2 17.63 -32.62 -15.40
CA LEU QB 2 16.84 -33.60 -14.65
C LEU QB 2 17.25 -35.03 -15.02
N GLY QB 3 17.39 -35.29 -16.31
CA GLY QB 3 17.84 -36.60 -16.74
C GLY QB 3 19.20 -36.95 -16.16
N ALA QB 4 20.13 -36.00 -16.18
CA ALA QB 4 21.43 -36.24 -15.59
C ALA QB 4 21.32 -36.49 -14.09
N LEU QB 5 20.44 -35.75 -13.40
CA LEU QB 5 20.27 -35.94 -11.97
C LEU QB 5 19.80 -37.36 -11.66
N PHE QB 6 18.74 -37.80 -12.34
CA PHE QB 6 18.25 -39.15 -12.10
C PHE QB 6 19.26 -40.21 -12.51
N ARG QB 7 20.02 -39.98 -13.59
CA ARG QB 7 21.02 -40.95 -13.99
C ARG QB 7 22.13 -41.07 -12.95
N ALA QB 8 22.56 -39.94 -12.40
CA ALA QB 8 23.55 -39.97 -11.33
C ALA QB 8 23.02 -40.69 -10.11
N LEU QB 9 21.75 -40.44 -9.77
CA LEU QB 9 21.14 -41.13 -8.65
C LEU QB 9 21.12 -42.64 -8.88
N SER QB 10 20.81 -43.05 -10.12
CA SER QB 10 20.85 -44.46 -10.47
C SER QB 10 22.23 -45.05 -10.26
N ARG QB 11 23.26 -44.42 -10.84
CA ARG QB 11 24.61 -44.96 -10.70
C ARG QB 11 25.03 -44.99 -9.24
N LEU QB 12 24.49 -44.10 -8.43
CA LEU QB 12 24.80 -44.12 -7.00
C LEU QB 12 24.19 -45.35 -6.32
N LEU QB 13 22.88 -45.49 -6.39
CA LEU QB 13 22.19 -46.58 -5.68
C LEU QB 13 22.56 -47.95 -6.27
N PHE RB 1 18.31 -53.63 -10.12
CA PHE RB 1 16.95 -53.31 -10.54
C PHE RB 1 16.64 -51.84 -10.31
N LEU RB 2 16.87 -51.38 -9.08
CA LEU RB 2 16.56 -50.00 -8.72
C LEU RB 2 17.35 -49.04 -9.59
N GLY RB 3 18.64 -49.32 -9.80
CA GLY RB 3 19.41 -48.53 -10.74
C GLY RB 3 18.82 -48.53 -12.12
N ALA RB 4 18.35 -49.69 -12.59
CA ALA RB 4 17.66 -49.74 -13.87
C ALA RB 4 16.41 -48.87 -13.85
N LEU RB 5 15.68 -48.87 -12.74
CA LEU RB 5 14.45 -48.08 -12.65
C LEU RB 5 14.77 -46.60 -12.80
N PHE RB 6 15.75 -46.11 -12.04
CA PHE RB 6 16.13 -44.71 -12.17
C PHE RB 6 16.69 -44.38 -13.54
N ARG RB 7 17.43 -45.32 -14.16
CA ARG RB 7 17.92 -45.06 -15.51
C ARG RB 7 16.76 -44.91 -16.50
N ALA RB 8 15.76 -45.79 -16.40
CA ALA RB 8 14.60 -45.69 -17.28
C ALA RB 8 13.84 -44.40 -17.03
N LEU RB 9 13.68 -44.02 -15.77
CA LEU RB 9 12.96 -42.79 -15.46
C LEU RB 9 13.71 -41.58 -15.99
N SER RB 10 15.04 -41.57 -15.84
CA SER RB 10 15.85 -40.51 -16.44
C SER RB 10 15.66 -40.45 -17.94
N ARG RB 11 15.81 -41.60 -18.61
CA ARG RB 11 15.61 -41.67 -20.05
C ARG RB 11 14.23 -41.17 -20.46
N LEU RB 12 13.24 -41.33 -19.58
CA LEU RB 12 11.89 -40.87 -19.88
C LEU RB 12 11.73 -39.38 -19.64
N LEU RB 13 11.94 -38.94 -18.40
CA LEU RB 13 11.72 -37.55 -18.03
C LEU RB 13 12.70 -36.62 -18.72
N PHE SB 1 13.46 55.23 14.05
CA PHE SB 1 12.10 54.78 13.78
C PHE SB 1 12.03 53.29 13.48
N LEU SB 2 12.68 52.89 12.39
CA LEU SB 2 12.62 51.50 11.94
C LEU SB 2 13.03 50.54 13.04
N GLY SB 3 14.13 50.84 13.72
CA GLY SB 3 14.53 50.03 14.86
C GLY SB 3 13.47 50.00 15.93
N ALA SB 4 12.86 51.14 16.23
CA ALA SB 4 11.78 51.17 17.21
C ALA SB 4 10.59 50.35 16.73
N LEU SB 5 10.29 50.38 15.43
CA LEU SB 5 9.20 49.58 14.90
C LEU SB 5 9.47 48.10 15.14
N PHE SB 6 10.66 47.63 14.76
CA PHE SB 6 10.96 46.21 14.93
C PHE SB 6 11.02 45.83 16.41
N ARG SB 7 11.50 46.73 17.26
CA ARG SB 7 11.55 46.47 18.69
C ARG SB 7 10.14 46.34 19.28
N ALA SB 8 9.23 47.23 18.86
CA ALA SB 8 7.85 47.13 19.32
C ALA SB 8 7.21 45.84 18.84
N LEU SB 9 7.48 45.46 17.59
CA LEU SB 9 6.94 44.22 17.06
C LEU SB 9 7.48 43.03 17.82
N SER SB 10 8.74 43.10 18.22
CA SER SB 10 9.30 42.06 19.08
C SER SB 10 8.57 41.99 20.41
N ARG SB 11 8.44 43.12 21.11
CA ARG SB 11 7.80 43.07 22.42
C ARG SB 11 6.37 42.57 22.31
N LEU SB 12 5.74 42.81 21.16
CA LEU SB 12 4.38 42.32 20.94
C LEU SB 12 4.37 40.80 20.80
N LEU SB 13 5.07 40.27 19.81
CA LEU SB 13 5.08 38.83 19.59
C LEU SB 13 5.84 38.10 20.69
N PHE TB 1 12.23 33.25 21.71
CA PHE TB 1 13.15 33.14 20.58
C PHE TB 1 12.81 34.16 19.51
N LEU TB 2 11.55 34.15 19.06
CA LEU TB 2 11.12 35.08 18.03
C LEU TB 2 11.33 36.52 18.47
N GLY TB 3 10.98 36.82 19.73
CA GLY TB 3 11.25 38.14 20.26
C GLY TB 3 12.73 38.48 20.22
N ALA TB 4 13.59 37.52 20.55
CA ALA TB 4 15.03 37.75 20.45
C ALA TB 4 15.44 38.03 19.00
N LEU TB 5 14.86 37.28 18.05
CA LEU TB 5 15.16 37.51 16.65
C LEU TB 5 14.81 38.94 16.24
N PHE TB 6 13.59 39.37 16.55
CA PHE TB 6 13.18 40.70 16.14
C PHE TB 6 13.95 41.78 16.90
N ARG TB 7 14.33 41.54 18.15
CA ARG TB 7 15.17 42.50 18.85
C ARG TB 7 16.54 42.61 18.20
N ALA TB 8 17.11 41.49 17.78
CA ALA TB 8 18.40 41.54 17.07
C ALA TB 8 18.25 42.29 15.75
N LEU TB 9 17.16 42.07 15.03
CA LEU TB 9 16.93 42.78 13.78
C LEU TB 9 16.80 44.28 14.03
N SER TB 10 16.07 44.66 15.09
CA SER TB 10 15.95 46.06 15.45
C SER TB 10 17.31 46.67 15.76
N ARG TB 11 18.08 46.00 16.64
CA ARG TB 11 19.40 46.50 16.99
C ARG TB 11 20.27 46.65 15.75
N LEU TB 12 20.07 45.77 14.77
CA LEU TB 12 20.94 45.78 13.59
C LEU TB 12 20.50 46.84 12.58
N LEU TB 13 19.23 46.83 12.20
CA LEU TB 13 18.73 47.76 11.21
C LEU TB 13 18.71 49.18 11.73
N PHE UB 1 15.57 -16.15 34.68
CA PHE UB 1 14.14 -16.46 34.65
C PHE UB 1 13.89 -17.94 34.38
N LEU UB 2 14.35 -18.41 33.21
CA LEU UB 2 14.13 -19.79 32.82
C LEU UB 2 14.66 -20.76 33.88
N GLY UB 3 15.87 -20.48 34.39
CA GLY UB 3 16.41 -21.30 35.46
C GLY UB 3 15.51 -21.32 36.68
N ALA UB 4 14.99 -20.15 37.07
CA ALA UB 4 14.06 -20.09 38.19
C ALA UB 4 12.79 -20.88 37.88
N LEU UB 5 12.30 -20.80 36.65
CA LEU UB 5 11.09 -21.53 36.29
C LEU UB 5 11.29 -23.04 36.46
N PHE UB 6 12.37 -23.57 35.88
CA PHE UB 6 12.63 -25.00 36.01
C PHE UB 6 12.91 -25.39 37.45
N ARG UB 7 13.58 -24.54 38.22
CA ARG UB 7 13.86 -24.88 39.61
C ARG UB 7 12.58 -24.95 40.42
N ALA UB 8 11.67 -23.98 40.21
CA ALA UB 8 10.38 -24.02 40.89
C ALA UB 8 9.58 -25.25 40.48
N LEU UB 9 9.64 -25.60 39.19
CA LEU UB 9 8.95 -26.80 38.73
C LEU UB 9 9.51 -28.04 39.42
N SER UB 10 10.84 -28.10 39.57
CA SER UB 10 11.46 -29.21 40.30
C SER UB 10 10.96 -29.28 41.73
N ARG UB 11 11.05 -28.16 42.46
CA ARG UB 11 10.61 -28.16 43.84
C ARG UB 11 9.14 -28.55 43.95
N LEU UB 12 8.36 -28.27 42.91
CA LEU UB 12 6.96 -28.68 42.91
C LEU UB 12 6.82 -30.20 42.80
N LEU UB 13 7.33 -30.78 41.73
CA LEU UB 13 7.14 -32.20 41.47
C LEU UB 13 7.86 -33.08 42.49
N PHE VB 1 14.15 -38.23 42.10
CA PHE VB 1 14.88 -38.29 40.85
C PHE VB 1 14.43 -37.21 39.88
N LEU VB 2 13.12 -37.13 39.66
CA LEU VB 2 12.58 -36.15 38.72
C LEU VB 2 12.93 -34.72 39.15
N GLY VB 3 12.81 -34.45 40.45
CA GLY VB 3 13.26 -33.16 40.97
C GLY VB 3 14.74 -32.91 40.67
N ALA VB 4 15.56 -33.95 40.82
CA ALA VB 4 16.98 -33.81 40.47
C ALA VB 4 17.15 -33.52 38.98
N LEU VB 5 16.36 -34.18 38.14
CA LEU VB 5 16.43 -33.94 36.70
C LEU VB 5 16.13 -32.47 36.40
N PHE VB 6 15.01 -31.96 36.92
CA PHE VB 6 14.67 -30.58 36.63
C PHE VB 6 15.65 -29.59 37.26
N ARG VB 7 16.20 -29.91 38.43
CA ARG VB 7 17.23 -29.03 39.00
C ARG VB 7 18.46 -28.98 38.11
N ALA VB 8 18.90 -30.13 37.60
CA ALA VB 8 20.05 -30.14 36.69
C ALA VB 8 19.74 -29.39 35.42
N LEU VB 9 18.53 -29.54 34.89
CA LEU VB 9 18.13 -28.82 33.68
C LEU VB 9 18.14 -27.32 33.91
N SER VB 10 17.61 -26.88 35.05
CA SER VB 10 17.66 -25.47 35.41
C SER VB 10 19.10 -24.98 35.50
N ARG VB 11 19.93 -25.69 36.26
CA ARG VB 11 21.33 -25.32 36.40
C ARG VB 11 22.03 -25.25 35.05
N LEU VB 12 21.58 -26.05 34.09
CA LEU VB 12 22.19 -26.04 32.76
C LEU VB 12 21.68 -24.88 31.92
N LEU VB 13 20.38 -24.84 31.67
CA LEU VB 13 19.79 -23.85 30.78
C LEU VB 13 19.94 -22.44 31.37
N PHE WB 1 28.19 39.93 -36.15
CA PHE WB 1 28.26 39.97 -34.70
C PHE WB 1 27.50 38.83 -34.05
N LEU WB 2 26.18 38.79 -34.28
CA LEU WB 2 25.34 37.80 -33.63
C LEU WB 2 25.82 36.39 -33.93
N GLY WB 3 26.14 36.12 -35.20
CA GLY WB 3 26.73 34.83 -35.54
C GLY WB 3 28.01 34.56 -34.78
N ALA WB 4 28.88 35.58 -34.68
CA ALA WB 4 30.10 35.42 -33.90
C ALA WB 4 29.80 35.15 -32.44
N LEU WB 5 28.79 35.82 -31.89
CA LEU WB 5 28.40 35.58 -30.50
C LEU WB 5 28.00 34.13 -30.29
N PHE WB 6 27.09 33.63 -31.13
CA PHE WB 6 26.62 32.26 -30.97
C PHE WB 6 27.74 31.26 -31.21
N ARG WB 7 28.63 31.54 -32.16
CA ARG WB 7 29.76 30.66 -32.42
C ARG WB 7 30.70 30.59 -31.23
N ALA WB 8 31.02 31.74 -30.63
CA ALA WB 8 31.86 31.75 -29.44
C ALA WB 8 31.17 31.05 -28.28
N LEU WB 9 29.86 31.23 -28.14
CA LEU WB 9 29.12 30.56 -27.08
C LEU WB 9 29.16 29.05 -27.26
N SER WB 10 29.04 28.58 -28.50
CA SER WB 10 29.23 27.16 -28.77
C SER WB 10 30.63 26.70 -28.37
N ARG WB 11 31.64 27.44 -28.82
CA ARG WB 11 33.02 27.10 -28.49
C ARG WB 11 33.23 27.06 -26.98
N LEU WB 12 32.44 27.81 -26.22
CA LEU WB 12 32.54 27.77 -24.77
C LEU WB 12 31.92 26.51 -24.21
N LEU WB 13 30.62 26.31 -24.44
CA LEU WB 13 29.93 25.14 -23.90
C LEU WB 13 30.40 23.86 -24.56
N PHE XB 1 27.34 17.79 -29.06
CA PHE XB 1 25.99 17.98 -29.58
C PHE XB 1 25.54 19.42 -29.40
N LEU XB 2 25.60 19.89 -28.15
CA LEU XB 2 25.18 21.27 -27.86
C LEU XB 2 26.02 22.27 -28.65
N GLY XB 3 27.33 22.02 -28.71
CA GLY XB 3 28.19 22.86 -29.54
C GLY XB 3 27.76 22.85 -30.99
N ALA XB 4 27.38 21.67 -31.51
CA ALA XB 4 26.87 21.61 -32.87
C ALA XB 4 25.59 22.41 -33.02
N LEU XB 5 24.71 22.32 -32.03
CA LEU XB 5 23.47 23.09 -32.07
C LEU XB 5 23.75 24.58 -32.17
N PHE XB 6 24.59 25.09 -31.27
CA PHE XB 6 24.86 26.52 -31.27
C PHE XB 6 25.64 26.95 -32.51
N ARG XB 7 26.51 26.08 -33.04
CA ARG XB 7 27.19 26.41 -34.29
C ARG XB 7 26.20 26.50 -35.44
N ALA XB 8 25.24 25.57 -35.50
CA ALA XB 8 24.22 25.65 -36.54
C ALA XB 8 23.39 26.91 -36.39
N LEU XB 9 23.03 27.28 -35.15
CA LEU XB 9 22.28 28.51 -34.93
C LEU XB 9 23.08 29.73 -35.38
N SER XB 10 24.38 29.75 -35.08
CA SER XB 10 25.23 30.83 -35.54
C SER XB 10 25.25 30.91 -37.07
N ARG XB 11 25.52 29.77 -37.71
CA ARG XB 11 25.56 29.74 -39.17
C ARG XB 11 24.25 30.21 -39.76
N LEU XB 12 23.14 29.94 -39.07
CA LEU XB 12 21.83 30.29 -39.61
C LEU XB 12 21.50 31.76 -39.40
N LEU XB 13 21.62 32.23 -38.17
CA LEU XB 13 21.30 33.63 -37.86
C LEU XB 13 22.29 34.59 -38.51
N PHE YB 1 -34.50 -22.28 13.70
CA PHE YB 1 -33.93 -23.06 12.61
C PHE YB 1 -33.25 -24.33 13.11
N LEU YB 2 -32.22 -24.15 13.94
CA LEU YB 2 -31.43 -25.26 14.43
C LEU YB 2 -32.31 -26.28 15.15
N GLY YB 3 -33.21 -25.79 16.01
CA GLY YB 3 -34.15 -26.67 16.66
C GLY YB 3 -35.01 -27.44 15.67
N ALA YB 4 -35.49 -26.74 14.64
CA ALA YB 4 -36.28 -27.42 13.60
C ALA YB 4 -35.44 -28.46 12.88
N LEU YB 5 -34.17 -28.14 12.61
CA LEU YB 5 -33.30 -29.11 11.94
C LEU YB 5 -33.16 -30.37 12.77
N PHE YB 6 -32.83 -30.22 14.06
CA PHE YB 6 -32.68 -31.40 14.91
C PHE YB 6 -34.00 -32.15 15.06
N ARG YB 7 -35.12 -31.44 15.13
CA ARG YB 7 -36.41 -32.12 15.25
C ARG YB 7 -36.73 -32.93 14.01
N ALA YB 8 -36.49 -32.37 12.82
CA ALA YB 8 -36.71 -33.11 11.59
C ALA YB 8 -35.77 -34.31 11.51
N LEU YB 9 -34.52 -34.13 11.94
CA LEU YB 9 -33.58 -35.25 11.94
C LEU YB 9 -34.05 -36.36 12.86
N SER YB 10 -34.62 -35.99 14.01
CA SER YB 10 -35.23 -36.98 14.90
C SER YB 10 -36.37 -37.70 14.19
N ARG YB 11 -37.31 -36.95 13.63
CA ARG YB 11 -38.46 -37.56 12.97
C ARG YB 11 -38.02 -38.50 11.86
N LEU YB 12 -36.86 -38.23 11.25
CA LEU YB 12 -36.34 -39.11 10.22
C LEU YB 12 -35.86 -40.43 10.80
N LEU YB 13 -34.90 -40.37 11.73
CA LEU YB 13 -34.29 -41.58 12.25
C LEU YB 13 -35.27 -42.41 13.08
N PHE ZB 1 -35.79 -44.47 20.94
CA PHE ZB 1 -34.86 -43.82 21.86
C PHE ZB 1 -34.08 -42.71 21.17
N LEU ZB 2 -33.45 -43.05 20.04
CA LEU ZB 2 -32.64 -42.07 19.32
C LEU ZB 2 -33.48 -40.87 18.91
N GLY ZB 3 -34.70 -41.11 18.43
CA GLY ZB 3 -35.61 -40.01 18.13
C GLY ZB 3 -35.87 -39.15 19.36
N ALA ZB 4 -36.05 -39.79 20.52
CA ALA ZB 4 -36.22 -39.03 21.75
C ALA ZB 4 -34.98 -38.22 22.08
N LEU ZB 5 -33.80 -38.81 21.86
CA LEU ZB 5 -32.56 -38.08 22.10
C LEU ZB 5 -32.49 -36.82 21.27
N PHE ZB 6 -32.71 -36.96 19.95
CA PHE ZB 6 -32.64 -35.78 19.09
C PHE ZB 6 -33.76 -34.79 19.37
N ARG ZB 7 -34.95 -35.26 19.77
CA ARG ZB 7 -36.01 -34.34 20.14
C ARG ZB 7 -35.63 -33.53 21.37
N ALA ZB 8 -35.05 -34.18 22.37
CA ALA ZB 8 -34.59 -33.46 23.55
C ALA ZB 8 -33.49 -32.47 23.20
N LEU ZB 9 -32.58 -32.86 22.30
CA LEU ZB 9 -31.52 -31.96 21.88
C LEU ZB 9 -32.09 -30.75 21.17
N SER ZB 10 -33.07 -30.96 20.29
CA SER ZB 10 -33.75 -29.85 19.63
C SER ZB 10 -34.43 -28.93 20.63
N ARG ZB 11 -35.23 -29.51 21.53
CA ARG ZB 11 -35.92 -28.73 22.55
C ARG ZB 11 -34.93 -27.94 23.40
N LEU ZB 12 -33.71 -28.44 23.57
CA LEU ZB 12 -32.72 -27.76 24.38
C LEU ZB 12 -32.00 -26.68 23.59
N LEU ZB 13 -31.40 -27.06 22.47
CA LEU ZB 13 -30.52 -26.17 21.73
C LEU ZB 13 -31.32 -25.15 20.93
N PHE AC 1 -25.82 46.00 -33.93
CA PHE AC 1 -24.59 45.35 -34.32
C PHE AC 1 -24.16 44.25 -33.37
N LEU AC 2 -23.94 44.61 -32.11
CA LEU AC 2 -23.46 43.66 -31.13
C LEU AC 2 -24.40 42.46 -31.02
N GLY AC 3 -25.70 42.72 -30.96
CA GLY AC 3 -26.67 41.64 -30.97
C GLY AC 3 -26.54 40.77 -32.21
N ALA AC 4 -26.40 41.41 -33.38
CA ALA AC 4 -26.21 40.66 -34.60
C ALA AC 4 -24.92 39.83 -34.54
N LEU AC 5 -23.87 40.40 -33.95
CA LEU AC 5 -22.61 39.67 -33.83
C LEU AC 5 -22.81 38.40 -33.02
N PHE AC 6 -23.41 38.53 -31.84
CA PHE AC 6 -23.60 37.36 -30.99
C PHE AC 6 -24.56 36.36 -31.64
N ARG AC 7 -25.57 36.84 -32.34
CA ARG AC 7 -26.51 35.96 -33.03
C ARG AC 7 -25.81 35.15 -34.11
N ALA AC 8 -24.98 35.82 -34.92
CA ALA AC 8 -24.23 35.10 -35.96
C ALA AC 8 -23.24 34.12 -35.33
N LEU AC 9 -22.62 34.51 -34.22
CA LEU AC 9 -21.69 33.61 -33.54
C LEU AC 9 -22.40 32.37 -33.04
N SER AC 10 -23.60 32.53 -32.49
CA SER AC 10 -24.41 31.38 -32.12
C SER AC 10 -24.73 30.51 -33.34
N ARG AC 11 -25.18 31.14 -34.43
CA ARG AC 11 -25.48 30.41 -35.64
C ARG AC 11 -24.26 29.63 -36.14
N LEU AC 12 -23.06 30.12 -35.83
CA LEU AC 12 -21.85 29.41 -36.21
C LEU AC 12 -21.64 28.19 -35.32
N LEU AC 13 -21.46 28.40 -34.02
CA LEU AC 13 -21.21 27.31 -33.10
C LEU AC 13 -22.42 26.40 -32.96
N PHE BC 1 -27.44 23.76 -27.11
CA PHE BC 1 -27.42 24.49 -25.85
C PHE BC 1 -26.58 25.75 -25.97
N LEU BC 2 -25.34 25.59 -26.43
CA LEU BC 2 -24.45 26.74 -26.57
C LEU BC 2 -25.05 27.78 -27.51
N GLY BC 3 -25.62 27.32 -28.63
CA GLY BC 3 -26.32 28.23 -29.51
C GLY BC 3 -27.44 28.96 -28.82
N ALA BC 4 -28.20 28.25 -27.98
CA ALA BC 4 -29.25 28.91 -27.21
C ALA BC 4 -28.68 29.95 -26.26
N LEU BC 5 -27.56 29.63 -25.61
CA LEU BC 5 -26.92 30.59 -24.72
C LEU BC 5 -26.54 31.86 -25.47
N PHE BC 6 -25.85 31.71 -26.60
CA PHE BC 6 -25.42 32.88 -27.33
C PHE BC 6 -26.59 33.65 -27.94
N ARG BC 7 -27.65 32.95 -28.33
CA ARG BC 7 -28.84 33.66 -28.82
C ARG BC 7 -29.49 34.46 -27.71
N ALA BC 8 -29.56 33.90 -26.50
CA ALA BC 8 -30.10 34.65 -25.37
C ALA BC 8 -29.23 35.87 -25.08
N LEU BC 9 -27.90 35.71 -25.14
CA LEU BC 9 -27.01 36.83 -24.93
C LEU BC 9 -27.23 37.91 -25.98
N SER BC 10 -27.37 37.50 -27.24
CA SER BC 10 -27.66 38.45 -28.32
C SER BC 10 -28.96 39.20 -28.05
N ARG BC 11 -30.03 38.47 -27.79
CA ARG BC 11 -31.31 39.08 -27.49
C ARG BC 11 -31.23 40.02 -26.30
N LEU BC 12 -30.32 39.74 -25.36
CA LEU BC 12 -30.24 40.54 -24.15
C LEU BC 12 -29.41 41.80 -24.37
N LEU BC 13 -28.19 41.65 -24.86
CA LEU BC 13 -27.32 42.80 -25.10
C LEU BC 13 -27.90 43.70 -26.18
N PHE CC 1 2.69 -38.74 -22.75
CA PHE CC 1 3.67 -38.82 -21.68
C PHE CC 1 3.31 -39.84 -20.62
N LEU CC 2 2.16 -39.62 -19.97
CA LEU CC 2 1.71 -40.50 -18.90
C LEU CC 2 1.61 -41.94 -19.37
N GLY CC 3 1.04 -42.14 -20.56
CA GLY CC 3 0.98 -43.48 -21.12
C GLY CC 3 2.36 -44.08 -21.29
N ALA CC 4 3.32 -43.28 -21.77
CA ALA CC 4 4.69 -43.76 -21.90
C ALA CC 4 5.27 -44.10 -20.53
N LEU CC 5 4.98 -43.29 -19.51
CA LEU CC 5 5.48 -43.56 -18.18
C LEU CC 5 4.98 -44.92 -17.67
N PHE CC 6 3.67 -45.14 -17.74
CA PHE CC 6 3.14 -46.41 -17.28
C PHE CC 6 3.61 -47.58 -18.13
N ARG CC 7 3.78 -47.39 -19.44
CA ARG CC 7 4.25 -48.47 -20.28
C ARG CC 7 5.68 -48.85 -19.95
N ALA CC 8 6.54 -47.85 -19.74
CA ALA CC 8 7.91 -48.12 -19.33
C ALA CC 8 7.95 -48.80 -17.97
N LEU CC 9 7.08 -48.37 -17.06
CA LEU CC 9 7.02 -49.00 -15.75
C LEU CC 9 6.59 -50.46 -15.87
N SER CC 10 5.64 -50.75 -16.75
CA SER CC 10 5.26 -52.13 -17.03
C SER CC 10 6.43 -52.95 -17.54
N ARG CC 11 7.09 -52.45 -18.60
CA ARG CC 11 8.22 -53.19 -19.15
C ARG CC 11 9.29 -53.42 -18.10
N LEU CC 12 9.39 -52.50 -17.14
CA LEU CC 12 10.41 -52.61 -16.11
C LEU CC 12 10.08 -53.74 -15.14
N LEU CC 13 8.88 -53.72 -14.56
CA LEU CC 13 8.45 -54.77 -13.66
C LEU CC 13 8.32 -56.12 -14.35
N PHE DC 1 1.76 -60.85 -15.36
CA PHE DC 1 0.45 -60.28 -15.05
C PHE DC 1 0.56 -58.79 -14.72
N LEU DC 2 1.45 -58.47 -13.78
CA LEU DC 2 1.59 -57.08 -13.35
C LEU DC 2 1.99 -56.19 -14.51
N GLY DC 3 2.92 -56.66 -15.35
CA GLY DC 3 3.24 -55.93 -16.56
C GLY DC 3 2.04 -55.73 -17.46
N ALA DC 4 1.21 -56.77 -17.60
CA ALA DC 4 -0.02 -56.62 -18.36
C ALA DC 4 -0.94 -55.58 -17.71
N LEU DC 5 -0.99 -55.56 -16.38
CA LEU DC 5 -1.83 -54.59 -15.69
C LEU DC 5 -1.39 -53.17 -16.02
N PHE DC 6 -0.10 -52.89 -15.88
CA PHE DC 6 0.37 -51.55 -16.17
C PHE DC 6 0.26 -51.20 -17.64
N ARG DC 7 0.42 -52.18 -18.54
CA ARG DC 7 0.21 -51.91 -19.95
C ARG DC 7 -1.23 -51.52 -20.22
N ALA DC 8 -2.18 -52.24 -19.62
CA ALA DC 8 -3.58 -51.88 -19.79
C ALA DC 8 -3.88 -50.51 -19.22
N LEU DC 9 -3.29 -50.19 -18.06
CA LEU DC 9 -3.50 -48.88 -17.46
C LEU DC 9 -2.95 -47.78 -18.36
N SER DC 10 -1.76 -47.99 -18.92
CA SER DC 10 -1.21 -47.03 -19.88
C SER DC 10 -2.13 -46.86 -21.08
N ARG DC 11 -2.52 -47.97 -21.71
CA ARG DC 11 -3.42 -47.91 -22.86
C ARG DC 11 -4.71 -47.19 -22.51
N LEU DC 12 -5.15 -47.26 -21.26
CA LEU DC 12 -6.39 -46.60 -20.86
C LEU DC 12 -6.16 -45.12 -20.58
N LEU DC 13 -5.30 -44.81 -19.62
CA LEU DC 13 -5.08 -43.44 -19.18
C LEU DC 13 -4.38 -42.62 -20.25
N PHE EC 1 -3.96 62.41 12.93
CA PHE EC 1 -4.93 61.74 12.07
C PHE EC 1 -4.63 60.26 11.90
N LEU EC 2 -3.47 59.96 11.31
CA LEU EC 2 -3.11 58.58 11.00
C LEU EC 2 -3.18 57.70 12.24
N GLY EC 3 -2.62 58.19 13.35
CA GLY EC 3 -2.73 57.46 14.60
C GLY EC 3 -4.17 57.22 15.00
N ALA EC 4 -5.02 58.24 14.87
CA ALA EC 4 -6.43 58.07 15.19
C ALA EC 4 -7.09 57.05 14.27
N LEU EC 5 -6.74 57.08 12.99
CA LEU EC 5 -7.29 56.09 12.05
C LEU EC 5 -6.93 54.68 12.48
N PHE EC 6 -5.64 54.45 12.75
CA PHE EC 6 -5.21 53.10 13.10
C PHE EC 6 -5.80 52.68 14.44
N ARG EC 7 -5.93 53.62 15.37
CA ARG EC 7 -6.54 53.34 16.68
C ARG EC 7 -8.00 52.95 16.53
N ALA EC 8 -8.75 53.67 15.69
CA ALA EC 8 -10.14 53.31 15.44
C ALA EC 8 -10.24 51.96 14.76
N LEU EC 9 -9.32 51.68 13.83
CA LEU EC 9 -9.33 50.39 13.15
C LEU EC 9 -9.07 49.26 14.14
N SER EC 10 -8.15 49.48 15.08
CA SER EC 10 -7.96 48.52 16.16
C SER EC 10 -9.23 48.33 16.97
N ARG EC 11 -9.83 49.43 17.42
CA ARG EC 11 -11.05 49.34 18.22
C ARG EC 11 -12.15 48.61 17.48
N LEU EC 12 -12.13 48.66 16.14
CA LEU EC 12 -13.16 47.99 15.36
C LEU EC 12 -12.91 46.48 15.33
N LEU EC 13 -11.73 46.07 14.85
CA LEU EC 13 -11.39 44.65 14.79
C LEU EC 13 -11.26 44.06 16.18
N PHE FC 1 -5.37 40.32 20.41
CA PHE FC 1 -4.02 40.40 19.86
C PHE FC 1 -3.96 41.38 18.71
N LEU FC 2 -4.85 41.18 17.73
CA LEU FC 2 -4.89 42.08 16.57
C LEU FC 2 -5.14 43.51 17.00
N GLY FC 3 -6.07 43.71 17.93
CA GLY FC 3 -6.30 45.04 18.48
C GLY FC 3 -5.05 45.61 19.11
N ALA FC 4 -4.31 44.78 19.86
CA ALA FC 4 -3.05 45.25 20.44
C ALA FC 4 -2.05 45.62 19.35
N LEU FC 5 -1.98 44.82 18.29
CA LEU FC 5 -1.07 45.12 17.19
C LEU FC 5 -1.38 46.48 16.58
N PHE FC 6 -2.65 46.69 16.22
CA PHE FC 6 -3.00 47.95 15.58
C PHE FC 6 -2.89 49.12 16.53
N ARG FC 7 -3.15 48.93 17.83
CA ARG FC 7 -2.93 50.01 18.78
C ARG FC 7 -1.45 50.37 18.88
N ALA FC 8 -0.58 49.37 18.89
CA ALA FC 8 0.86 49.65 18.90
C ALA FC 8 1.27 50.39 17.63
N LEU FC 9 0.74 49.98 16.49
CA LEU FC 9 1.06 50.66 15.24
C LEU FC 9 0.59 52.11 15.28
N SER FC 10 -0.61 52.35 15.80
CA SER FC 10 -1.11 53.71 15.97
C SER FC 10 -0.20 54.52 16.86
N ARG FC 11 0.14 53.98 18.04
CA ARG FC 11 1.03 54.69 18.96
C ARG FC 11 2.35 55.00 18.29
N LEU FC 12 2.81 54.13 17.40
CA LEU FC 12 4.12 54.33 16.76
C LEU FC 12 4.05 55.38 15.66
N LEU FC 13 3.20 55.17 14.66
CA LEU FC 13 3.14 56.08 13.53
C LEU FC 13 2.63 57.45 13.92
N PHE GC 1 27.65 -26.71 24.57
CA PHE GC 1 26.36 -26.79 25.25
C PHE GC 1 25.75 -28.18 25.17
N LEU GC 2 25.48 -28.63 23.94
CA LEU GC 2 24.83 -29.92 23.73
C LEU GC 2 25.62 -31.04 24.39
N GLY GC 3 26.94 -31.02 24.24
CA GLY GC 3 27.77 -32.00 24.92
C GLY GC 3 27.58 -31.97 26.42
N ALA GC 4 27.55 -30.77 27.00
CA ALA GC 4 27.30 -30.64 28.42
C ALA GC 4 25.92 -31.17 28.79
N LEU GC 5 24.92 -30.91 27.94
CA LEU GC 5 23.58 -31.41 28.22
C LEU GC 5 23.57 -32.93 28.31
N PHE GC 6 24.11 -33.59 27.28
CA PHE GC 6 24.14 -35.06 27.30
C PHE GC 6 25.00 -35.60 28.41
N ARG GC 7 26.09 -34.92 28.75
CA ARG GC 7 26.95 -35.41 29.83
C ARG GC 7 26.23 -35.33 31.17
N ALA GC 8 25.55 -34.21 31.43
CA ALA GC 8 24.76 -34.09 32.64
C ALA GC 8 23.65 -35.14 32.68
N LEU GC 9 23.00 -35.38 31.55
CA LEU GC 9 21.95 -36.39 31.48
C LEU GC 9 22.52 -37.77 31.79
N SER GC 10 23.72 -38.06 31.28
CA SER GC 10 24.40 -39.31 31.61
C SER GC 10 24.65 -39.43 33.10
N ARG GC 11 25.27 -38.42 33.71
CA ARG GC 11 25.58 -38.51 35.13
C ARG GC 11 24.31 -38.66 35.94
N LEU GC 12 23.19 -38.13 35.44
CA LEU GC 12 21.92 -38.29 36.13
C LEU GC 12 21.46 -39.74 36.12
N LEU GC 13 21.29 -40.32 34.94
CA LEU GC 13 20.77 -41.68 34.84
C LEU GC 13 21.74 -42.71 35.40
N PHE HC 1 25.97 -48.81 31.99
CA PHE HC 1 26.00 -48.88 30.54
C PHE HC 1 25.35 -47.67 29.91
N LEU HC 2 24.12 -47.38 30.33
CA LEU HC 2 23.38 -46.26 29.74
C LEU HC 2 24.14 -44.95 29.94
N GLY HC 3 24.69 -44.75 31.13
CA GLY HC 3 25.53 -43.58 31.36
C GLY HC 3 26.71 -43.55 30.40
N ALA HC 4 27.34 -44.70 30.16
CA ALA HC 4 28.42 -44.76 29.18
C ALA HC 4 27.93 -44.40 27.79
N LEU HC 5 26.73 -44.89 27.42
CA LEU HC 5 26.16 -44.56 26.12
C LEU HC 5 26.00 -43.05 25.97
N PHE HC 6 25.39 -42.41 26.96
CA PHE HC 6 25.18 -40.97 26.86
C PHE HC 6 26.49 -40.20 26.92
N ARG HC 7 27.48 -40.68 27.67
CA ARG HC 7 28.78 -40.02 27.68
C ARG HC 7 29.43 -40.09 26.30
N ALA HC 8 29.36 -41.26 25.66
CA ALA HC 8 29.90 -41.38 24.31
C ALA HC 8 29.14 -40.49 23.32
N LEU HC 9 27.82 -40.40 23.46
CA LEU HC 9 27.04 -39.55 22.60
C LEU HC 9 27.42 -38.08 22.78
N SER HC 10 27.60 -37.65 24.02
CA SER HC 10 28.08 -36.30 24.30
C SER HC 10 29.44 -36.07 23.66
N ARG HC 11 30.39 -36.96 23.94
CA ARG HC 11 31.73 -36.84 23.35
C ARG HC 11 31.69 -36.78 21.83
N LEU HC 12 30.69 -37.41 21.22
CA LEU HC 12 30.58 -37.39 19.77
C LEU HC 12 29.90 -36.11 19.28
N LEU HC 13 28.66 -35.89 19.71
CA LEU HC 13 27.87 -34.76 19.24
C LEU HC 13 28.48 -33.44 19.67
N PHE IC 1 35.78 50.48 -22.51
CA PHE IC 1 35.12 50.50 -21.22
C PHE IC 1 34.32 49.24 -20.95
N LEU IC 2 33.32 49.00 -21.79
CA LEU IC 2 32.40 47.88 -21.57
C LEU IC 2 33.15 46.56 -21.46
N GLY IC 3 34.10 46.34 -22.37
CA GLY IC 3 34.94 45.15 -22.27
C GLY IC 3 35.69 45.09 -20.96
N ALA IC 4 36.23 46.23 -20.52
CA ALA IC 4 36.90 46.26 -19.22
C ALA IC 4 35.93 45.96 -18.09
N LEU IC 5 34.70 46.46 -18.19
CA LEU IC 5 33.71 46.17 -17.15
C LEU IC 5 33.46 44.68 -17.05
N PHE IC 6 33.19 44.04 -18.18
CA PHE IC 6 32.91 42.61 -18.16
C PHE IC 6 34.14 41.81 -17.74
N ARG IC 7 35.33 42.25 -18.12
CA ARG IC 7 36.56 41.58 -17.72
C ARG IC 7 36.75 41.66 -16.21
N ALA IC 8 36.52 42.84 -15.64
CA ALA IC 8 36.63 43.00 -14.18
C ALA IC 8 35.59 42.15 -13.47
N LEU IC 9 34.37 42.09 -14.03
CA LEU IC 9 33.33 41.25 -13.44
C LEU IC 9 33.72 39.78 -13.47
N SER IC 10 34.32 39.34 -14.58
CA SER IC 10 34.83 37.97 -14.65
C SER IC 10 35.89 37.71 -13.59
N ARG IC 11 36.91 38.57 -13.51
CA ARG IC 11 37.95 38.37 -12.51
C ARG IC 11 37.37 38.38 -11.11
N LEU IC 12 36.27 39.11 -10.90
CA LEU IC 12 35.62 39.15 -9.61
C LEU IC 12 34.96 37.81 -9.28
N LEU IC 13 34.01 37.39 -10.11
CA LEU IC 13 33.32 36.12 -9.90
C LEU IC 13 34.26 34.94 -10.10
N PHE JC 1 34.71 28.36 -15.07
CA PHE JC 1 33.83 28.36 -16.24
C PHE JC 1 33.15 29.71 -16.40
N LEU JC 2 32.49 30.16 -15.33
CA LEU JC 2 31.78 31.43 -15.37
C LEU JC 2 32.73 32.57 -15.70
N GLY JC 3 33.92 32.56 -15.08
CA GLY JC 3 34.93 33.54 -15.44
C GLY JC 3 35.32 33.47 -16.90
N ALA JC 4 35.45 32.26 -17.44
CA ALA JC 4 35.73 32.11 -18.86
C ALA JC 4 34.60 32.68 -19.71
N LEU JC 5 33.36 32.43 -19.31
CA LEU JC 5 32.22 32.97 -20.03
C LEU JC 5 32.29 34.49 -20.08
N PHE JC 6 32.46 35.12 -18.92
CA PHE JC 6 32.47 36.58 -18.90
C PHE JC 6 33.69 37.15 -19.62
N ARG JC 7 34.84 36.46 -19.57
CA ARG JC 7 35.99 36.91 -20.33
C ARG JC 7 35.72 36.84 -21.83
N ALA JC 8 35.09 35.77 -22.29
CA ALA JC 8 34.74 35.68 -23.71
C ALA JC 8 33.77 36.78 -24.09
N LEU JC 9 32.79 37.06 -23.23
CA LEU JC 9 31.83 38.13 -23.52
C LEU JC 9 32.54 39.49 -23.59
N SER JC 10 33.48 39.72 -22.68
CA SER JC 10 34.28 40.95 -22.73
C SER JC 10 35.05 41.04 -24.03
N ARG JC 11 35.79 39.97 -24.38
CA ARG JC 11 36.55 39.96 -25.61
C ARG JC 11 35.66 40.23 -26.82
N LEU JC 12 34.40 39.78 -26.75
CA LEU JC 12 33.50 39.94 -27.88
C LEU JC 12 32.95 41.36 -27.96
N LEU JC 13 32.28 41.81 -26.90
CA LEU JC 13 31.63 43.12 -26.93
C LEU JC 13 32.63 44.25 -27.04
N PHE KC 1 -26.97 -23.52 30.78
CA PHE KC 1 -27.05 -24.31 29.55
C PHE KC 1 -26.43 -25.68 29.68
N LEU KC 2 -25.11 -25.71 29.91
CA LEU KC 2 -24.39 -26.98 29.94
C LEU KC 2 -24.94 -27.90 31.03
N GLY KC 3 -25.18 -27.35 32.22
CA GLY KC 3 -25.81 -28.12 33.27
C GLY KC 3 -27.15 -28.69 32.85
N ALA KC 4 -27.97 -27.87 32.18
CA ALA KC 4 -29.23 -28.38 31.65
C ALA KC 4 -28.99 -29.47 30.61
N LEU KC 5 -27.93 -29.33 29.80
CA LEU KC 5 -27.64 -30.35 28.81
C LEU KC 5 -27.38 -31.70 29.48
N PHE KC 6 -26.47 -31.71 30.46
CA PHE KC 6 -26.19 -32.96 31.15
C PHE KC 6 -27.39 -33.47 31.93
N ARG KC 7 -28.21 -32.58 32.48
CA ARG KC 7 -29.39 -33.04 33.22
C ARG KC 7 -30.39 -33.72 32.29
N ALA KC 8 -30.65 -33.11 31.13
CA ALA KC 8 -31.55 -33.73 30.17
C ALA KC 8 -30.99 -35.06 29.68
N LEU KC 9 -29.67 -35.10 29.44
CA LEU KC 9 -29.04 -36.34 28.99
C LEU KC 9 -29.16 -37.43 30.05
N SER KC 10 -29.04 -37.05 31.33
CA SER KC 10 -29.32 -37.99 32.40
C SER KC 10 -30.75 -38.51 32.34
N ARG KC 11 -31.72 -37.58 32.28
CA ARG KC 11 -33.12 -38.01 32.27
C ARG KC 11 -33.40 -38.91 31.09
N LEU KC 12 -32.65 -38.77 30.01
CA LEU KC 12 -32.83 -39.63 28.84
C LEU KC 12 -32.36 -41.05 29.12
N LEU KC 13 -31.10 -41.22 29.49
CA LEU KC 13 -30.53 -42.55 29.70
C LEU KC 13 -31.15 -43.25 30.90
N PHE LC 1 -28.22 -45.63 38.09
CA PHE LC 1 -26.82 -45.31 38.39
C PHE LC 1 -26.28 -44.28 37.41
N LEU LC 2 -26.34 -44.61 36.11
CA LEU LC 2 -25.80 -43.74 35.09
C LEU LC 2 -26.52 -42.39 35.12
N GLY LC 3 -27.84 -42.41 35.26
CA GLY LC 3 -28.58 -41.18 35.42
C GLY LC 3 -28.10 -40.37 36.61
N ALA LC 4 -27.82 -41.05 37.73
CA ALA LC 4 -27.26 -40.36 38.88
C ALA LC 4 -25.89 -39.76 38.54
N LEU LC 5 -25.08 -40.49 37.78
CA LEU LC 5 -23.77 -39.99 37.40
C LEU LC 5 -23.91 -38.69 36.62
N PHE LC 6 -24.75 -38.69 35.58
CA PHE LC 6 -24.90 -37.49 34.77
C PHE LC 6 -25.57 -36.36 35.53
N ARG LC 7 -26.48 -36.67 36.47
CA ARG LC 7 -27.05 -35.62 37.31
C ARG LC 7 -25.98 -34.98 38.18
N ALA LC 8 -25.11 -35.79 38.78
CA ALA LC 8 -24.03 -35.24 39.59
C ALA LC 8 -23.08 -34.42 38.74
N LEU LC 9 -22.77 -34.89 37.53
CA LEU LC 9 -21.90 -34.14 36.64
C LEU LC 9 -22.52 -32.79 36.26
N SER LC 10 -23.82 -32.79 35.98
CA SER LC 10 -24.52 -31.53 35.72
C SER LC 10 -24.44 -30.59 36.92
N ARG LC 11 -24.83 -31.10 38.10
CA ARG LC 11 -24.77 -30.30 39.32
C ARG LC 11 -23.37 -29.75 39.57
N LEU LC 12 -22.34 -30.46 39.13
CA LEU LC 12 -20.97 -29.99 39.34
C LEU LC 12 -20.56 -28.99 38.27
N LEU LC 13 -20.61 -29.39 37.01
CA LEU LC 13 -20.06 -28.60 35.92
C LEU LC 13 -20.97 -27.42 35.58
N PHE MC 1 -12.61 47.28 -47.38
CA PHE MC 1 -11.26 46.84 -47.05
C PHE MC 1 -11.23 45.81 -45.94
N LEU MC 2 -11.72 46.20 -44.77
CA LEU MC 2 -11.65 45.33 -43.59
C LEU MC 2 -12.30 43.98 -43.87
N GLY MC 3 -13.48 44.01 -44.48
CA GLY MC 3 -14.13 42.77 -44.86
C GLY MC 3 -13.27 41.94 -45.81
N ALA MC 4 -12.67 42.59 -46.79
CA ALA MC 4 -11.77 41.88 -47.69
C ALA MC 4 -10.56 41.32 -46.94
N LEU MC 5 -10.05 42.07 -45.97
CA LEU MC 5 -8.92 41.58 -45.18
C LEU MC 5 -9.30 40.29 -44.45
N PHE MC 6 -10.43 40.31 -43.74
CA PHE MC 6 -10.84 39.12 -43.00
C PHE MC 6 -11.17 37.96 -43.93
N ARG MC 7 -11.74 38.27 -45.10
CA ARG MC 7 -12.05 37.22 -46.08
C ARG MC 7 -10.76 36.57 -46.60
N ALA MC 8 -9.75 37.39 -46.89
CA ALA MC 8 -8.47 36.85 -47.33
C ALA MC 8 -7.84 36.00 -46.24
N LEU MC 9 -7.91 36.47 -45.00
CA LEU MC 9 -7.36 35.71 -43.89
C LEU MC 9 -8.09 34.39 -43.71
N SER MC 10 -9.40 34.39 -43.94
CA SER MC 10 -10.15 33.15 -43.93
C SER MC 10 -9.65 32.21 -45.02
N ARG MC 11 -9.53 32.70 -46.26
CA ARG MC 11 -9.14 31.79 -47.33
C ARG MC 11 -7.75 31.24 -47.09
N LEU MC 12 -6.88 32.02 -46.44
CA LEU MC 12 -5.52 31.56 -46.19
C LEU MC 12 -5.52 30.45 -45.15
N LEU MC 13 -6.14 30.69 -43.99
CA LEU MC 13 -6.27 29.65 -42.97
C LEU MC 13 -7.22 28.55 -43.41
N PHE NC 1 -14.12 25.01 -40.48
CA PHE NC 1 -14.81 25.72 -39.41
C PHE NC 1 -14.23 27.10 -39.21
N LEU NC 2 -12.92 27.15 -38.98
CA LEU NC 2 -12.25 28.43 -38.75
C LEU NC 2 -12.43 29.36 -39.94
N GLY NC 3 -12.29 28.82 -41.16
CA GLY NC 3 -12.56 29.62 -42.34
C GLY NC 3 -13.98 30.14 -42.37
N ALA NC 4 -14.95 29.32 -41.96
CA ALA NC 4 -16.32 29.79 -41.87
C ALA NC 4 -16.46 30.91 -40.85
N LEU NC 5 -15.77 30.76 -39.71
CA LEU NC 5 -15.79 31.82 -38.69
C LEU NC 5 -15.29 33.13 -39.26
N PHE NC 6 -14.12 33.11 -39.89
CA PHE NC 6 -13.56 34.35 -40.41
C PHE NC 6 -14.38 34.90 -41.57
N ARG NC 7 -14.99 34.04 -42.39
CA ARG NC 7 -15.87 34.53 -43.44
C ARG NC 7 -17.09 35.22 -42.85
N ALA NC 8 -17.67 34.64 -41.79
CA ALA NC 8 -18.81 35.29 -41.15
C ALA NC 8 -18.39 36.63 -40.55
N LEU NC 9 -17.22 36.68 -39.93
CA LEU NC 9 -16.73 37.93 -39.36
C LEU NC 9 -16.53 38.98 -40.45
N SER NC 10 -15.97 38.57 -41.59
CA SER NC 10 -15.84 39.47 -42.73
C SER NC 10 -17.19 39.98 -43.20
N ARG NC 11 -18.13 39.07 -43.42
CA ARG NC 11 -19.46 39.46 -43.88
C ARG NC 11 -20.10 40.42 -42.89
N LEU NC 12 -19.80 40.28 -41.60
CA LEU NC 12 -20.44 41.11 -40.60
C LEU NC 12 -19.79 42.48 -40.52
N LEU NC 13 -18.47 42.52 -40.36
CA LEU NC 13 -17.77 43.79 -40.25
C LEU NC 13 -17.84 44.59 -41.53
N PHE OC 1 -15.33 -42.90 -18.74
CA PHE OC 1 -13.97 -43.19 -18.30
C PHE OC 1 -13.95 -44.24 -17.19
N LEU OC 2 -14.58 -43.90 -16.06
CA LEU OC 2 -14.63 -44.80 -14.92
C LEU OC 2 -15.19 -46.16 -15.33
N GLY OC 3 -16.27 -46.16 -16.11
CA GLY OC 3 -16.81 -47.41 -16.61
C GLY OC 3 -15.80 -48.20 -17.42
N ALA OC 4 -15.07 -47.52 -18.30
CA ALA OC 4 -14.04 -48.20 -19.07
C ALA OC 4 -12.94 -48.73 -18.15
N LEU OC 5 -12.57 -47.96 -17.13
CA LEU OC 5 -11.52 -48.40 -16.21
C LEU OC 5 -11.94 -49.70 -15.52
N PHE OC 6 -13.13 -49.71 -14.92
CA PHE OC 6 -13.58 -50.92 -14.25
C PHE OC 6 -13.78 -52.08 -15.22
N ARG OC 7 -14.23 -51.80 -16.44
CA ARG OC 7 -14.43 -52.88 -17.39
C ARG OC 7 -13.11 -53.51 -17.79
N ALA OC 8 -12.10 -52.69 -18.07
CA ALA OC 8 -10.78 -53.21 -18.38
C ALA OC 8 -10.19 -53.95 -17.20
N LEU OC 9 -10.40 -53.44 -15.99
CA LEU OC 9 -9.91 -54.12 -14.80
C LEU OC 9 -10.57 -55.48 -14.62
N SER OC 10 -11.86 -55.57 -14.93
CA SER OC 10 -12.53 -56.87 -14.94
C SER OC 10 -11.92 -57.81 -15.96
N ARG OC 11 -11.79 -57.33 -17.21
CA ARG OC 11 -11.26 -58.18 -18.26
C ARG OC 11 -9.86 -58.68 -17.90
N LEU OC 12 -9.13 -57.87 -17.13
CA LEU OC 12 -7.78 -58.26 -16.74
C LEU OC 12 -7.80 -59.36 -15.69
N LEU OC 13 -8.51 -59.12 -14.58
CA LEU OC 13 -8.66 -60.13 -13.54
C LEU OC 13 -9.44 -61.34 -14.02
N PHE PC 1 -16.49 -65.08 -11.74
CA PHE PC 1 -17.33 -64.34 -10.81
C PHE PC 1 -16.81 -62.93 -10.57
N LEU PC 2 -15.54 -62.84 -10.19
CA LEU PC 2 -14.96 -61.53 -9.88
C LEU PC 2 -15.00 -60.61 -11.09
N GLY PC 3 -14.68 -61.15 -12.27
CA GLY PC 3 -14.84 -60.37 -13.48
C GLY PC 3 -16.27 -59.93 -13.69
N ALA PC 4 -17.23 -60.81 -13.40
CA ALA PC 4 -18.63 -60.42 -13.48
C ALA PC 4 -18.95 -59.31 -12.49
N LEU PC 5 -18.39 -59.38 -11.28
CA LEU PC 5 -18.60 -58.35 -10.28
C LEU PC 5 -18.13 -57.00 -10.79
N PHE PC 6 -16.88 -56.94 -11.28
CA PHE PC 6 -16.36 -55.68 -11.77
C PHE PC 6 -17.09 -55.19 -13.01
N ARG PC 7 -17.55 -56.10 -13.87
CA ARG PC 7 -18.33 -55.68 -15.03
C ARG PC 7 -19.65 -55.05 -14.60
N ALA PC 8 -20.31 -55.66 -13.60
CA ALA PC 8 -21.54 -55.08 -13.08
C ALA PC 8 -21.29 -53.73 -12.43
N LEU PC 9 -20.17 -53.61 -11.71
CA LEU PC 9 -19.83 -52.34 -11.08
C LEU PC 9 -19.59 -51.26 -12.13
N SER PC 10 -18.88 -51.60 -13.20
CA SER PC 10 -18.69 -50.67 -14.31
C SER PC 10 -20.02 -50.26 -14.92
N ARG PC 11 -20.85 -51.24 -15.26
CA ARG PC 11 -22.17 -50.95 -15.80
C ARG PC 11 -23.01 -50.07 -14.88
N LEU PC 12 -22.78 -50.18 -13.57
CA LEU PC 12 -23.53 -49.39 -12.61
C LEU PC 12 -22.97 -47.98 -12.50
N LEU PC 13 -21.72 -47.86 -12.11
CA LEU PC 13 -21.10 -46.56 -11.88
C LEU PC 13 -20.89 -45.85 -13.21
N PHE QC 1 -19.51 66.54 3.11
CA PHE QC 1 -19.81 65.72 1.94
C PHE QC 1 -19.23 64.33 2.04
N LEU QC 2 -17.90 64.25 2.13
CA LEU QC 2 -17.22 62.96 2.13
C LEU QC 2 -17.73 62.07 3.25
N GLY QC 3 -17.88 62.63 4.45
CA GLY QC 3 -18.45 61.87 5.54
C GLY QC 3 -19.84 61.35 5.21
N ALA QC 4 -20.67 62.22 4.61
CA ALA QC 4 -22.00 61.79 4.20
C ALA QC 4 -21.93 60.71 3.14
N LEU QC 5 -20.98 60.81 2.21
CA LEU QC 5 -20.83 59.78 1.19
C LEU QC 5 -20.53 58.44 1.82
N PHE QC 6 -19.54 58.40 2.71
CA PHE QC 6 -19.18 57.13 3.34
C PHE QC 6 -20.31 56.61 4.22
N ARG QC 7 -21.03 57.51 4.90
CA ARG QC 7 -22.16 57.10 5.73
C ARG QC 7 -23.27 56.48 4.89
N ALA QC 8 -23.60 57.09 3.75
CA ALA QC 8 -24.60 56.54 2.86
C ALA QC 8 -24.14 55.19 2.29
N LEU QC 9 -22.85 55.08 1.96
CA LEU QC 9 -22.32 53.82 1.47
C LEU QC 9 -22.43 52.73 2.51
N SER QC 10 -22.18 53.07 3.78
CA SER QC 10 -22.41 52.12 4.86
C SER QC 10 -23.87 51.69 4.93
N ARG QC 11 -24.78 52.67 4.97
CA ARG QC 11 -26.20 52.33 5.04
C ARG QC 11 -26.63 51.46 3.87
N LEU QC 12 -25.96 51.61 2.72
CA LEU QC 12 -26.24 50.75 1.58
C LEU QC 12 -25.74 49.34 1.81
N LEU QC 13 -24.42 49.19 2.01
CA LEU QC 13 -23.83 47.87 2.17
C LEU QC 13 -24.25 47.22 3.48
N PHE RC 1 -20.99 44.54 10.52
CA PHE RC 1 -19.56 44.76 10.69
C PHE RC 1 -19.06 45.75 9.65
N LEU RC 2 -19.29 45.43 8.38
CA LEU RC 2 -18.89 46.31 7.29
C LEU RC 2 -19.56 47.68 7.41
N GLY RC 3 -20.85 47.68 7.75
CA GLY RC 3 -21.52 48.95 8.00
C GLY RC 3 -20.86 49.74 9.11
N ALA RC 4 -20.46 49.05 10.18
CA ALA RC 4 -19.73 49.72 11.25
C ALA RC 4 -18.39 50.25 10.76
N LEU RC 5 -17.69 49.49 9.93
CA LEU RC 5 -16.43 49.95 9.38
C LEU RC 5 -16.61 51.25 8.62
N PHE RC 6 -17.55 51.27 7.68
CA PHE RC 6 -17.74 52.45 6.85
C PHE RC 6 -18.28 53.62 7.66
N ARG RC 7 -19.10 53.37 8.68
CA ARG RC 7 -19.55 54.45 9.55
C ARG RC 7 -18.39 55.06 10.34
N ALA RC 8 -17.50 54.21 10.85
CA ALA RC 8 -16.32 54.73 11.54
C ALA RC 8 -15.46 55.55 10.60
N LEU RC 9 -15.27 55.06 9.38
CA LEU RC 9 -14.51 55.82 8.39
C LEU RC 9 -15.15 57.17 8.11
N SER RC 10 -16.49 57.18 7.97
CA SER RC 10 -17.20 58.44 7.80
C SER RC 10 -16.93 59.40 8.95
N ARG RC 11 -17.15 58.93 10.18
CA ARG RC 11 -17.00 59.82 11.34
C ARG RC 11 -15.55 60.30 11.47
N LEU RC 12 -14.59 59.54 10.95
CA LEU RC 12 -13.21 59.98 10.97
C LEU RC 12 -12.93 61.02 9.89
N LEU RC 13 -13.13 60.66 8.62
CA LEU RC 13 -12.75 61.53 7.52
C LEU RC 13 -13.58 62.80 7.50
N PHE SC 1 31.08 -38.36 9.96
CA PHE SC 1 30.27 -38.25 11.17
C PHE SC 1 29.46 -39.51 11.42
N LEU SC 2 28.58 -39.84 10.46
CA LEU SC 2 27.72 -41.01 10.60
C LEU SC 2 28.55 -42.27 10.81
N GLY SC 3 29.63 -42.42 10.03
CA GLY SC 3 30.52 -43.54 10.24
C GLY SC 3 31.09 -43.59 11.64
N ALA SC 4 31.52 -42.43 12.15
CA ALA SC 4 32.02 -42.37 13.52
C ALA SC 4 30.92 -42.71 14.52
N LEU SC 5 29.70 -42.24 14.27
CA LEU SC 5 28.60 -42.54 15.18
C LEU SC 5 28.37 -44.05 15.26
N PHE SC 6 28.21 -44.71 14.11
CA PHE SC 6 27.99 -46.15 14.13
C PHE SC 6 29.18 -46.90 14.67
N ARG SC 7 30.40 -46.41 14.43
CA ARG SC 7 31.59 -47.09 14.93
C ARG SC 7 31.66 -47.02 16.45
N ALA SC 8 31.37 -45.84 17.01
CA ALA SC 8 31.33 -45.72 18.47
C ALA SC 8 30.23 -46.58 19.05
N LEU SC 9 29.07 -46.61 18.40
CA LEU SC 9 27.97 -47.44 18.88
C LEU SC 9 28.35 -48.92 18.85
N SER SC 10 29.07 -49.33 17.80
CA SER SC 10 29.60 -50.69 17.73
C SER SC 10 30.51 -51.00 18.91
N ARG SC 11 31.51 -50.13 19.15
CA ARG SC 11 32.42 -50.39 20.25
C ARG SC 11 31.68 -50.42 21.58
N LEU SC 12 30.57 -49.68 21.68
CA LEU SC 12 29.79 -49.67 22.91
C LEU SC 12 29.14 -51.02 23.17
N LEU SC 13 28.33 -51.49 22.22
CA LEU SC 13 27.60 -52.75 22.42
C LEU SC 13 28.54 -53.95 22.48
N PHE TC 1 29.47 -60.31 17.54
CA PHE TC 1 28.78 -60.30 16.25
C PHE TC 1 28.10 -58.97 15.99
N LEU TC 2 27.30 -58.52 16.97
CA LEU TC 2 26.58 -57.26 16.82
C LEU TC 2 27.56 -56.11 16.61
N GLY TC 3 28.65 -56.11 17.37
CA GLY TC 3 29.70 -55.13 17.12
C GLY TC 3 30.24 -55.20 15.71
N ALA TC 4 30.43 -56.41 15.20
CA ALA TC 4 30.89 -56.56 13.82
C ALA TC 4 29.87 -56.00 12.84
N LEU TC 5 28.58 -56.26 13.09
CA LEU TC 5 27.53 -55.77 12.21
C LEU TC 5 27.54 -54.25 12.16
N PHE TC 6 27.55 -53.61 13.32
CA PHE TC 6 27.56 -52.15 13.33
C PHE TC 6 28.86 -51.59 12.77
N ARG TC 7 29.99 -52.26 12.97
CA ARG TC 7 31.25 -51.81 12.39
C ARG TC 7 31.18 -51.85 10.87
N ALA TC 8 30.64 -52.94 10.31
CA ALA TC 8 30.48 -53.04 8.86
C ALA TC 8 29.50 -51.99 8.35
N LEU TC 9 28.42 -51.73 9.10
CA LEU TC 9 27.47 -50.71 8.69
C LEU TC 9 28.11 -49.34 8.66
N SER TC 10 28.93 -49.03 9.67
CA SER TC 10 29.71 -47.79 9.65
C SER TC 10 30.61 -47.73 8.43
N ARG TC 11 31.39 -48.79 8.20
CA ARG TC 11 32.28 -48.85 7.05
C ARG TC 11 31.52 -48.67 5.73
N LEU TC 12 30.24 -49.07 5.71
CA LEU TC 12 29.45 -48.95 4.49
C LEU TC 12 28.87 -47.55 4.34
N LEU TC 13 28.05 -47.13 5.29
CA LEU TC 13 27.37 -45.85 5.20
C LEU TC 13 28.35 -44.69 5.29
N PHE UC 1 33.85 62.02 -7.63
CA PHE UC 1 32.63 61.91 -6.84
C PHE UC 1 32.01 60.52 -6.91
N LEU UC 2 31.63 60.12 -8.12
CA LEU UC 2 30.94 58.84 -8.30
C LEU UC 2 31.75 57.69 -7.73
N GLY UC 3 33.05 57.66 -8.05
CA GLY UC 3 33.91 56.64 -7.48
C GLY UC 3 33.91 56.67 -5.97
N ALA UC 4 33.98 57.87 -5.39
CA ALA UC 4 33.92 58.00 -3.94
C ALA UC 4 32.57 57.53 -3.40
N LEU UC 5 31.49 57.82 -4.12
CA LEU UC 5 30.17 57.36 -3.69
C LEU UC 5 30.13 55.85 -3.62
N PHE UC 6 30.56 55.18 -4.70
CA PHE UC 6 30.50 53.72 -4.71
C PHE UC 6 31.46 53.13 -3.70
N ARG UC 7 32.61 53.77 -3.48
CA ARG UC 7 33.56 53.30 -2.47
C ARG UC 7 32.97 53.40 -1.07
N ALA UC 8 32.31 54.51 -0.75
CA ALA UC 8 31.66 54.65 0.53
C ALA UC 8 30.54 53.63 0.69
N LEU UC 9 29.78 53.40 -0.38
CA LEU UC 9 28.71 52.40 -0.32
C LEU UC 9 29.26 51.01 -0.06
N SER UC 10 30.42 50.69 -0.66
CA SER UC 10 31.10 49.44 -0.33
C SER UC 10 31.49 49.39 1.14
N ARG UC 11 32.16 50.44 1.63
CA ARG UC 11 32.62 50.42 3.02
C ARG UC 11 31.44 50.29 3.97
N LEU UC 12 30.27 50.79 3.58
CA LEU UC 12 29.07 50.60 4.39
C LEU UC 12 28.59 49.15 4.30
N LEU UC 13 28.25 48.70 3.10
CA LEU UC 13 27.69 47.36 2.92
C LEU UC 13 28.72 46.27 3.18
N PHE VC 1 32.84 39.99 -0.20
CA PHE VC 1 32.60 39.82 -1.63
C PHE VC 1 31.88 41.02 -2.19
N LEU VC 2 30.72 41.34 -1.62
CA LEU VC 2 29.94 42.48 -2.08
C LEU VC 2 30.72 43.78 -1.95
N GLY VC 3 31.40 43.96 -0.81
CA GLY VC 3 32.27 45.12 -0.67
C GLY VC 3 33.34 45.16 -1.74
N ALA VC 4 33.94 44.00 -2.05
CA ALA VC 4 34.92 43.95 -3.12
C ALA VC 4 34.30 44.31 -4.47
N LEU VC 5 33.07 43.84 -4.71
CA LEU VC 5 32.40 44.14 -5.97
C LEU VC 5 32.19 45.63 -6.12
N PHE VC 6 31.64 46.27 -5.08
CA PHE VC 6 31.42 47.72 -5.16
C PHE VC 6 32.73 48.48 -5.24
N ARG VC 7 33.79 48.00 -4.59
CA ARG VC 7 35.09 48.68 -4.71
C ARG VC 7 35.62 48.59 -6.13
N ALA VC 8 35.49 47.42 -6.77
CA ALA VC 8 35.91 47.28 -8.16
C ALA VC 8 35.11 48.21 -9.05
N LEU VC 9 33.80 48.26 -8.85
CA LEU VC 9 32.96 49.17 -9.63
C LEU VC 9 33.39 50.60 -9.42
N SER VC 10 33.68 50.98 -8.18
CA SER VC 10 34.19 52.32 -7.90
C SER VC 10 35.45 52.61 -8.69
N ARG VC 11 36.45 51.73 -8.60
CA ARG VC 11 37.73 51.99 -9.27
C ARG VC 11 37.53 52.08 -10.78
N LEU VC 12 36.53 51.38 -11.31
CA LEU VC 12 36.27 51.42 -12.74
C LEU VC 12 35.62 52.75 -13.16
N LEU VC 13 34.44 53.04 -12.60
CA LEU VC 13 33.71 54.23 -13.02
C LEU VC 13 34.45 55.50 -12.65
N PHE WC 1 -11.93 -27.32 42.02
CA PHE WC 1 -12.80 -27.95 41.01
C PHE WC 1 -12.47 -29.43 40.83
N LEU WC 2 -11.24 -29.70 40.39
CA LEU WC 2 -10.80 -31.07 40.19
C LEU WC 2 -10.99 -31.90 41.45
N GLY WC 3 -10.61 -31.36 42.59
CA GLY WC 3 -10.83 -32.06 43.84
C GLY WC 3 -12.30 -32.36 44.08
N ALA WC 4 -13.16 -31.38 43.83
CA ALA WC 4 -14.60 -31.61 43.98
C ALA WC 4 -15.09 -32.68 43.02
N LEU WC 5 -14.59 -32.66 41.78
CA LEU WC 5 -14.99 -33.66 40.79
C LEU WC 5 -14.62 -35.06 41.26
N PHE WC 6 -13.38 -35.26 41.65
CA PHE WC 6 -12.96 -36.58 42.11
C PHE WC 6 -13.69 -36.99 43.38
N ARG WC 7 -13.96 -36.06 44.28
CA ARG WC 7 -14.69 -36.40 45.50
C ARG WC 7 -16.11 -36.83 45.18
N ALA WC 8 -16.77 -36.14 44.26
CA ALA WC 8 -18.11 -36.54 43.84
C ALA WC 8 -18.08 -37.91 43.17
N LEU WC 9 -17.05 -38.17 42.36
CA LEU WC 9 -16.92 -39.48 41.73
C LEU WC 9 -16.76 -40.57 42.79
N SER WC 10 -15.97 -40.30 43.83
CA SER WC 10 -15.83 -41.25 44.92
C SER WC 10 -17.16 -41.50 45.61
N ARG WC 11 -17.84 -40.43 46.02
CA ARG WC 11 -19.15 -40.57 46.67
C ARG WC 11 -20.10 -41.36 45.78
N LEU WC 12 -19.93 -41.24 44.46
CA LEU WC 12 -20.79 -41.93 43.53
C LEU WC 12 -20.50 -43.42 43.50
N LEU WC 13 -19.27 -43.80 43.17
CA LEU WC 13 -18.91 -45.20 43.03
C LEU WC 13 -18.92 -45.92 44.36
N PHE XC 1 -13.37 -49.36 49.31
CA PHE XC 1 -11.97 -49.17 48.95
C PHE XC 1 -11.83 -48.21 47.79
N LEU XC 2 -12.55 -48.48 46.70
CA LEU XC 2 -12.44 -47.64 45.51
C LEU XC 2 -12.84 -46.20 45.83
N GLY XC 3 -13.93 -46.03 46.58
CA GLY XC 3 -14.28 -44.70 47.05
C GLY XC 3 -13.18 -44.07 47.87
N ALA XC 4 -12.53 -44.86 48.73
CA ALA XC 4 -11.40 -44.33 49.49
C ALA XC 4 -10.27 -43.90 48.58
N LEU XC 5 -10.00 -44.68 47.53
CA LEU XC 5 -8.93 -44.35 46.61
C LEU XC 5 -9.21 -43.02 45.91
N PHE XC 6 -10.44 -42.86 45.38
CA PHE XC 6 -10.78 -41.59 44.75
C PHE XC 6 -10.79 -40.43 45.74
N ARG XC 7 -11.19 -40.67 46.99
CA ARG XC 7 -11.11 -39.60 47.98
C ARG XC 7 -9.67 -39.18 48.23
N ALA XC 8 -8.77 -40.14 48.34
CA ALA XC 8 -7.35 -39.82 48.52
C ALA XC 8 -6.81 -39.08 47.30
N LEU XC 9 -7.21 -39.51 46.10
CA LEU XC 9 -6.75 -38.84 44.88
C LEU XC 9 -7.25 -37.41 44.83
N SER XC 10 -8.51 -37.18 45.20
CA SER XC 10 -9.04 -35.82 45.28
C SER XC 10 -8.26 -34.99 46.29
N ARG XC 11 -8.09 -35.52 47.50
CA ARG XC 11 -7.31 -34.83 48.53
C ARG XC 11 -5.90 -34.52 48.05
N LEU XC 12 -5.36 -35.33 47.15
CA LEU XC 12 -4.01 -35.11 46.66
C LEU XC 12 -4.00 -34.07 45.54
N LEU XC 13 -4.70 -34.35 44.45
CA LEU XC 13 -4.72 -33.45 43.30
C LEU XC 13 -5.34 -32.11 43.65
#